data_2JVU
#
_entry.id   2JVU
#
_entity_poly.entity_id   1
_entity_poly.type   'polypeptide(L)'
_entity_poly.pdbx_seq_one_letter_code
;GGSGWNADNVDPSQCIKQSGVQYTYNSGVSVCMQGLNEGKVRGVSVSGVFYYNDGTTSNFKGVVTPSTPVNTNQDINKTN
KVGVQKYRALTEWVGSRSHHHHHH
;
_entity_poly.pdbx_strand_id   A
#
# COMPACT_ATOMS: atom_id res chain seq x y z
N GLY A 1 3.95 -1.04 -30.65
CA GLY A 1 2.96 0.12 -30.47
C GLY A 1 2.37 0.38 -29.12
N GLY A 2 2.09 1.62 -28.83
CA GLY A 2 1.50 1.95 -27.50
C GLY A 2 0.06 1.48 -27.45
N SER A 3 -0.37 0.91 -26.35
CA SER A 3 -1.78 0.42 -26.25
C SER A 3 -2.65 1.53 -25.66
N GLY A 4 -2.07 2.64 -25.30
CA GLY A 4 -2.86 3.78 -24.72
C GLY A 4 -2.56 3.90 -23.22
N TRP A 5 -3.51 3.57 -22.39
CA TRP A 5 -3.29 3.68 -20.92
C TRP A 5 -2.16 2.75 -20.49
N ASN A 6 -1.31 3.27 -19.64
CA ASN A 6 -0.20 2.46 -19.09
C ASN A 6 -0.19 2.67 -17.57
N ALA A 7 -0.27 1.62 -16.82
CA ALA A 7 -0.26 1.77 -15.33
C ALA A 7 1.00 2.52 -14.91
N ASP A 8 1.85 2.81 -15.85
CA ASP A 8 3.11 3.54 -15.53
C ASP A 8 2.85 5.04 -15.38
N ASN A 9 1.78 5.54 -15.95
CA ASN A 9 1.50 7.00 -15.83
C ASN A 9 0.68 7.26 -14.57
N VAL A 10 0.38 6.23 -13.82
CA VAL A 10 -0.42 6.41 -12.57
C VAL A 10 0.47 6.09 -11.36
N ASP A 11 0.53 6.98 -10.42
CA ASP A 11 1.36 6.71 -9.20
C ASP A 11 0.55 5.78 -8.29
N PRO A 12 1.11 4.70 -7.79
CA PRO A 12 0.37 3.75 -6.92
C PRO A 12 0.17 4.33 -5.51
N SER A 13 0.84 5.40 -5.20
CA SER A 13 0.68 6.01 -3.84
C SER A 13 -0.71 6.62 -3.71
N GLN A 14 -1.28 7.06 -4.80
CA GLN A 14 -2.65 7.68 -4.74
C GLN A 14 -3.71 6.59 -4.92
N CYS A 15 -3.34 5.47 -5.47
CA CYS A 15 -4.34 4.38 -5.69
C CYS A 15 -4.81 3.84 -4.34
N ILE A 16 -3.95 3.82 -3.35
CA ILE A 16 -4.33 3.32 -1.99
C ILE A 16 -4.15 4.45 -0.99
N LYS A 17 -5.13 4.67 -0.15
CA LYS A 17 -5.03 5.77 0.86
C LYS A 17 -5.00 5.15 2.26
N GLN A 18 -4.23 5.73 3.15
CA GLN A 18 -4.13 5.17 4.52
C GLN A 18 -5.10 5.91 5.46
N SER A 19 -5.92 5.18 6.16
CA SER A 19 -6.88 5.81 7.11
C SER A 19 -6.53 5.34 8.51
N GLY A 20 -6.28 6.24 9.43
CA GLY A 20 -5.90 5.81 10.79
C GLY A 20 -4.73 4.83 10.70
N VAL A 21 -5.00 3.55 10.86
CA VAL A 21 -3.91 2.52 10.78
C VAL A 21 -4.34 1.42 9.82
N GLN A 22 -5.12 1.75 8.84
CA GLN A 22 -5.60 0.71 7.88
C GLN A 22 -5.35 1.15 6.43
N TYR A 23 -5.21 0.20 5.53
CA TYR A 23 -4.99 0.52 4.09
C TYR A 23 -6.21 0.02 3.32
N THR A 24 -6.72 0.79 2.39
CA THR A 24 -7.91 0.35 1.61
C THR A 24 -7.69 0.67 0.12
N TYR A 25 -8.17 -0.17 -0.74
CA TYR A 25 -8.01 0.05 -2.19
C TYR A 25 -9.05 1.07 -2.65
N ASN A 26 -8.64 2.14 -3.26
CA ASN A 26 -9.61 3.18 -3.71
C ASN A 26 -10.23 2.79 -5.06
N SER A 27 -11.28 2.02 -5.05
CA SER A 27 -11.92 1.62 -6.33
C SER A 27 -12.79 2.77 -6.83
N GLY A 28 -13.06 3.73 -5.99
CA GLY A 28 -13.90 4.88 -6.43
C GLY A 28 -13.17 5.67 -7.51
N VAL A 29 -11.95 5.29 -7.81
CA VAL A 29 -11.16 5.99 -8.87
C VAL A 29 -11.19 5.12 -10.13
N SER A 30 -11.58 5.67 -11.24
CA SER A 30 -11.66 4.86 -12.50
C SER A 30 -10.29 4.28 -12.86
N VAL A 31 -9.23 5.03 -12.70
CA VAL A 31 -7.88 4.51 -13.08
C VAL A 31 -7.54 3.25 -12.26
N CYS A 32 -7.80 3.28 -10.98
CA CYS A 32 -7.46 2.09 -10.15
C CYS A 32 -8.22 0.86 -10.63
N MET A 33 -9.48 0.99 -10.95
CA MET A 33 -10.24 -0.21 -11.42
C MET A 33 -10.00 -0.38 -12.93
N GLN A 34 -9.45 0.60 -13.57
CA GLN A 34 -9.18 0.47 -15.03
C GLN A 34 -8.24 -0.71 -15.25
N GLY A 35 -7.18 -0.78 -14.49
CA GLY A 35 -6.21 -1.90 -14.63
C GLY A 35 -6.81 -3.16 -14.01
N LEU A 36 -7.38 -3.06 -12.84
CA LEU A 36 -7.96 -4.26 -12.18
C LEU A 36 -9.06 -4.85 -13.07
N ASN A 37 -9.86 -4.01 -13.69
CA ASN A 37 -10.95 -4.51 -14.56
C ASN A 37 -10.37 -5.22 -15.79
N GLU A 38 -9.32 -4.69 -16.35
CA GLU A 38 -8.73 -5.34 -17.56
C GLU A 38 -7.94 -6.58 -17.17
N GLY A 39 -7.80 -6.83 -15.89
CA GLY A 39 -7.05 -8.03 -15.46
C GLY A 39 -5.56 -7.84 -15.75
N LYS A 40 -5.10 -6.62 -15.78
CA LYS A 40 -3.66 -6.34 -16.04
C LYS A 40 -3.02 -6.05 -14.69
N VAL A 41 -3.86 -5.98 -13.68
CA VAL A 41 -3.38 -5.69 -12.32
C VAL A 41 -4.06 -6.65 -11.34
N ARG A 42 -3.48 -6.82 -10.20
CA ARG A 42 -4.08 -7.73 -9.15
C ARG A 42 -4.30 -6.91 -7.89
N GLY A 43 -3.85 -5.69 -7.91
CA GLY A 43 -4.01 -4.79 -6.71
C GLY A 43 -2.70 -4.02 -6.51
N VAL A 44 -2.51 -3.41 -5.37
CA VAL A 44 -1.25 -2.65 -5.10
C VAL A 44 -0.53 -3.24 -3.90
N SER A 45 0.74 -3.53 -4.03
CA SER A 45 1.49 -4.09 -2.88
C SER A 45 1.94 -2.94 -1.98
N VAL A 46 1.75 -3.07 -0.69
CA VAL A 46 2.16 -1.98 0.25
C VAL A 46 2.99 -2.59 1.38
N SER A 47 4.08 -1.94 1.70
CA SER A 47 4.97 -2.43 2.80
C SER A 47 5.16 -1.31 3.80
N GLY A 48 5.29 -1.64 5.05
CA GLY A 48 5.47 -0.58 6.11
C GLY A 48 6.52 -1.00 7.11
N VAL A 49 7.34 -0.08 7.54
CA VAL A 49 8.40 -0.41 8.56
C VAL A 49 8.28 0.56 9.73
N PHE A 50 8.26 0.03 10.92
CA PHE A 50 8.17 0.91 12.13
C PHE A 50 9.56 1.02 12.74
N TYR A 51 10.11 2.20 12.78
CA TYR A 51 11.49 2.38 13.35
C TYR A 51 11.36 2.72 14.84
N TYR A 52 11.97 1.92 15.68
CA TYR A 52 11.90 2.18 17.16
C TYR A 52 13.22 2.76 17.64
N ASN A 53 13.16 3.76 18.47
CA ASN A 53 14.39 4.38 19.01
C ASN A 53 15.22 3.31 19.71
N ASP A 54 14.63 2.17 19.92
CA ASP A 54 15.36 1.07 20.60
C ASP A 54 16.36 0.45 19.61
N GLY A 55 16.45 1.01 18.43
CA GLY A 55 17.41 0.48 17.42
C GLY A 55 16.86 -0.79 16.78
N THR A 56 15.56 -1.00 16.84
CA THR A 56 14.95 -2.23 16.23
C THR A 56 13.95 -1.84 15.16
N THR A 57 13.83 -2.65 14.13
CA THR A 57 12.86 -2.34 13.02
C THR A 57 12.00 -3.56 12.73
N SER A 58 10.75 -3.34 12.45
CA SER A 58 9.82 -4.45 12.11
C SER A 58 9.34 -4.20 10.70
N ASN A 59 9.20 -5.22 9.88
CA ASN A 59 8.75 -4.99 8.47
C ASN A 59 7.59 -5.93 8.14
N PHE A 60 6.44 -5.38 7.85
CA PHE A 60 5.24 -6.22 7.49
C PHE A 60 4.85 -5.89 6.06
N LYS A 61 4.80 -6.88 5.23
CA LYS A 61 4.42 -6.68 3.80
C LYS A 61 3.09 -7.39 3.56
N GLY A 62 2.29 -6.84 2.71
CA GLY A 62 0.98 -7.46 2.41
C GLY A 62 0.41 -6.86 1.12
N VAL A 63 -0.62 -7.44 0.57
CA VAL A 63 -1.22 -6.91 -0.70
C VAL A 63 -2.59 -6.31 -0.40
N VAL A 64 -2.81 -5.09 -0.80
CA VAL A 64 -4.12 -4.43 -0.55
C VAL A 64 -5.08 -4.72 -1.70
N THR A 65 -6.17 -5.37 -1.40
CA THR A 65 -7.20 -5.67 -2.43
C THR A 65 -8.54 -5.18 -1.88
N PRO A 66 -9.47 -4.77 -2.70
CA PRO A 66 -10.79 -4.28 -2.21
C PRO A 66 -11.43 -5.27 -1.24
N SER A 67 -10.96 -6.50 -1.23
CA SER A 67 -11.54 -7.54 -0.31
C SER A 67 -10.58 -7.87 0.82
N THR A 68 -9.33 -7.45 0.73
CA THR A 68 -8.34 -7.76 1.83
C THR A 68 -7.55 -6.49 2.22
N PRO A 69 -7.82 -5.90 3.36
CA PRO A 69 -7.09 -4.70 3.83
C PRO A 69 -5.82 -5.07 4.63
N VAL A 70 -4.90 -4.14 4.79
CA VAL A 70 -3.65 -4.42 5.57
C VAL A 70 -3.59 -3.46 6.75
N ASN A 71 -3.39 -3.96 7.95
CA ASN A 71 -3.35 -3.07 9.16
C ASN A 71 -1.92 -2.87 9.65
N THR A 72 -1.49 -1.64 9.86
CA THR A 72 -0.11 -1.40 10.39
C THR A 72 -0.20 -1.37 11.92
N ASN A 73 -1.39 -1.56 12.44
CA ASN A 73 -1.57 -1.53 13.91
C ASN A 73 -0.88 -2.74 14.53
N GLN A 74 0.40 -2.83 14.34
CA GLN A 74 1.15 -3.99 14.91
C GLN A 74 1.17 -3.87 16.44
N ASP A 75 2.29 -3.51 17.02
CA ASP A 75 2.37 -3.37 18.51
C ASP A 75 2.35 -1.89 18.90
N ILE A 76 1.21 -1.35 19.20
CA ILE A 76 1.13 0.08 19.60
C ILE A 76 1.68 0.25 21.02
N ASN A 77 1.54 -0.75 21.85
CA ASN A 77 2.05 -0.60 23.23
C ASN A 77 3.55 -0.33 23.17
N LYS A 78 4.25 -1.03 22.32
CA LYS A 78 5.72 -0.79 22.19
C LYS A 78 5.93 0.61 21.63
N THR A 79 5.15 1.00 20.67
CA THR A 79 5.31 2.35 20.05
C THR A 79 4.87 3.44 21.05
N ASN A 80 3.80 3.25 21.75
CA ASN A 80 3.38 4.29 22.73
C ASN A 80 4.45 4.42 23.82
N LYS A 81 5.10 3.34 24.15
CA LYS A 81 6.14 3.38 25.21
C LYS A 81 7.37 4.15 24.73
N VAL A 82 7.85 3.86 23.54
CA VAL A 82 9.09 4.53 23.03
C VAL A 82 8.77 5.47 21.84
N GLY A 83 7.74 5.20 21.08
CA GLY A 83 7.40 6.09 19.93
C GLY A 83 8.13 5.64 18.68
N VAL A 84 7.75 6.21 17.57
CA VAL A 84 8.38 5.86 16.26
C VAL A 84 9.11 7.09 15.71
N GLN A 85 10.34 6.95 15.33
CA GLN A 85 11.09 8.13 14.78
C GLN A 85 10.71 8.37 13.33
N LYS A 86 11.08 7.47 12.45
CA LYS A 86 10.76 7.64 10.98
C LYS A 86 9.83 6.53 10.49
N TYR A 87 8.88 6.88 9.66
CA TYR A 87 7.93 5.88 9.09
C TYR A 87 8.08 5.88 7.57
N ARG A 88 8.20 4.72 6.95
CA ARG A 88 8.37 4.68 5.45
C ARG A 88 7.40 3.67 4.83
N ALA A 89 6.73 4.06 3.78
CA ALA A 89 5.77 3.15 3.07
C ALA A 89 6.15 3.04 1.60
N LEU A 90 6.12 1.85 1.05
CA LEU A 90 6.47 1.65 -0.40
C LEU A 90 5.24 1.12 -1.14
N THR A 91 4.94 1.70 -2.27
CA THR A 91 3.74 1.25 -3.06
C THR A 91 4.12 0.97 -4.52
N GLU A 92 3.87 -0.24 -4.96
CA GLU A 92 4.20 -0.63 -6.38
C GLU A 92 2.99 -1.35 -7.02
N TRP A 93 2.86 -1.28 -8.31
CA TRP A 93 1.72 -1.97 -8.98
C TRP A 93 1.95 -3.49 -8.92
N VAL A 94 0.90 -4.25 -8.67
CA VAL A 94 1.03 -5.75 -8.60
C VAL A 94 0.30 -6.38 -9.77
N GLY A 95 1.02 -7.12 -10.59
CA GLY A 95 0.39 -7.79 -11.76
C GLY A 95 1.39 -7.83 -12.91
N SER A 96 1.02 -7.30 -14.05
CA SER A 96 1.95 -7.29 -15.22
C SER A 96 3.23 -6.52 -14.87
N ARG A 97 4.36 -7.00 -15.30
CA ARG A 97 5.64 -6.29 -15.00
C ARG A 97 5.59 -4.90 -15.62
N SER A 98 6.01 -3.90 -14.90
CA SER A 98 6.00 -2.51 -15.45
C SER A 98 4.62 -2.21 -16.04
N GLY A 1 -7.87 10.56 -31.18
CA GLY A 1 -6.97 9.47 -30.59
C GLY A 1 -7.57 8.41 -29.74
N GLY A 2 -6.99 7.23 -29.74
CA GLY A 2 -7.54 6.13 -28.91
C GLY A 2 -6.95 6.19 -27.50
N SER A 3 -7.58 5.54 -26.55
CA SER A 3 -7.06 5.56 -25.15
C SER A 3 -5.88 4.60 -25.04
N GLY A 4 -4.86 4.96 -24.28
CA GLY A 4 -3.67 4.07 -24.11
C GLY A 4 -3.25 4.02 -22.64
N TRP A 5 -4.10 3.50 -21.80
CA TRP A 5 -3.75 3.41 -20.35
C TRP A 5 -2.76 2.28 -20.15
N ASN A 6 -1.65 2.55 -19.50
CA ASN A 6 -0.63 1.49 -19.26
C ASN A 6 -0.16 1.53 -17.81
N ALA A 7 -0.92 2.15 -16.96
CA ALA A 7 -0.53 2.24 -15.52
C ALA A 7 0.84 2.91 -15.41
N ASP A 8 1.30 3.53 -16.47
CA ASP A 8 2.63 4.20 -16.43
C ASP A 8 2.45 5.67 -16.04
N ASN A 9 1.31 6.24 -16.33
CA ASN A 9 1.06 7.67 -16.00
C ASN A 9 0.33 7.78 -14.66
N VAL A 10 0.12 6.67 -14.00
CA VAL A 10 -0.60 6.70 -12.68
C VAL A 10 0.37 6.36 -11.55
N ASP A 11 0.34 7.11 -10.49
CA ASP A 11 1.24 6.83 -9.34
C ASP A 11 0.50 5.89 -8.38
N PRO A 12 1.11 4.81 -7.93
CA PRO A 12 0.44 3.85 -7.00
C PRO A 12 0.33 4.42 -5.58
N SER A 13 1.06 5.46 -5.31
CA SER A 13 1.01 6.07 -3.95
C SER A 13 -0.36 6.69 -3.69
N GLN A 14 -0.97 7.24 -4.71
CA GLN A 14 -2.31 7.88 -4.52
C GLN A 14 -3.42 6.86 -4.77
N CYS A 15 -3.10 5.72 -5.31
CA CYS A 15 -4.15 4.70 -5.57
C CYS A 15 -4.63 4.15 -4.22
N ILE A 16 -3.75 4.15 -3.25
CA ILE A 16 -4.13 3.66 -1.89
C ILE A 16 -3.91 4.80 -0.88
N LYS A 17 -4.74 4.88 0.13
CA LYS A 17 -4.60 5.98 1.13
C LYS A 17 -4.54 5.40 2.54
N GLN A 18 -3.92 6.10 3.45
CA GLN A 18 -3.81 5.59 4.86
C GLN A 18 -4.93 6.20 5.72
N SER A 19 -5.77 5.36 6.28
CA SER A 19 -6.88 5.86 7.15
C SER A 19 -6.59 5.47 8.59
N GLY A 20 -6.37 6.43 9.44
CA GLY A 20 -6.07 6.08 10.86
C GLY A 20 -4.86 5.15 10.91
N VAL A 21 -5.07 3.91 11.27
CA VAL A 21 -3.93 2.93 11.35
C VAL A 21 -4.17 1.78 10.35
N GLN A 22 -4.98 1.99 9.36
CA GLN A 22 -5.29 0.90 8.37
C GLN A 22 -5.06 1.37 6.92
N TYR A 23 -4.90 0.44 6.02
CA TYR A 23 -4.70 0.77 4.58
C TYR A 23 -5.95 0.34 3.80
N THR A 24 -6.45 1.17 2.93
CA THR A 24 -7.67 0.80 2.14
C THR A 24 -7.41 1.14 0.66
N TYR A 25 -7.94 0.35 -0.22
CA TYR A 25 -7.72 0.62 -1.68
C TYR A 25 -8.75 1.66 -2.14
N ASN A 26 -8.30 2.72 -2.76
CA ASN A 26 -9.26 3.75 -3.25
C ASN A 26 -9.80 3.34 -4.62
N SER A 27 -10.77 2.46 -4.64
CA SER A 27 -11.36 2.02 -5.94
C SER A 27 -12.42 3.02 -6.39
N GLY A 28 -12.75 3.95 -5.55
CA GLY A 28 -13.79 4.96 -5.92
C GLY A 28 -13.40 5.65 -7.24
N VAL A 29 -12.26 5.32 -7.79
CA VAL A 29 -11.83 5.94 -9.09
C VAL A 29 -11.93 4.88 -10.19
N SER A 30 -12.54 5.22 -11.29
CA SER A 30 -12.72 4.23 -12.39
C SER A 30 -11.36 3.79 -12.97
N VAL A 31 -10.37 4.64 -12.93
CA VAL A 31 -9.05 4.25 -13.50
C VAL A 31 -8.49 3.03 -12.77
N CYS A 32 -8.64 2.96 -11.47
CA CYS A 32 -8.10 1.78 -10.72
C CYS A 32 -8.73 0.49 -11.24
N MET A 33 -10.01 0.50 -11.52
CA MET A 33 -10.65 -0.74 -12.03
C MET A 33 -10.35 -0.89 -13.52
N GLN A 34 -9.87 0.13 -14.16
CA GLN A 34 -9.55 0.01 -15.61
C GLN A 34 -8.48 -1.09 -15.78
N GLY A 35 -7.52 -1.11 -14.89
CA GLY A 35 -6.43 -2.14 -14.97
C GLY A 35 -6.88 -3.46 -14.33
N LEU A 36 -7.39 -3.42 -13.14
CA LEU A 36 -7.84 -4.69 -12.47
C LEU A 36 -8.90 -5.36 -13.34
N ASN A 37 -9.78 -4.59 -13.91
CA ASN A 37 -10.84 -5.17 -14.78
C ASN A 37 -10.19 -5.91 -15.95
N GLU A 38 -9.15 -5.35 -16.51
CA GLU A 38 -8.49 -6.04 -17.66
C GLU A 38 -7.63 -7.21 -17.16
N GLY A 39 -7.50 -7.35 -15.87
CA GLY A 39 -6.70 -8.49 -15.31
C GLY A 39 -5.21 -8.28 -15.60
N LYS A 40 -4.75 -7.06 -15.62
CA LYS A 40 -3.30 -6.79 -15.86
C LYS A 40 -2.68 -6.46 -14.52
N VAL A 41 -3.52 -6.29 -13.54
CA VAL A 41 -3.07 -5.94 -12.17
C VAL A 41 -3.82 -6.84 -11.17
N ARG A 42 -3.27 -7.01 -9.99
CA ARG A 42 -3.93 -7.84 -8.94
C ARG A 42 -4.26 -6.94 -7.75
N GLY A 43 -3.72 -5.76 -7.76
CA GLY A 43 -3.96 -4.80 -6.64
C GLY A 43 -2.68 -3.98 -6.45
N VAL A 44 -2.48 -3.41 -5.29
CA VAL A 44 -1.24 -2.60 -5.04
C VAL A 44 -0.47 -3.25 -3.89
N SER A 45 0.80 -3.51 -4.07
CA SER A 45 1.60 -4.12 -2.97
C SER A 45 2.13 -3.00 -2.07
N VAL A 46 1.99 -3.15 -0.78
CA VAL A 46 2.47 -2.10 0.16
C VAL A 46 3.28 -2.74 1.28
N SER A 47 4.42 -2.19 1.56
CA SER A 47 5.28 -2.72 2.67
C SER A 47 5.64 -1.54 3.57
N GLY A 48 5.67 -1.74 4.86
CA GLY A 48 5.99 -0.61 5.80
C GLY A 48 7.06 -1.02 6.80
N VAL A 49 7.86 -0.08 7.25
CA VAL A 49 8.92 -0.36 8.25
C VAL A 49 8.75 0.59 9.44
N PHE A 50 8.75 0.04 10.63
CA PHE A 50 8.60 0.88 11.86
C PHE A 50 9.96 1.01 12.56
N TYR A 51 10.44 2.22 12.74
CA TYR A 51 11.73 2.44 13.44
C TYR A 51 11.45 2.73 14.92
N TYR A 52 11.98 1.94 15.81
CA TYR A 52 11.75 2.16 17.27
C TYR A 52 13.02 2.73 17.91
N ASN A 53 12.91 3.81 18.61
CA ASN A 53 14.12 4.40 19.26
C ASN A 53 14.88 3.30 20.00
N ASP A 54 14.24 2.20 20.25
CA ASP A 54 14.92 1.08 20.97
C ASP A 54 16.01 0.50 20.08
N GLY A 55 16.21 1.08 18.93
CA GLY A 55 17.28 0.59 18.00
C GLY A 55 16.83 -0.67 17.28
N THR A 56 15.55 -0.93 17.22
CA THR A 56 15.03 -2.16 16.51
C THR A 56 14.16 -1.75 15.33
N THR A 57 14.16 -2.55 14.28
CA THR A 57 13.32 -2.23 13.08
C THR A 57 12.52 -3.47 12.68
N SER A 58 11.23 -3.32 12.52
CA SER A 58 10.37 -4.47 12.11
C SER A 58 9.72 -4.11 10.77
N ASN A 59 9.35 -5.07 9.97
CA ASN A 59 8.71 -4.74 8.65
C ASN A 59 7.59 -5.73 8.37
N PHE A 60 6.46 -5.21 7.96
CA PHE A 60 5.30 -6.07 7.59
C PHE A 60 5.01 -5.88 6.11
N LYS A 61 5.00 -6.93 5.35
CA LYS A 61 4.72 -6.80 3.90
C LYS A 61 3.40 -7.50 3.60
N GLY A 62 2.64 -6.96 2.70
CA GLY A 62 1.33 -7.59 2.36
C GLY A 62 0.74 -6.94 1.11
N VAL A 63 -0.32 -7.48 0.60
CA VAL A 63 -0.97 -6.92 -0.62
C VAL A 63 -2.36 -6.39 -0.26
N VAL A 64 -2.66 -5.17 -0.62
CA VAL A 64 -4.01 -4.60 -0.29
C VAL A 64 -4.92 -4.71 -1.51
N THR A 65 -6.04 -5.36 -1.35
CA THR A 65 -7.02 -5.53 -2.48
C THR A 65 -8.36 -4.91 -2.05
N PRO A 66 -9.15 -4.42 -2.97
CA PRO A 66 -10.45 -3.78 -2.64
C PRO A 66 -11.16 -4.45 -1.45
N SER A 67 -11.01 -5.74 -1.30
CA SER A 67 -11.70 -6.45 -0.18
C SER A 67 -10.72 -6.86 0.92
N THR A 68 -9.44 -6.57 0.79
CA THR A 68 -8.45 -6.99 1.85
C THR A 68 -7.66 -5.79 2.39
N PRO A 69 -7.93 -5.34 3.61
CA PRO A 69 -7.18 -4.22 4.23
C PRO A 69 -6.01 -4.75 5.08
N VAL A 70 -5.04 -3.92 5.40
CA VAL A 70 -3.88 -4.41 6.23
C VAL A 70 -3.56 -3.38 7.32
N ASN A 71 -3.25 -3.83 8.51
CA ASN A 71 -2.91 -2.88 9.61
C ASN A 71 -1.40 -2.70 9.68
N THR A 72 -0.93 -1.50 9.89
CA THR A 72 0.53 -1.24 9.96
C THR A 72 0.91 -0.86 11.40
N ASN A 73 0.04 -0.19 12.09
CA ASN A 73 0.34 0.20 13.50
C ASN A 73 -0.21 -0.92 14.40
N GLN A 74 -0.20 -2.13 13.90
CA GLN A 74 -0.75 -3.27 14.68
C GLN A 74 -0.13 -3.37 16.08
N ASP A 75 1.04 -2.84 16.31
CA ASP A 75 1.68 -2.93 17.68
C ASP A 75 1.62 -1.57 18.36
N ILE A 76 0.46 -1.14 18.78
CA ILE A 76 0.31 0.18 19.46
C ILE A 76 0.95 0.17 20.85
N ASN A 77 0.81 -0.90 21.60
CA ASN A 77 1.40 -0.90 22.96
C ASN A 77 2.91 -0.72 22.83
N LYS A 78 3.52 -1.45 21.94
CA LYS A 78 5.00 -1.31 21.75
C LYS A 78 5.30 0.13 21.33
N THR A 79 4.59 0.60 20.34
CA THR A 79 4.83 1.98 19.83
C THR A 79 4.54 3.02 20.93
N ASN A 80 3.49 2.86 21.66
CA ASN A 80 3.19 3.86 22.75
C ASN A 80 4.34 3.88 23.76
N LYS A 81 4.95 2.76 24.02
CA LYS A 81 6.03 2.72 25.03
C LYS A 81 7.25 3.52 24.56
N VAL A 82 7.71 3.30 23.34
CA VAL A 82 8.92 4.03 22.84
C VAL A 82 8.57 5.00 21.70
N GLY A 83 7.53 4.74 20.95
CA GLY A 83 7.16 5.66 19.84
C GLY A 83 7.85 5.24 18.54
N VAL A 84 7.44 5.82 17.45
CA VAL A 84 8.05 5.50 16.12
C VAL A 84 8.84 6.71 15.63
N GLN A 85 10.10 6.53 15.33
CA GLN A 85 10.93 7.68 14.88
C GLN A 85 10.67 7.97 13.39
N LYS A 86 11.03 7.06 12.53
CA LYS A 86 10.83 7.28 11.05
C LYS A 86 9.82 6.27 10.48
N TYR A 87 8.99 6.70 9.57
CA TYR A 87 7.99 5.80 8.92
C TYR A 87 8.24 5.78 7.41
N ARG A 88 8.28 4.62 6.80
CA ARG A 88 8.53 4.55 5.33
C ARG A 88 7.56 3.57 4.66
N ALA A 89 6.87 4.01 3.64
CA ALA A 89 5.89 3.12 2.91
C ALA A 89 6.23 3.07 1.42
N LEU A 90 6.24 1.90 0.83
CA LEU A 90 6.53 1.77 -0.64
C LEU A 90 5.31 1.16 -1.33
N THR A 91 4.89 1.73 -2.42
CA THR A 91 3.69 1.22 -3.16
C THR A 91 4.01 0.99 -4.65
N GLU A 92 3.74 -0.20 -5.14
CA GLU A 92 4.02 -0.52 -6.58
C GLU A 92 2.82 -1.26 -7.20
N TRP A 93 2.72 -1.23 -8.51
CA TRP A 93 1.59 -1.95 -9.18
C TRP A 93 1.85 -3.45 -9.08
N VAL A 94 0.82 -4.23 -8.82
CA VAL A 94 1.00 -5.72 -8.72
C VAL A 94 0.29 -6.39 -9.88
N GLY A 95 1.04 -7.10 -10.70
CA GLY A 95 0.43 -7.81 -11.86
C GLY A 95 1.15 -9.16 -12.04
N SER A 96 1.80 -9.36 -13.15
CA SER A 96 2.52 -10.66 -13.36
C SER A 96 3.92 -10.57 -12.75
N ARG A 97 4.21 -11.41 -11.78
CA ARG A 97 5.56 -11.37 -11.14
C ARG A 97 6.52 -12.29 -11.91
N SER A 98 6.01 -13.07 -12.82
CA SER A 98 6.87 -14.00 -13.63
C SER A 98 6.89 -13.55 -15.09
N GLY A 1 -0.99 1.75 -28.83
CA GLY A 1 -0.86 0.35 -28.23
C GLY A 1 -2.05 -0.56 -28.22
N GLY A 2 -3.20 -0.04 -28.58
CA GLY A 2 -4.44 -0.88 -28.60
C GLY A 2 -5.17 -0.76 -27.26
N SER A 3 -4.44 -0.58 -26.19
CA SER A 3 -5.09 -0.45 -24.85
C SER A 3 -5.15 1.03 -24.47
N GLY A 4 -6.33 1.55 -24.23
CA GLY A 4 -6.44 2.99 -23.87
C GLY A 4 -5.56 3.31 -22.67
N TRP A 5 -6.05 3.08 -21.48
CA TRP A 5 -5.24 3.37 -20.28
C TRP A 5 -3.97 2.53 -20.32
N ASN A 6 -2.87 3.13 -19.95
CA ASN A 6 -1.58 2.38 -19.95
C ASN A 6 -0.85 2.65 -18.63
N ALA A 7 -0.40 1.62 -17.96
CA ALA A 7 0.34 1.86 -16.69
C ALA A 7 1.72 2.41 -17.04
N ASP A 8 1.74 3.58 -17.61
CA ASP A 8 3.04 4.19 -18.02
C ASP A 8 3.88 4.53 -16.79
N ASN A 9 3.50 5.55 -16.06
CA ASN A 9 4.26 5.93 -14.84
C ASN A 9 3.27 6.46 -13.82
N VAL A 10 2.19 5.77 -13.64
CA VAL A 10 1.14 6.23 -12.69
C VAL A 10 1.57 5.85 -11.27
N ASP A 11 1.35 6.73 -10.32
CA ASP A 11 1.77 6.43 -8.93
C ASP A 11 0.76 5.45 -8.27
N PRO A 12 1.23 4.38 -7.66
CA PRO A 12 0.32 3.38 -7.00
C PRO A 12 -0.10 3.84 -5.61
N SER A 13 0.64 4.74 -5.02
CA SER A 13 0.30 5.22 -3.65
C SER A 13 -1.04 5.97 -3.66
N GLN A 14 -1.33 6.69 -4.70
CA GLN A 14 -2.62 7.44 -4.76
C GLN A 14 -3.78 6.46 -4.88
N CYS A 15 -3.53 5.29 -5.40
CA CYS A 15 -4.61 4.28 -5.56
C CYS A 15 -5.10 3.83 -4.19
N ILE A 16 -4.21 3.75 -3.22
CA ILE A 16 -4.61 3.32 -1.84
C ILE A 16 -4.37 4.46 -0.86
N LYS A 17 -5.26 4.65 0.07
CA LYS A 17 -5.11 5.75 1.08
C LYS A 17 -5.00 5.14 2.48
N GLN A 18 -4.25 5.75 3.36
CA GLN A 18 -4.09 5.20 4.73
C GLN A 18 -5.11 5.83 5.67
N SER A 19 -5.94 5.03 6.30
CA SER A 19 -6.97 5.58 7.25
C SER A 19 -6.58 5.15 8.65
N GLY A 20 -6.42 6.08 9.56
CA GLY A 20 -6.03 5.71 10.94
C GLY A 20 -4.77 4.82 10.87
N VAL A 21 -4.95 3.53 10.88
CA VAL A 21 -3.78 2.59 10.82
C VAL A 21 -4.09 1.43 9.90
N GLN A 22 -4.93 1.63 8.92
CA GLN A 22 -5.29 0.53 7.95
C GLN A 22 -5.18 1.04 6.52
N TYR A 23 -5.14 0.12 5.57
CA TYR A 23 -5.06 0.52 4.12
C TYR A 23 -6.32 0.05 3.41
N THR A 24 -6.85 0.85 2.52
CA THR A 24 -8.08 0.46 1.78
C THR A 24 -7.90 0.77 0.29
N TYR A 25 -8.50 -0.01 -0.56
CA TYR A 25 -8.35 0.20 -2.04
C TYR A 25 -9.40 1.21 -2.52
N ASN A 26 -8.97 2.26 -3.16
CA ASN A 26 -9.94 3.28 -3.67
C ASN A 26 -10.49 2.85 -5.03
N SER A 27 -11.51 2.04 -5.04
CA SER A 27 -12.08 1.58 -6.34
C SER A 27 -12.94 2.70 -6.95
N GLY A 28 -13.20 3.74 -6.20
CA GLY A 28 -14.02 4.86 -6.74
C GLY A 28 -13.22 5.66 -7.76
N VAL A 29 -11.98 5.29 -7.99
CA VAL A 29 -11.14 6.03 -8.98
C VAL A 29 -11.14 5.24 -10.30
N SER A 30 -11.38 5.89 -11.39
CA SER A 30 -11.43 5.17 -12.69
C SER A 30 -10.08 4.49 -12.98
N VAL A 31 -9.00 5.15 -12.72
CA VAL A 31 -7.67 4.52 -13.01
C VAL A 31 -7.51 3.22 -12.21
N CYS A 32 -7.94 3.22 -10.97
CA CYS A 32 -7.79 1.99 -10.15
C CYS A 32 -8.56 0.81 -10.75
N MET A 33 -9.80 1.00 -11.11
CA MET A 33 -10.59 -0.14 -11.68
C MET A 33 -10.21 -0.41 -13.14
N GLN A 34 -9.71 0.56 -13.84
CA GLN A 34 -9.33 0.31 -15.27
C GLN A 34 -8.27 -0.78 -15.33
N GLY A 35 -7.34 -0.79 -14.43
CA GLY A 35 -6.29 -1.86 -14.45
C GLY A 35 -6.91 -3.18 -14.00
N LEU A 36 -7.68 -3.15 -12.95
CA LEU A 36 -8.32 -4.42 -12.46
C LEU A 36 -9.33 -4.93 -13.51
N ASN A 37 -10.10 -4.05 -14.09
CA ASN A 37 -11.09 -4.48 -15.12
C ASN A 37 -10.38 -5.13 -16.31
N GLU A 38 -9.27 -4.59 -16.70
CA GLU A 38 -8.53 -5.15 -17.87
C GLU A 38 -7.75 -6.39 -17.44
N GLY A 39 -7.63 -6.61 -16.16
CA GLY A 39 -6.87 -7.81 -15.69
C GLY A 39 -5.38 -7.63 -15.98
N LYS A 40 -4.91 -6.40 -15.99
CA LYS A 40 -3.46 -6.15 -16.25
C LYS A 40 -2.82 -5.83 -14.91
N VAL A 41 -3.64 -5.73 -13.91
CA VAL A 41 -3.15 -5.43 -12.54
C VAL A 41 -3.85 -6.37 -11.57
N ARG A 42 -3.29 -6.53 -10.40
CA ARG A 42 -3.91 -7.44 -9.36
C ARG A 42 -4.19 -6.61 -8.12
N GLY A 43 -3.76 -5.38 -8.13
CA GLY A 43 -3.97 -4.48 -6.96
C GLY A 43 -2.65 -3.79 -6.64
N VAL A 44 -2.47 -3.31 -5.43
CA VAL A 44 -1.18 -2.62 -5.08
C VAL A 44 -0.52 -3.32 -3.90
N SER A 45 0.73 -3.67 -4.05
CA SER A 45 1.47 -4.32 -2.94
C SER A 45 1.97 -3.21 -2.01
N VAL A 46 1.81 -3.37 -0.72
CA VAL A 46 2.26 -2.30 0.22
C VAL A 46 3.09 -2.92 1.35
N SER A 47 4.20 -2.30 1.65
CA SER A 47 5.10 -2.80 2.74
C SER A 47 5.31 -1.65 3.72
N GLY A 48 5.35 -1.93 4.99
CA GLY A 48 5.54 -0.84 6.01
C GLY A 48 6.66 -1.20 6.98
N VAL A 49 7.48 -0.22 7.31
CA VAL A 49 8.60 -0.46 8.28
C VAL A 49 8.49 0.55 9.42
N PHE A 50 8.44 0.06 10.63
CA PHE A 50 8.34 0.97 11.82
C PHE A 50 9.73 1.07 12.46
N TYR A 51 10.28 2.26 12.57
CA TYR A 51 11.63 2.40 13.20
C TYR A 51 11.49 2.73 14.68
N TYR A 52 12.17 1.99 15.53
CA TYR A 52 12.07 2.23 17.00
C TYR A 52 13.37 2.83 17.53
N ASN A 53 13.29 3.89 18.27
CA ASN A 53 14.51 4.53 18.84
C ASN A 53 15.35 3.44 19.53
N ASP A 54 14.75 2.32 19.82
CA ASP A 54 15.50 1.23 20.49
C ASP A 54 16.48 0.58 19.50
N GLY A 55 16.52 1.08 18.29
CA GLY A 55 17.46 0.52 17.28
C GLY A 55 16.89 -0.77 16.67
N THR A 56 15.59 -0.96 16.80
CA THR A 56 14.95 -2.21 16.23
C THR A 56 13.95 -1.83 15.14
N THR A 57 13.81 -2.67 14.14
CA THR A 57 12.84 -2.36 13.03
C THR A 57 11.95 -3.57 12.76
N SER A 58 10.69 -3.32 12.50
CA SER A 58 9.73 -4.43 12.19
C SER A 58 9.21 -4.16 10.78
N ASN A 59 8.97 -5.19 10.00
CA ASN A 59 8.48 -4.97 8.60
C ASN A 59 7.38 -5.96 8.27
N PHE A 60 6.22 -5.47 7.96
CA PHE A 60 5.07 -6.36 7.60
C PHE A 60 4.70 -6.10 6.14
N LYS A 61 4.68 -7.12 5.33
CA LYS A 61 4.31 -6.96 3.90
C LYS A 61 2.96 -7.62 3.68
N GLY A 62 2.17 -7.04 2.85
CA GLY A 62 0.83 -7.61 2.56
C GLY A 62 0.31 -6.99 1.26
N VAL A 63 -0.66 -7.61 0.64
CA VAL A 63 -1.20 -7.06 -0.65
C VAL A 63 -2.58 -6.50 -0.40
N VAL A 64 -2.80 -5.25 -0.77
CA VAL A 64 -4.14 -4.63 -0.54
C VAL A 64 -5.01 -4.83 -1.78
N THR A 65 -6.10 -5.56 -1.63
CA THR A 65 -7.02 -5.79 -2.78
C THR A 65 -8.45 -5.61 -2.28
N PRO A 66 -9.36 -5.18 -3.12
CA PRO A 66 -10.78 -4.98 -2.73
C PRO A 66 -11.29 -6.11 -1.82
N SER A 67 -10.61 -7.24 -1.82
CA SER A 67 -11.07 -8.38 -0.97
C SER A 67 -10.87 -8.08 0.52
N THR A 68 -9.70 -7.68 0.93
CA THR A 68 -9.47 -7.40 2.39
C THR A 68 -8.41 -6.30 2.55
N PRO A 69 -8.47 -5.52 3.63
CA PRO A 69 -7.48 -4.44 3.90
C PRO A 69 -6.22 -4.97 4.63
N VAL A 70 -5.17 -4.18 4.67
CA VAL A 70 -3.91 -4.61 5.36
C VAL A 70 -3.72 -3.74 6.61
N ASN A 71 -3.40 -4.33 7.73
CA ASN A 71 -3.25 -3.54 9.00
C ASN A 71 -1.78 -3.30 9.36
N THR A 72 -1.42 -2.07 9.68
CA THR A 72 -0.02 -1.74 10.09
C THR A 72 -0.08 -1.37 11.58
N ASN A 73 -1.12 -1.81 12.25
CA ASN A 73 -1.29 -1.49 13.69
C ASN A 73 -0.38 -2.38 14.54
N GLN A 74 0.89 -2.36 14.26
CA GLN A 74 1.84 -3.20 15.06
C GLN A 74 1.57 -2.95 16.56
N ASP A 75 2.23 -3.67 17.43
CA ASP A 75 1.99 -3.44 18.88
C ASP A 75 2.21 -1.96 19.19
N ILE A 76 1.16 -1.23 19.44
CA ILE A 76 1.34 0.22 19.74
C ILE A 76 1.79 0.40 21.20
N ASN A 77 1.69 -0.61 22.01
CA ASN A 77 2.11 -0.44 23.43
C ASN A 77 3.59 -0.04 23.48
N LYS A 78 4.42 -0.69 22.72
CA LYS A 78 5.86 -0.32 22.73
C LYS A 78 6.01 1.08 22.13
N THR A 79 5.25 1.38 21.12
CA THR A 79 5.32 2.72 20.47
C THR A 79 4.98 3.83 21.49
N ASN A 80 3.91 3.69 22.21
CA ASN A 80 3.58 4.73 23.21
C ASN A 80 4.71 4.81 24.24
N LYS A 81 5.30 3.69 24.57
CA LYS A 81 6.40 3.67 25.56
C LYS A 81 7.66 4.35 24.99
N VAL A 82 8.05 4.00 23.79
CA VAL A 82 9.31 4.59 23.21
C VAL A 82 9.03 5.52 22.03
N GLY A 83 7.97 5.30 21.30
CA GLY A 83 7.63 6.21 20.16
C GLY A 83 8.30 5.72 18.87
N VAL A 84 7.84 6.24 17.77
CA VAL A 84 8.42 5.85 16.43
C VAL A 84 9.19 7.05 15.86
N GLN A 85 10.40 6.83 15.42
CA GLN A 85 11.20 7.97 14.88
C GLN A 85 10.77 8.28 13.43
N LYS A 86 11.03 7.37 12.52
CA LYS A 86 10.66 7.62 11.08
C LYS A 86 9.61 6.62 10.61
N TYR A 87 8.74 7.05 9.73
CA TYR A 87 7.66 6.16 9.17
C TYR A 87 7.86 6.08 7.65
N ARG A 88 7.85 4.91 7.07
CA ARG A 88 8.07 4.80 5.59
C ARG A 88 7.11 3.79 4.96
N ALA A 89 6.54 4.15 3.84
CA ALA A 89 5.58 3.25 3.12
C ALA A 89 6.07 3.04 1.68
N LEU A 90 5.99 1.82 1.19
CA LEU A 90 6.44 1.51 -0.21
C LEU A 90 5.23 0.96 -0.99
N THR A 91 4.92 1.54 -2.13
CA THR A 91 3.76 1.06 -2.93
C THR A 91 4.19 0.76 -4.38
N GLU A 92 3.93 -0.43 -4.84
CA GLU A 92 4.31 -0.83 -6.24
C GLU A 92 3.11 -1.51 -6.91
N TRP A 93 2.97 -1.35 -8.20
CA TRP A 93 1.82 -2.01 -8.90
C TRP A 93 2.04 -3.51 -8.96
N VAL A 94 1.01 -4.28 -8.73
CA VAL A 94 1.11 -5.78 -8.78
C VAL A 94 0.35 -6.28 -10.00
N GLY A 95 1.01 -7.02 -10.86
CA GLY A 95 0.35 -7.55 -12.10
C GLY A 95 0.88 -6.79 -13.31
N SER A 96 1.54 -5.68 -13.09
CA SER A 96 2.08 -4.90 -14.23
C SER A 96 3.26 -5.65 -14.86
N ARG A 97 3.47 -5.49 -16.14
CA ARG A 97 4.61 -6.21 -16.80
C ARG A 97 5.82 -5.26 -16.89
N SER A 98 5.65 -4.03 -16.49
CA SER A 98 6.79 -3.07 -16.53
C SER A 98 7.54 -3.20 -17.85
N GLY A 1 -5.03 5.75 -32.07
CA GLY A 1 -4.21 4.86 -31.15
C GLY A 1 -4.86 4.23 -29.96
N GLY A 2 -6.02 4.69 -29.59
CA GLY A 2 -6.72 4.12 -28.41
C GLY A 2 -6.14 4.71 -27.13
N SER A 3 -6.45 4.12 -26.00
CA SER A 3 -5.92 4.66 -24.72
C SER A 3 -4.51 4.10 -24.49
N GLY A 4 -3.58 4.96 -24.17
CA GLY A 4 -2.18 4.51 -23.94
C GLY A 4 -1.99 4.18 -22.45
N TRP A 5 -3.06 3.87 -21.77
CA TRP A 5 -2.94 3.55 -20.32
C TRP A 5 -2.02 2.36 -20.11
N ASN A 6 -0.94 2.59 -19.41
CA ASN A 6 0.03 1.49 -19.11
C ASN A 6 0.36 1.52 -17.63
N ALA A 7 -0.49 2.14 -16.86
CA ALA A 7 -0.27 2.24 -15.39
C ALA A 7 1.10 2.87 -15.12
N ASP A 8 1.81 3.26 -16.16
CA ASP A 8 3.15 3.88 -15.96
C ASP A 8 2.97 5.39 -15.75
N ASN A 9 1.85 5.92 -16.16
CA ASN A 9 1.59 7.38 -15.98
C ASN A 9 0.79 7.60 -14.69
N VAL A 10 0.52 6.54 -13.98
CA VAL A 10 -0.28 6.65 -12.73
C VAL A 10 0.57 6.23 -11.53
N ASP A 11 0.68 7.06 -10.53
CA ASP A 11 1.48 6.67 -9.33
C ASP A 11 0.58 5.82 -8.41
N PRO A 12 1.09 4.78 -7.82
CA PRO A 12 0.26 3.91 -6.92
C PRO A 12 0.02 4.57 -5.56
N SER A 13 0.75 5.61 -5.25
CA SER A 13 0.55 6.31 -3.95
C SER A 13 -0.87 6.83 -3.85
N GLN A 14 -1.40 7.36 -4.93
CA GLN A 14 -2.79 7.90 -4.89
C GLN A 14 -3.80 6.77 -5.11
N CYS A 15 -3.33 5.62 -5.52
CA CYS A 15 -4.27 4.48 -5.73
C CYS A 15 -4.78 4.00 -4.37
N ILE A 16 -3.95 4.13 -3.35
CA ILE A 16 -4.36 3.72 -1.98
C ILE A 16 -4.22 4.92 -1.05
N LYS A 17 -5.08 5.04 -0.06
CA LYS A 17 -5.01 6.21 0.88
C LYS A 17 -4.57 5.73 2.26
N GLN A 18 -3.82 6.54 2.96
CA GLN A 18 -3.36 6.16 4.33
C GLN A 18 -4.29 6.80 5.36
N SER A 19 -5.02 6.01 6.10
CA SER A 19 -5.97 6.55 7.13
C SER A 19 -5.49 6.10 8.51
N GLY A 20 -5.37 7.02 9.43
CA GLY A 20 -4.91 6.64 10.80
C GLY A 20 -3.67 5.76 10.68
N VAL A 21 -3.84 4.47 10.77
CA VAL A 21 -2.67 3.53 10.67
C VAL A 21 -3.04 2.32 9.80
N GLN A 22 -3.95 2.49 8.88
CA GLN A 22 -4.35 1.34 7.99
C GLN A 22 -4.34 1.79 6.52
N TYR A 23 -4.32 0.85 5.61
CA TYR A 23 -4.33 1.19 4.15
C TYR A 23 -5.61 0.65 3.52
N THR A 24 -6.23 1.39 2.63
CA THR A 24 -7.49 0.93 1.96
C THR A 24 -7.36 1.09 0.45
N TYR A 25 -7.94 0.21 -0.31
CA TYR A 25 -7.86 0.32 -1.80
C TYR A 25 -8.90 1.35 -2.26
N ASN A 26 -8.48 2.34 -3.01
CA ASN A 26 -9.42 3.40 -3.48
C ASN A 26 -10.11 2.95 -4.78
N SER A 27 -11.16 2.18 -4.68
CA SER A 27 -11.87 1.72 -5.92
C SER A 27 -12.81 2.83 -6.39
N GLY A 28 -12.98 3.86 -5.61
CA GLY A 28 -13.89 4.97 -6.03
C GLY A 28 -13.43 5.53 -7.36
N VAL A 29 -12.14 5.65 -7.56
CA VAL A 29 -11.64 6.20 -8.85
C VAL A 29 -11.64 5.08 -9.90
N SER A 30 -12.07 5.38 -11.10
CA SER A 30 -12.14 4.34 -12.16
C SER A 30 -10.74 3.90 -12.58
N VAL A 31 -9.77 4.75 -12.50
CA VAL A 31 -8.40 4.36 -12.94
C VAL A 31 -7.90 3.15 -12.12
N CYS A 32 -8.16 3.12 -10.85
CA CYS A 32 -7.69 1.97 -10.02
C CYS A 32 -8.37 0.68 -10.48
N MET A 33 -9.63 0.74 -10.78
CA MET A 33 -10.35 -0.50 -11.23
C MET A 33 -10.17 -0.68 -12.74
N GLN A 34 -9.74 0.34 -13.44
CA GLN A 34 -9.54 0.18 -14.91
C GLN A 34 -8.50 -0.92 -15.13
N GLY A 35 -7.48 -0.93 -14.31
CA GLY A 35 -6.43 -1.97 -14.46
C GLY A 35 -6.91 -3.28 -13.84
N LEU A 36 -7.49 -3.22 -12.67
CA LEU A 36 -7.96 -4.46 -12.01
C LEU A 36 -9.01 -5.15 -12.90
N ASN A 37 -9.92 -4.41 -13.46
CA ASN A 37 -10.96 -5.01 -14.32
C ASN A 37 -10.33 -5.55 -15.61
N GLU A 38 -9.39 -4.85 -16.16
CA GLU A 38 -8.75 -5.32 -17.41
C GLU A 38 -8.08 -6.67 -17.16
N GLY A 39 -7.61 -6.90 -15.96
CA GLY A 39 -6.96 -8.21 -15.65
C GLY A 39 -5.44 -8.09 -15.84
N LYS A 40 -4.90 -6.89 -15.77
CA LYS A 40 -3.43 -6.71 -15.93
C LYS A 40 -2.88 -6.32 -14.56
N VAL A 41 -3.76 -6.23 -13.59
CA VAL A 41 -3.34 -5.85 -12.21
C VAL A 41 -4.03 -6.77 -11.21
N ARG A 42 -3.48 -6.87 -10.04
CA ARG A 42 -4.07 -7.72 -8.96
C ARG A 42 -4.38 -6.82 -7.78
N GLY A 43 -3.91 -5.60 -7.85
CA GLY A 43 -4.13 -4.62 -6.73
C GLY A 43 -2.83 -3.86 -6.49
N VAL A 44 -2.65 -3.26 -5.34
CA VAL A 44 -1.39 -2.51 -5.04
C VAL A 44 -0.68 -3.14 -3.86
N SER A 45 0.58 -3.43 -3.99
CA SER A 45 1.33 -4.05 -2.86
C SER A 45 1.85 -2.94 -1.95
N VAL A 46 1.77 -3.13 -0.66
CA VAL A 46 2.25 -2.09 0.30
C VAL A 46 3.18 -2.73 1.33
N SER A 47 4.30 -2.12 1.55
CA SER A 47 5.29 -2.63 2.55
C SER A 47 5.54 -1.51 3.55
N GLY A 48 5.77 -1.83 4.80
CA GLY A 48 6.01 -0.74 5.80
C GLY A 48 7.08 -1.13 6.80
N VAL A 49 7.94 -0.20 7.14
CA VAL A 49 9.02 -0.46 8.15
C VAL A 49 8.83 0.52 9.31
N PHE A 50 8.69 0.00 10.51
CA PHE A 50 8.51 0.90 11.70
C PHE A 50 9.85 1.01 12.42
N TYR A 51 10.33 2.21 12.66
CA TYR A 51 11.64 2.38 13.36
C TYR A 51 11.39 2.67 14.84
N TYR A 52 11.93 1.84 15.70
CA TYR A 52 11.73 2.05 17.17
C TYR A 52 13.03 2.59 17.78
N ASN A 53 12.98 3.70 18.46
CA ASN A 53 14.20 4.28 19.09
C ASN A 53 14.98 3.17 19.79
N ASP A 54 14.33 2.05 20.04
CA ASP A 54 15.01 0.92 20.73
C ASP A 54 16.11 0.35 19.82
N GLY A 55 16.29 0.93 18.67
CA GLY A 55 17.33 0.43 17.73
C GLY A 55 16.83 -0.85 17.04
N THR A 56 15.54 -1.06 17.04
CA THR A 56 14.97 -2.28 16.37
C THR A 56 14.07 -1.88 15.22
N THR A 57 14.02 -2.70 14.20
CA THR A 57 13.16 -2.39 13.02
C THR A 57 12.29 -3.59 12.67
N SER A 58 11.05 -3.34 12.36
CA SER A 58 10.10 -4.44 11.99
C SER A 58 9.64 -4.18 10.56
N ASN A 59 9.48 -5.19 9.76
CA ASN A 59 9.04 -4.97 8.34
C ASN A 59 7.94 -5.95 7.98
N PHE A 60 6.77 -5.46 7.68
CA PHE A 60 5.63 -6.35 7.28
C PHE A 60 5.22 -6.04 5.86
N LYS A 61 5.11 -7.06 5.05
CA LYS A 61 4.70 -6.89 3.64
C LYS A 61 3.35 -7.54 3.46
N GLY A 62 2.50 -6.95 2.69
CA GLY A 62 1.15 -7.53 2.46
C GLY A 62 0.57 -6.95 1.17
N VAL A 63 -0.43 -7.59 0.61
CA VAL A 63 -1.05 -7.09 -0.66
C VAL A 63 -2.45 -6.56 -0.33
N VAL A 64 -2.71 -5.33 -0.66
CA VAL A 64 -4.05 -4.73 -0.37
C VAL A 64 -4.95 -4.80 -1.60
N THR A 65 -6.05 -5.49 -1.48
CA THR A 65 -7.03 -5.60 -2.60
C THR A 65 -8.43 -5.43 -2.00
N PRO A 66 -9.43 -5.08 -2.78
CA PRO A 66 -10.83 -4.91 -2.25
C PRO A 66 -11.35 -6.11 -1.43
N SER A 67 -10.66 -6.46 -0.36
CA SER A 67 -11.12 -7.62 0.47
C SER A 67 -10.89 -7.28 1.95
N THR A 68 -9.66 -7.11 2.37
CA THR A 68 -9.37 -6.78 3.80
C THR A 68 -8.22 -5.75 3.88
N PRO A 69 -8.20 -4.91 4.89
CA PRO A 69 -7.12 -3.89 5.07
C PRO A 69 -5.88 -4.45 5.79
N VAL A 70 -4.78 -3.74 5.70
CA VAL A 70 -3.52 -4.19 6.38
C VAL A 70 -3.07 -3.07 7.32
N ASN A 71 -2.78 -3.37 8.57
CA ASN A 71 -2.39 -2.29 9.53
C ASN A 71 -0.86 -2.18 9.65
N THR A 72 -0.35 -0.99 9.64
CA THR A 72 1.12 -0.79 9.79
C THR A 72 1.48 -0.88 11.26
N ASN A 73 0.79 -0.13 12.06
CA ASN A 73 1.06 -0.17 13.53
C ASN A 73 0.34 -1.37 14.11
N GLN A 74 0.61 -2.52 13.58
CA GLN A 74 -0.07 -3.75 14.09
C GLN A 74 -0.03 -3.78 15.61
N ASP A 75 1.12 -3.53 16.19
CA ASP A 75 1.22 -3.50 17.68
C ASP A 75 1.35 -2.05 18.14
N ILE A 76 0.27 -1.45 18.55
CA ILE A 76 0.34 -0.04 19.01
C ILE A 76 0.85 0.02 20.45
N ASN A 77 0.70 -1.04 21.19
CA ASN A 77 1.16 -1.00 22.61
C ASN A 77 2.66 -0.71 22.66
N LYS A 78 3.45 -1.42 21.90
CA LYS A 78 4.92 -1.14 21.92
C LYS A 78 5.19 0.23 21.30
N THR A 79 4.47 0.59 20.26
CA THR A 79 4.69 1.92 19.64
C THR A 79 4.35 3.01 20.66
N ASN A 80 3.26 2.88 21.35
CA ASN A 80 2.91 3.91 22.37
C ASN A 80 4.01 3.98 23.42
N LYS A 81 4.62 2.86 23.74
CA LYS A 81 5.68 2.87 24.78
C LYS A 81 6.89 3.71 24.32
N VAL A 82 7.39 3.48 23.12
CA VAL A 82 8.58 4.24 22.65
C VAL A 82 8.22 5.17 21.46
N GLY A 83 7.23 4.83 20.70
CA GLY A 83 6.84 5.70 19.54
C GLY A 83 7.71 5.37 18.33
N VAL A 84 7.23 5.70 17.16
CA VAL A 84 8.00 5.44 15.91
C VAL A 84 8.61 6.75 15.42
N GLN A 85 9.92 6.85 15.38
CA GLN A 85 10.56 8.12 14.94
C GLN A 85 10.39 8.36 13.44
N LYS A 86 10.65 7.37 12.62
CA LYS A 86 10.55 7.54 11.13
C LYS A 86 9.44 6.65 10.56
N TYR A 87 8.73 7.14 9.58
CA TYR A 87 7.64 6.36 8.93
C TYR A 87 7.96 6.21 7.44
N ARG A 88 7.91 5.01 6.91
CA ARG A 88 8.22 4.81 5.45
C ARG A 88 7.26 3.81 4.83
N ALA A 89 6.64 4.20 3.74
CA ALA A 89 5.67 3.31 3.03
C ALA A 89 6.09 3.17 1.56
N LEU A 90 6.05 1.97 1.03
CA LEU A 90 6.42 1.74 -0.42
C LEU A 90 5.22 1.13 -1.14
N THR A 91 4.83 1.69 -2.28
CA THR A 91 3.65 1.14 -3.04
C THR A 91 4.01 0.91 -4.50
N GLU A 92 3.75 -0.28 -4.99
CA GLU A 92 4.06 -0.62 -6.42
C GLU A 92 2.86 -1.34 -7.06
N TRP A 93 2.74 -1.28 -8.36
CA TRP A 93 1.60 -1.96 -9.04
C TRP A 93 1.83 -3.48 -8.95
N VAL A 94 0.79 -4.23 -8.69
CA VAL A 94 0.93 -5.73 -8.59
C VAL A 94 0.23 -6.40 -9.76
N GLY A 95 0.95 -7.14 -10.54
CA GLY A 95 0.36 -7.84 -11.71
C GLY A 95 1.47 -8.26 -12.67
N SER A 96 1.12 -8.82 -13.80
CA SER A 96 2.17 -9.23 -14.76
C SER A 96 2.87 -7.97 -15.27
N ARG A 97 4.18 -7.94 -15.24
CA ARG A 97 4.92 -6.74 -15.72
C ARG A 97 5.20 -6.87 -17.21
N SER A 98 4.92 -5.83 -17.96
CA SER A 98 5.17 -5.89 -19.43
C SER A 98 6.67 -6.04 -19.69
N GLY A 1 -6.33 6.42 -24.20
CA GLY A 1 -5.25 7.22 -24.93
C GLY A 1 -4.03 6.54 -25.41
N GLY A 2 -3.39 7.08 -26.41
CA GLY A 2 -2.14 6.45 -26.94
C GLY A 2 -2.45 5.05 -27.47
N SER A 3 -1.55 4.12 -27.28
CA SER A 3 -1.78 2.73 -27.77
C SER A 3 -2.66 2.00 -26.77
N GLY A 4 -2.88 2.59 -25.63
CA GLY A 4 -3.73 1.93 -24.60
C GLY A 4 -3.36 2.49 -23.22
N TRP A 5 -4.15 2.20 -22.23
CA TRP A 5 -3.85 2.72 -20.86
C TRP A 5 -2.56 2.11 -20.33
N ASN A 6 -1.80 2.91 -19.65
CA ASN A 6 -0.54 2.42 -19.03
C ASN A 6 -0.52 2.88 -17.58
N ALA A 7 -0.40 1.99 -16.64
CA ALA A 7 -0.37 2.42 -15.21
C ALA A 7 0.87 3.31 -15.01
N ASP A 8 1.58 3.55 -16.07
CA ASP A 8 2.81 4.39 -15.99
C ASP A 8 2.50 5.80 -15.50
N ASN A 9 1.42 6.38 -15.93
CA ASN A 9 1.09 7.78 -15.50
C ASN A 9 0.38 7.77 -14.16
N VAL A 10 0.17 6.61 -13.59
CA VAL A 10 -0.51 6.53 -12.27
C VAL A 10 0.52 6.19 -11.20
N ASP A 11 0.54 6.92 -10.11
CA ASP A 11 1.53 6.63 -9.03
C ASP A 11 0.81 5.83 -7.93
N PRO A 12 1.12 4.56 -7.77
CA PRO A 12 0.46 3.71 -6.73
C PRO A 12 0.38 4.42 -5.37
N SER A 13 1.06 5.52 -5.22
CA SER A 13 1.02 6.26 -3.92
C SER A 13 -0.35 6.90 -3.72
N GLN A 14 -0.95 7.42 -4.77
CA GLN A 14 -2.30 8.06 -4.62
C GLN A 14 -3.40 7.02 -4.87
N CYS A 15 -3.04 5.84 -5.28
CA CYS A 15 -4.07 4.80 -5.52
C CYS A 15 -4.66 4.31 -4.19
N ILE A 16 -3.92 4.45 -3.12
CA ILE A 16 -4.41 3.99 -1.78
C ILE A 16 -4.44 5.17 -0.79
N LYS A 17 -5.34 5.10 0.16
CA LYS A 17 -5.47 6.19 1.18
C LYS A 17 -5.19 5.64 2.58
N GLN A 18 -4.45 6.36 3.39
CA GLN A 18 -4.12 5.86 4.76
C GLN A 18 -5.03 6.54 5.80
N SER A 19 -5.77 5.75 6.54
CA SER A 19 -6.66 6.31 7.61
C SER A 19 -6.24 5.71 8.94
N GLY A 20 -5.98 6.52 9.94
CA GLY A 20 -5.56 5.95 11.25
C GLY A 20 -4.36 5.03 11.03
N VAL A 21 -4.54 3.74 11.21
CA VAL A 21 -3.42 2.76 11.02
C VAL A 21 -3.86 1.66 10.07
N GLN A 22 -4.64 1.99 9.08
CA GLN A 22 -5.12 0.96 8.10
C GLN A 22 -4.91 1.44 6.66
N TYR A 23 -4.90 0.52 5.73
CA TYR A 23 -4.73 0.87 4.29
C TYR A 23 -5.97 0.39 3.53
N THR A 24 -6.45 1.17 2.59
CA THR A 24 -7.67 0.77 1.81
C THR A 24 -7.44 1.03 0.32
N TYR A 25 -8.08 0.26 -0.52
CA TYR A 25 -7.90 0.45 -2.00
C TYR A 25 -8.90 1.50 -2.50
N ASN A 26 -8.42 2.54 -3.12
CA ASN A 26 -9.33 3.60 -3.63
C ASN A 26 -9.89 3.18 -4.99
N SER A 27 -10.99 2.47 -5.01
CA SER A 27 -11.57 2.04 -6.32
C SER A 27 -12.37 3.20 -6.92
N GLY A 28 -12.59 4.25 -6.18
CA GLY A 28 -13.37 5.40 -6.73
C GLY A 28 -12.70 5.90 -8.00
N VAL A 29 -11.39 5.79 -8.08
CA VAL A 29 -10.69 6.26 -9.32
C VAL A 29 -10.74 5.12 -10.35
N SER A 30 -11.42 5.32 -11.43
CA SER A 30 -11.53 4.26 -12.47
C SER A 30 -10.16 3.86 -13.02
N VAL A 31 -9.28 4.81 -13.22
CA VAL A 31 -7.95 4.46 -13.79
C VAL A 31 -7.28 3.35 -12.98
N CYS A 32 -7.39 3.38 -11.68
CA CYS A 32 -6.75 2.30 -10.87
C CYS A 32 -7.51 0.98 -11.07
N MET A 33 -8.81 1.01 -11.05
CA MET A 33 -9.59 -0.23 -11.24
C MET A 33 -9.70 -0.55 -12.73
N GLN A 34 -9.35 0.38 -13.58
CA GLN A 34 -9.42 0.12 -15.04
C GLN A 34 -8.46 -1.03 -15.36
N GLY A 35 -7.31 -1.04 -14.74
CA GLY A 35 -6.34 -2.15 -14.98
C GLY A 35 -6.81 -3.39 -14.24
N LEU A 36 -7.31 -3.24 -13.04
CA LEU A 36 -7.78 -4.43 -12.28
C LEU A 36 -8.88 -5.11 -13.09
N ASN A 37 -9.78 -4.35 -13.64
CA ASN A 37 -10.89 -4.93 -14.44
C ASN A 37 -10.32 -5.66 -15.66
N GLU A 38 -9.31 -5.10 -16.28
CA GLU A 38 -8.70 -5.73 -17.49
C GLU A 38 -7.97 -7.01 -17.08
N GLY A 39 -7.49 -7.10 -15.87
CA GLY A 39 -6.78 -8.34 -15.44
C GLY A 39 -5.27 -8.20 -15.68
N LYS A 40 -4.77 -7.01 -15.88
CA LYS A 40 -3.30 -6.84 -16.09
C LYS A 40 -2.71 -6.45 -14.74
N VAL A 41 -3.58 -6.34 -13.78
CA VAL A 41 -3.17 -5.96 -12.41
C VAL A 41 -3.89 -6.87 -11.41
N ARG A 42 -3.34 -7.02 -10.24
CA ARG A 42 -3.97 -7.87 -9.18
C ARG A 42 -4.36 -6.97 -8.02
N GLY A 43 -3.90 -5.75 -8.05
CA GLY A 43 -4.22 -4.79 -6.95
C GLY A 43 -2.96 -3.98 -6.66
N VAL A 44 -2.80 -3.49 -5.44
CA VAL A 44 -1.58 -2.69 -5.11
C VAL A 44 -0.87 -3.29 -3.91
N SER A 45 0.41 -3.52 -4.03
CA SER A 45 1.19 -4.10 -2.90
C SER A 45 1.66 -2.97 -1.99
N VAL A 46 1.52 -3.12 -0.70
CA VAL A 46 1.96 -2.07 0.26
C VAL A 46 2.82 -2.69 1.34
N SER A 47 3.96 -2.10 1.60
CA SER A 47 4.88 -2.62 2.66
C SER A 47 5.09 -1.50 3.67
N GLY A 48 5.31 -1.82 4.91
CA GLY A 48 5.50 -0.74 5.94
C GLY A 48 6.61 -1.11 6.93
N VAL A 49 7.35 -0.14 7.38
CA VAL A 49 8.45 -0.40 8.37
C VAL A 49 8.28 0.51 9.57
N PHE A 50 8.29 -0.04 10.76
CA PHE A 50 8.15 0.78 12.00
C PHE A 50 9.54 0.95 12.63
N TYR A 51 10.00 2.16 12.77
CA TYR A 51 11.35 2.40 13.38
C TYR A 51 11.20 2.68 14.87
N TYR A 52 11.89 1.95 15.70
CA TYR A 52 11.80 2.17 17.17
C TYR A 52 13.10 2.78 17.68
N ASN A 53 13.04 3.89 18.38
CA ASN A 53 14.29 4.52 18.91
C ASN A 53 15.16 3.44 19.55
N ASP A 54 14.58 2.31 19.85
CA ASP A 54 15.36 1.21 20.48
C ASP A 54 16.38 0.68 19.47
N GLY A 55 16.42 1.26 18.29
CA GLY A 55 17.41 0.82 17.27
C GLY A 55 16.96 -0.48 16.60
N THR A 56 15.67 -0.74 16.54
CA THR A 56 15.15 -1.99 15.90
C THR A 56 14.18 -1.63 14.78
N THR A 57 14.10 -2.45 13.76
CA THR A 57 13.16 -2.17 12.63
C THR A 57 12.36 -3.44 12.30
N SER A 58 11.07 -3.29 12.14
CA SER A 58 10.20 -4.45 11.78
C SER A 58 9.53 -4.14 10.44
N ASN A 59 9.36 -5.10 9.58
CA ASN A 59 8.71 -4.82 8.26
C ASN A 59 7.62 -5.85 8.00
N PHE A 60 6.45 -5.39 7.73
CA PHE A 60 5.30 -6.29 7.43
C PHE A 60 4.83 -6.00 6.02
N LYS A 61 4.73 -7.00 5.21
CA LYS A 61 4.28 -6.83 3.81
C LYS A 61 2.90 -7.45 3.66
N GLY A 62 2.09 -6.84 2.88
CA GLY A 62 0.72 -7.37 2.66
C GLY A 62 0.19 -6.83 1.33
N VAL A 63 -0.80 -7.47 0.77
CA VAL A 63 -1.36 -6.99 -0.53
C VAL A 63 -2.76 -6.44 -0.29
N VAL A 64 -2.99 -5.21 -0.68
CA VAL A 64 -4.32 -4.59 -0.46
C VAL A 64 -5.22 -4.86 -1.67
N THR A 65 -6.30 -5.54 -1.45
CA THR A 65 -7.26 -5.84 -2.54
C THR A 65 -8.65 -5.51 -2.00
N PRO A 66 -9.60 -5.14 -2.84
CA PRO A 66 -10.96 -4.79 -2.36
C PRO A 66 -11.50 -5.87 -1.41
N SER A 67 -10.79 -6.95 -1.24
CA SER A 67 -11.27 -8.03 -0.33
C SER A 67 -11.06 -7.62 1.15
N THR A 68 -9.85 -7.31 1.54
CA THR A 68 -9.60 -6.91 2.97
C THR A 68 -8.45 -5.89 3.04
N PRO A 69 -8.45 -5.02 4.03
CA PRO A 69 -7.37 -3.99 4.22
C PRO A 69 -6.15 -4.55 4.97
N VAL A 70 -5.05 -3.84 4.97
CA VAL A 70 -3.84 -4.31 5.69
C VAL A 70 -3.72 -3.52 7.01
N ASN A 71 -3.51 -4.21 8.11
CA ASN A 71 -3.45 -3.51 9.44
C ASN A 71 -1.99 -3.25 9.86
N THR A 72 -1.65 -2.00 10.12
CA THR A 72 -0.27 -1.67 10.59
C THR A 72 -0.29 -1.65 12.12
N ASN A 73 -1.43 -1.90 12.70
CA ASN A 73 -1.53 -1.89 14.18
C ASN A 73 -0.89 -3.16 14.74
N GLN A 74 0.33 -3.41 14.38
CA GLN A 74 1.01 -4.64 14.90
C GLN A 74 1.12 -4.51 16.42
N ASP A 75 2.18 -3.89 16.90
CA ASP A 75 2.35 -3.70 18.38
C ASP A 75 2.27 -2.21 18.71
N ILE A 76 1.10 -1.69 18.87
CA ILE A 76 0.94 -0.23 19.19
C ILE A 76 1.43 0.03 20.62
N ASN A 77 1.25 -0.93 21.48
CA ASN A 77 1.65 -0.74 22.90
C ASN A 77 3.16 -0.45 22.99
N LYS A 78 3.98 -1.22 22.31
CA LYS A 78 5.44 -0.94 22.39
C LYS A 78 5.69 0.45 21.77
N THR A 79 5.00 0.73 20.71
CA THR A 79 5.17 2.04 20.02
C THR A 79 4.82 3.16 20.99
N ASN A 80 3.80 3.01 21.77
CA ASN A 80 3.46 4.09 22.74
C ASN A 80 4.57 4.20 23.78
N LYS A 81 5.22 3.12 24.11
CA LYS A 81 6.29 3.20 25.15
C LYS A 81 7.50 3.96 24.61
N VAL A 82 7.92 3.69 23.39
CA VAL A 82 9.13 4.39 22.83
C VAL A 82 8.73 5.36 21.69
N GLY A 83 7.64 5.10 21.01
CA GLY A 83 7.21 6.01 19.92
C GLY A 83 7.95 5.63 18.63
N VAL A 84 7.46 6.10 17.51
CA VAL A 84 8.10 5.81 16.19
C VAL A 84 8.73 7.09 15.64
N GLN A 85 9.97 7.05 15.27
CA GLN A 85 10.64 8.28 14.76
C GLN A 85 10.30 8.52 13.28
N LYS A 86 10.73 7.64 12.41
CA LYS A 86 10.48 7.82 10.94
C LYS A 86 9.55 6.73 10.42
N TYR A 87 8.65 7.10 9.53
CA TYR A 87 7.68 6.12 8.93
C TYR A 87 7.89 6.07 7.40
N ARG A 88 8.00 4.90 6.83
CA ARG A 88 8.23 4.79 5.33
C ARG A 88 7.26 3.77 4.71
N ALA A 89 6.58 4.16 3.65
CA ALA A 89 5.61 3.23 2.96
C ALA A 89 6.01 3.05 1.49
N LEU A 90 5.94 1.84 0.97
CA LEU A 90 6.30 1.60 -0.46
C LEU A 90 5.08 1.02 -1.19
N THR A 91 4.77 1.54 -2.35
CA THR A 91 3.59 1.04 -3.13
C THR A 91 3.99 0.71 -4.57
N GLU A 92 3.69 -0.50 -4.99
CA GLU A 92 4.04 -0.93 -6.40
C GLU A 92 2.84 -1.62 -7.05
N TRP A 93 2.81 -1.68 -8.36
CA TRP A 93 1.67 -2.36 -9.04
C TRP A 93 1.86 -3.88 -8.93
N VAL A 94 0.80 -4.59 -8.63
CA VAL A 94 0.90 -6.07 -8.48
C VAL A 94 0.24 -6.75 -9.70
N GLY A 95 1.01 -7.53 -10.41
CA GLY A 95 0.47 -8.23 -11.62
C GLY A 95 1.57 -8.29 -12.68
N SER A 96 2.67 -8.93 -12.38
CA SER A 96 3.78 -9.03 -13.37
C SER A 96 3.35 -9.95 -14.53
N ARG A 97 3.85 -9.68 -15.71
CA ARG A 97 3.47 -10.54 -16.88
C ARG A 97 3.97 -11.97 -16.64
N SER A 98 3.16 -12.94 -16.93
CA SER A 98 3.58 -14.36 -16.72
C SER A 98 2.51 -15.30 -17.28
N GLY A 1 -1.00 5.40 -31.36
CA GLY A 1 -0.97 3.95 -30.88
C GLY A 1 0.05 3.52 -29.90
N GLY A 2 1.16 4.21 -29.82
CA GLY A 2 2.23 3.83 -28.86
C GLY A 2 2.05 4.60 -27.55
N SER A 3 1.08 5.48 -27.49
CA SER A 3 0.86 6.28 -26.25
C SER A 3 -0.49 5.88 -25.62
N GLY A 4 -0.48 5.50 -24.37
CA GLY A 4 -1.76 5.10 -23.71
C GLY A 4 -1.50 4.82 -22.23
N TRP A 5 -2.43 4.19 -21.56
CA TRP A 5 -2.25 3.88 -20.12
C TRP A 5 -1.26 2.74 -19.95
N ASN A 6 -0.19 2.99 -19.23
CA ASN A 6 0.84 1.94 -19.01
C ASN A 6 1.12 1.80 -17.51
N ALA A 7 0.19 2.19 -16.69
CA ALA A 7 0.39 2.10 -15.21
C ALA A 7 1.61 2.93 -14.82
N ASP A 8 2.24 3.58 -15.77
CA ASP A 8 3.45 4.41 -15.45
C ASP A 8 3.05 5.86 -15.19
N ASN A 9 1.95 6.31 -15.74
CA ASN A 9 1.54 7.74 -15.52
C ASN A 9 0.65 7.84 -14.29
N VAL A 10 0.47 6.76 -13.58
CA VAL A 10 -0.38 6.79 -12.35
C VAL A 10 0.46 6.43 -11.13
N ASP A 11 0.36 7.21 -10.08
CA ASP A 11 1.12 6.87 -8.86
C ASP A 11 0.30 5.82 -8.08
N PRO A 12 0.90 4.76 -7.60
CA PRO A 12 0.15 3.69 -6.86
C PRO A 12 -0.23 4.14 -5.45
N SER A 13 0.37 5.19 -4.97
CA SER A 13 0.05 5.68 -3.59
C SER A 13 -1.36 6.26 -3.55
N GLN A 14 -1.84 6.78 -4.64
CA GLN A 14 -3.22 7.37 -4.64
C GLN A 14 -4.26 6.24 -4.73
N CYS A 15 -3.82 5.04 -5.02
CA CYS A 15 -4.78 3.90 -5.13
C CYS A 15 -5.33 3.57 -3.73
N ILE A 16 -4.49 3.58 -2.72
CA ILE A 16 -4.95 3.28 -1.34
C ILE A 16 -4.66 4.48 -0.44
N LYS A 17 -5.55 4.78 0.48
CA LYS A 17 -5.35 5.97 1.39
C LYS A 17 -5.19 5.49 2.84
N GLN A 18 -4.41 6.19 3.61
CA GLN A 18 -4.21 5.79 5.03
C GLN A 18 -5.35 6.39 5.87
N SER A 19 -6.21 5.56 6.40
CA SER A 19 -7.32 6.07 7.25
C SER A 19 -6.98 5.81 8.72
N GLY A 20 -6.89 6.84 9.51
CA GLY A 20 -6.54 6.64 10.94
C GLY A 20 -5.27 5.80 11.04
N VAL A 21 -5.40 4.51 11.28
CA VAL A 21 -4.22 3.62 11.38
C VAL A 21 -4.42 2.40 10.47
N GLN A 22 -5.30 2.52 9.50
CA GLN A 22 -5.56 1.38 8.56
C GLN A 22 -5.49 1.86 7.10
N TYR A 23 -5.45 0.93 6.17
CA TYR A 23 -5.38 1.28 4.71
C TYR A 23 -6.55 0.61 3.98
N THR A 24 -7.10 1.26 2.97
CA THR A 24 -8.24 0.66 2.22
C THR A 24 -8.03 0.87 0.72
N TYR A 25 -8.60 0.00 -0.08
CA TYR A 25 -8.44 0.10 -1.56
C TYR A 25 -9.50 1.05 -2.13
N ASN A 26 -9.08 2.08 -2.82
CA ASN A 26 -10.04 3.05 -3.39
C ASN A 26 -10.49 2.60 -4.79
N SER A 27 -11.46 1.74 -4.86
CA SER A 27 -11.94 1.28 -6.21
C SER A 27 -12.87 2.34 -6.79
N GLY A 28 -13.17 3.36 -6.03
CA GLY A 28 -14.08 4.43 -6.52
C GLY A 28 -13.50 5.08 -7.78
N VAL A 29 -12.21 5.30 -7.82
CA VAL A 29 -11.61 5.91 -9.03
C VAL A 29 -11.60 4.89 -10.16
N SER A 30 -11.89 5.31 -11.36
CA SER A 30 -11.93 4.36 -12.51
C SER A 30 -10.51 3.87 -12.84
N VAL A 31 -9.51 4.64 -12.52
CA VAL A 31 -8.11 4.21 -12.85
C VAL A 31 -7.79 2.89 -12.15
N CYS A 32 -8.17 2.74 -10.91
CA CYS A 32 -7.86 1.47 -10.19
C CYS A 32 -8.53 0.27 -10.89
N MET A 33 -9.74 0.44 -11.35
CA MET A 33 -10.43 -0.70 -12.03
C MET A 33 -9.95 -0.80 -13.48
N GLN A 34 -9.28 0.19 -13.98
CA GLN A 34 -8.79 0.11 -15.39
C GLN A 34 -7.81 -1.07 -15.50
N GLY A 35 -6.96 -1.22 -14.52
CA GLY A 35 -5.97 -2.33 -14.55
C GLY A 35 -6.63 -3.65 -14.17
N LEU A 36 -7.40 -3.67 -13.10
CA LEU A 36 -8.07 -4.93 -12.70
C LEU A 36 -9.01 -5.41 -13.80
N ASN A 37 -9.73 -4.53 -14.40
CA ASN A 37 -10.68 -4.94 -15.49
C ASN A 37 -9.86 -5.48 -16.68
N GLU A 38 -8.76 -4.84 -16.98
CA GLU A 38 -7.93 -5.29 -18.12
C GLU A 38 -7.33 -6.67 -17.81
N GLY A 39 -7.09 -6.95 -16.55
CA GLY A 39 -6.51 -8.28 -16.18
C GLY A 39 -4.98 -8.23 -16.31
N LYS A 40 -4.43 -7.05 -16.27
CA LYS A 40 -2.94 -6.90 -16.37
C LYS A 40 -2.43 -6.52 -14.99
N VAL A 41 -3.34 -6.35 -14.07
CA VAL A 41 -2.97 -5.97 -12.68
C VAL A 41 -3.74 -6.84 -11.69
N ARG A 42 -3.27 -6.92 -10.48
CA ARG A 42 -3.96 -7.73 -9.43
C ARG A 42 -4.30 -6.80 -8.27
N GLY A 43 -3.82 -5.59 -8.32
CA GLY A 43 -4.08 -4.62 -7.21
C GLY A 43 -2.81 -3.81 -6.95
N VAL A 44 -2.61 -3.32 -5.75
CA VAL A 44 -1.36 -2.53 -5.44
C VAL A 44 -0.66 -3.12 -4.22
N SER A 45 0.61 -3.36 -4.32
CA SER A 45 1.36 -3.94 -3.16
C SER A 45 1.80 -2.80 -2.22
N VAL A 46 1.67 -3.00 -0.93
CA VAL A 46 2.10 -1.96 0.04
C VAL A 46 2.93 -2.61 1.13
N SER A 47 4.04 -2.00 1.47
CA SER A 47 4.93 -2.55 2.54
C SER A 47 5.07 -1.48 3.61
N GLY A 48 5.21 -1.88 4.85
CA GLY A 48 5.34 -0.87 5.95
C GLY A 48 6.44 -1.27 6.93
N VAL A 49 7.32 -0.35 7.24
CA VAL A 49 8.42 -0.63 8.20
C VAL A 49 8.30 0.34 9.37
N PHE A 50 8.29 -0.16 10.58
CA PHE A 50 8.18 0.73 11.77
C PHE A 50 9.56 0.78 12.43
N TYR A 51 10.16 1.94 12.47
CA TYR A 51 11.53 2.07 13.07
C TYR A 51 11.40 2.47 14.54
N TYR A 52 12.20 1.88 15.41
CA TYR A 52 12.14 2.23 16.87
C TYR A 52 13.50 2.74 17.32
N ASN A 53 13.52 3.79 18.11
CA ASN A 53 14.82 4.35 18.60
C ASN A 53 15.69 3.21 19.13
N ASP A 54 15.09 2.11 19.49
CA ASP A 54 15.88 0.96 20.02
C ASP A 54 16.75 0.39 18.91
N GLY A 55 16.68 0.96 17.74
CA GLY A 55 17.52 0.46 16.62
C GLY A 55 16.93 -0.84 16.06
N THR A 56 15.69 -1.12 16.35
CA THR A 56 15.04 -2.37 15.83
C THR A 56 13.98 -1.99 14.82
N THR A 57 13.67 -2.88 13.90
CA THR A 57 12.64 -2.55 12.87
C THR A 57 11.77 -3.78 12.60
N SER A 58 10.53 -3.52 12.28
CA SER A 58 9.58 -4.62 11.92
C SER A 58 9.15 -4.37 10.49
N ASN A 59 8.89 -5.39 9.72
CA ASN A 59 8.49 -5.16 8.30
C ASN A 59 7.37 -6.13 7.92
N PHE A 60 6.21 -5.60 7.61
CA PHE A 60 5.07 -6.46 7.19
C PHE A 60 4.72 -6.11 5.74
N LYS A 61 4.75 -7.08 4.87
CA LYS A 61 4.43 -6.84 3.45
C LYS A 61 3.13 -7.55 3.13
N GLY A 62 2.35 -6.99 2.27
CA GLY A 62 1.05 -7.61 1.92
C GLY A 62 0.49 -6.94 0.66
N VAL A 63 -0.65 -7.39 0.20
CA VAL A 63 -1.25 -6.80 -1.04
C VAL A 63 -2.62 -6.21 -0.71
N VAL A 64 -2.84 -4.96 -1.06
CA VAL A 64 -4.14 -4.30 -0.77
C VAL A 64 -5.11 -4.54 -1.92
N THR A 65 -6.21 -5.19 -1.65
CA THR A 65 -7.24 -5.44 -2.70
C THR A 65 -8.61 -5.20 -2.07
N PRO A 66 -9.60 -4.77 -2.83
CA PRO A 66 -10.96 -4.54 -2.26
C PRO A 66 -11.38 -5.68 -1.34
N SER A 67 -10.76 -6.82 -1.48
CA SER A 67 -11.13 -8.00 -0.63
C SER A 67 -10.71 -7.80 0.83
N THR A 68 -9.51 -7.34 1.09
CA THR A 68 -9.08 -7.15 2.51
C THR A 68 -8.09 -5.98 2.65
N PRO A 69 -8.18 -5.18 3.70
CA PRO A 69 -7.26 -4.03 3.95
C PRO A 69 -5.98 -4.45 4.69
N VAL A 70 -4.97 -3.61 4.70
CA VAL A 70 -3.70 -3.92 5.43
C VAL A 70 -3.57 -2.94 6.59
N ASN A 71 -3.36 -3.43 7.80
CA ASN A 71 -3.28 -2.53 8.99
C ASN A 71 -1.84 -2.33 9.46
N THR A 72 -1.49 -1.13 9.86
CA THR A 72 -0.12 -0.85 10.40
C THR A 72 -0.27 -0.58 11.89
N ASN A 73 -1.37 -1.02 12.45
CA ASN A 73 -1.60 -0.79 13.89
C ASN A 73 -0.67 -1.67 14.71
N GLN A 74 0.61 -1.57 14.48
CA GLN A 74 1.58 -2.39 15.26
C GLN A 74 1.25 -2.24 16.74
N ASP A 75 1.83 -3.03 17.60
CA ASP A 75 1.51 -2.90 19.04
C ASP A 75 1.86 -1.48 19.50
N ILE A 76 0.91 -0.77 20.06
CA ILE A 76 1.16 0.63 20.51
C ILE A 76 1.87 0.63 21.87
N ASN A 77 1.78 -0.43 22.63
CA ASN A 77 2.44 -0.43 23.97
C ASN A 77 3.95 -0.23 23.81
N LYS A 78 4.57 -0.94 22.91
CA LYS A 78 6.04 -0.76 22.72
C LYS A 78 6.28 0.67 22.21
N THR A 79 5.43 1.13 21.34
CA THR A 79 5.58 2.50 20.77
C THR A 79 5.52 3.53 21.91
N ASN A 80 4.59 3.38 22.80
CA ASN A 80 4.48 4.34 23.93
C ASN A 80 5.77 4.30 24.78
N LYS A 81 6.36 3.15 24.94
CA LYS A 81 7.58 3.05 25.78
C LYS A 81 8.78 3.73 25.09
N VAL A 82 8.99 3.49 23.81
CA VAL A 82 10.16 4.12 23.10
C VAL A 82 9.72 5.07 21.98
N GLY A 83 8.59 4.83 21.37
CA GLY A 83 8.12 5.75 20.29
C GLY A 83 8.66 5.29 18.93
N VAL A 84 8.00 5.70 17.87
CA VAL A 84 8.44 5.34 16.50
C VAL A 84 9.20 6.53 15.90
N GLN A 85 10.43 6.31 15.49
CA GLN A 85 11.23 7.45 14.95
C GLN A 85 10.82 7.79 13.51
N LYS A 86 11.02 6.89 12.57
CA LYS A 86 10.67 7.19 11.15
C LYS A 86 9.55 6.26 10.62
N TYR A 87 8.79 6.75 9.67
CA TYR A 87 7.69 5.94 9.05
C TYR A 87 7.99 5.83 7.54
N ARG A 88 7.93 4.64 6.97
CA ARG A 88 8.22 4.49 5.50
C ARG A 88 7.21 3.56 4.83
N ALA A 89 6.65 4.00 3.74
CA ALA A 89 5.66 3.16 2.99
C ALA A 89 6.11 3.03 1.53
N LEU A 90 6.04 1.84 0.98
CA LEU A 90 6.48 1.63 -0.45
C LEU A 90 5.26 1.10 -1.23
N THR A 91 4.95 1.71 -2.35
CA THR A 91 3.75 1.27 -3.15
C THR A 91 4.12 1.03 -4.63
N GLU A 92 3.90 -0.16 -5.10
CA GLU A 92 4.20 -0.51 -6.54
C GLU A 92 3.01 -1.26 -7.14
N TRP A 93 2.90 -1.29 -8.45
CA TRP A 93 1.77 -2.01 -9.09
C TRP A 93 2.00 -3.53 -8.98
N VAL A 94 0.96 -4.31 -8.79
CA VAL A 94 1.12 -5.80 -8.68
C VAL A 94 0.44 -6.46 -9.87
N GLY A 95 1.17 -7.25 -10.61
CA GLY A 95 0.60 -7.97 -11.79
C GLY A 95 1.29 -7.47 -13.07
N SER A 96 2.22 -6.56 -12.93
CA SER A 96 2.94 -6.03 -14.12
C SER A 96 4.25 -6.81 -14.30
N ARG A 97 4.60 -7.13 -15.51
CA ARG A 97 5.86 -7.89 -15.76
C ARG A 97 6.99 -6.92 -16.14
N SER A 98 8.06 -6.91 -15.39
CA SER A 98 9.18 -5.98 -15.70
C SER A 98 10.04 -6.57 -16.82
N GLY A 1 -1.10 2.41 -31.67
CA GLY A 1 -1.00 3.78 -31.00
C GLY A 1 0.22 4.14 -30.22
N GLY A 2 0.50 5.42 -30.11
CA GLY A 2 1.73 5.84 -29.35
C GLY A 2 1.40 5.90 -27.86
N SER A 3 0.75 6.95 -27.42
CA SER A 3 0.42 7.10 -25.97
C SER A 3 -0.76 6.17 -25.61
N GLY A 4 -0.87 5.79 -24.37
CA GLY A 4 -2.00 4.91 -23.94
C GLY A 4 -1.88 4.58 -22.45
N TRP A 5 -2.84 3.87 -21.90
CA TRP A 5 -2.77 3.52 -20.45
C TRP A 5 -1.79 2.37 -20.25
N ASN A 6 -0.72 2.64 -19.54
CA ASN A 6 0.29 1.59 -19.27
C ASN A 6 0.62 1.58 -17.78
N ALA A 7 -0.24 2.12 -17.00
CA ALA A 7 0.00 2.17 -15.52
C ALA A 7 1.34 2.85 -15.25
N ASP A 8 1.89 3.50 -16.24
CA ASP A 8 3.20 4.20 -16.05
C ASP A 8 2.97 5.67 -15.67
N ASN A 9 1.86 6.24 -16.10
CA ASN A 9 1.59 7.66 -15.78
C ASN A 9 0.79 7.74 -14.48
N VAL A 10 0.51 6.61 -13.88
CA VAL A 10 -0.28 6.60 -12.60
C VAL A 10 0.63 6.22 -11.44
N ASP A 11 0.65 7.00 -10.40
CA ASP A 11 1.49 6.64 -9.22
C ASP A 11 0.64 5.73 -8.33
N PRO A 12 1.16 4.62 -7.86
CA PRO A 12 0.37 3.69 -7.00
C PRO A 12 0.16 4.23 -5.58
N SER A 13 0.91 5.25 -5.21
CA SER A 13 0.76 5.82 -3.85
C SER A 13 -0.66 6.38 -3.66
N GLN A 14 -1.20 7.01 -4.66
CA GLN A 14 -2.57 7.59 -4.52
C GLN A 14 -3.64 6.51 -4.73
N CYS A 15 -3.25 5.36 -5.22
CA CYS A 15 -4.24 4.26 -5.43
C CYS A 15 -4.71 3.74 -4.06
N ILE A 16 -3.85 3.81 -3.06
CA ILE A 16 -4.21 3.34 -1.69
C ILE A 16 -4.03 4.50 -0.71
N LYS A 17 -4.93 4.63 0.24
CA LYS A 17 -4.83 5.75 1.23
C LYS A 17 -4.82 5.16 2.64
N GLN A 18 -4.06 5.75 3.54
CA GLN A 18 -4.02 5.21 4.93
C GLN A 18 -5.15 5.85 5.75
N SER A 19 -5.90 5.04 6.44
CA SER A 19 -7.03 5.57 7.29
C SER A 19 -6.76 5.20 8.75
N GLY A 20 -6.81 6.14 9.63
CA GLY A 20 -6.55 5.84 11.07
C GLY A 20 -5.31 4.95 11.19
N VAL A 21 -5.49 3.69 11.49
CA VAL A 21 -4.33 2.74 11.63
C VAL A 21 -4.49 1.58 10.65
N GLN A 22 -5.30 1.74 9.62
CA GLN A 22 -5.49 0.64 8.62
C GLN A 22 -5.33 1.18 7.20
N TYR A 23 -5.18 0.29 6.25
CA TYR A 23 -5.01 0.69 4.82
C TYR A 23 -6.18 0.14 4.00
N THR A 24 -6.67 0.90 3.07
CA THR A 24 -7.80 0.42 2.21
C THR A 24 -7.56 0.87 0.76
N TYR A 25 -8.06 0.12 -0.18
CA TYR A 25 -7.85 0.47 -1.60
C TYR A 25 -8.83 1.59 -2.00
N ASN A 26 -8.34 2.64 -2.59
CA ASN A 26 -9.23 3.76 -3.00
C ASN A 26 -9.81 3.46 -4.38
N SER A 27 -10.86 2.69 -4.44
CA SER A 27 -11.46 2.36 -5.77
C SER A 27 -12.32 3.54 -6.23
N GLY A 28 -12.47 4.54 -5.41
CA GLY A 28 -13.29 5.71 -5.81
C GLY A 28 -12.84 6.22 -7.18
N VAL A 29 -11.72 5.74 -7.66
CA VAL A 29 -11.21 6.18 -9.00
C VAL A 29 -11.36 5.01 -9.99
N SER A 30 -11.99 5.25 -11.10
CA SER A 30 -12.19 4.16 -12.10
C SER A 30 -10.84 3.79 -12.76
N VAL A 31 -9.93 4.71 -12.82
CA VAL A 31 -8.62 4.42 -13.50
C VAL A 31 -7.90 3.26 -12.79
N CYS A 32 -7.92 3.19 -11.49
CA CYS A 32 -7.21 2.07 -10.81
C CYS A 32 -7.89 0.74 -11.13
N MET A 33 -9.20 0.72 -11.16
CA MET A 33 -9.91 -0.56 -11.48
C MET A 33 -9.92 -0.77 -12.98
N GLN A 34 -9.54 0.22 -13.74
CA GLN A 34 -9.52 0.06 -15.22
C GLN A 34 -8.55 -1.07 -15.57
N GLY A 35 -7.44 -1.12 -14.88
CA GLY A 35 -6.45 -2.20 -15.15
C GLY A 35 -6.87 -3.48 -14.43
N LEU A 36 -7.17 -3.40 -13.16
CA LEU A 36 -7.58 -4.65 -12.42
C LEU A 36 -8.84 -5.24 -13.07
N ASN A 37 -9.78 -4.42 -13.44
CA ASN A 37 -11.03 -4.95 -14.08
C ASN A 37 -10.66 -5.69 -15.36
N GLU A 38 -9.74 -5.17 -16.11
CA GLU A 38 -9.35 -5.83 -17.39
C GLU A 38 -8.42 -7.00 -17.09
N GLY A 39 -8.02 -7.16 -15.85
CA GLY A 39 -7.14 -8.31 -15.51
C GLY A 39 -5.68 -7.99 -15.88
N LYS A 40 -5.31 -6.74 -15.87
CA LYS A 40 -3.90 -6.37 -16.21
C LYS A 40 -3.21 -6.02 -14.90
N VAL A 41 -3.99 -5.94 -13.86
CA VAL A 41 -3.44 -5.62 -12.51
C VAL A 41 -4.12 -6.54 -11.50
N ARG A 42 -3.53 -6.69 -10.36
CA ARG A 42 -4.09 -7.57 -9.30
C ARG A 42 -4.30 -6.72 -8.04
N GLY A 43 -3.82 -5.51 -8.06
CA GLY A 43 -3.98 -4.59 -6.87
C GLY A 43 -2.66 -3.84 -6.66
N VAL A 44 -2.45 -3.30 -5.49
CA VAL A 44 -1.18 -2.55 -5.21
C VAL A 44 -0.48 -3.19 -4.00
N SER A 45 0.79 -3.48 -4.12
CA SER A 45 1.52 -4.09 -2.97
C SER A 45 2.02 -2.97 -2.07
N VAL A 46 1.89 -3.12 -0.78
CA VAL A 46 2.36 -2.07 0.15
C VAL A 46 3.19 -2.71 1.27
N SER A 47 4.33 -2.13 1.56
CA SER A 47 5.21 -2.66 2.65
C SER A 47 5.42 -1.55 3.65
N GLY A 48 5.46 -1.87 4.92
CA GLY A 48 5.64 -0.81 5.96
C GLY A 48 6.74 -1.20 6.96
N VAL A 49 7.50 -0.22 7.40
CA VAL A 49 8.59 -0.48 8.39
C VAL A 49 8.42 0.45 9.59
N PHE A 50 8.45 -0.09 10.78
CA PHE A 50 8.30 0.74 12.01
C PHE A 50 9.68 0.90 12.65
N TYR A 51 10.15 2.12 12.78
CA TYR A 51 11.50 2.36 13.39
C TYR A 51 11.33 2.69 14.88
N TYR A 52 11.97 1.94 15.73
CA TYR A 52 11.87 2.18 17.20
C TYR A 52 13.19 2.74 17.72
N ASN A 53 13.15 3.84 18.42
CA ASN A 53 14.41 4.43 18.98
C ASN A 53 15.25 3.32 19.62
N ASP A 54 14.64 2.21 19.90
CA ASP A 54 15.38 1.09 20.53
C ASP A 54 16.40 0.54 19.52
N GLY A 55 16.47 1.15 18.36
CA GLY A 55 17.46 0.69 17.34
C GLY A 55 16.97 -0.61 16.69
N THR A 56 15.68 -0.87 16.73
CA THR A 56 15.13 -2.12 16.12
C THR A 56 14.10 -1.77 15.05
N THR A 57 13.97 -2.60 14.05
CA THR A 57 12.98 -2.33 12.97
C THR A 57 12.19 -3.59 12.65
N SER A 58 10.90 -3.44 12.46
CA SER A 58 10.02 -4.59 12.10
C SER A 58 9.39 -4.27 10.75
N ASN A 59 9.20 -5.25 9.88
CA ASN A 59 8.59 -4.94 8.56
C ASN A 59 7.51 -5.96 8.23
N PHE A 60 6.37 -5.48 7.86
CA PHE A 60 5.24 -6.38 7.48
C PHE A 60 4.91 -6.11 6.02
N LYS A 61 4.85 -7.14 5.23
CA LYS A 61 4.54 -6.99 3.79
C LYS A 61 3.19 -7.64 3.52
N GLY A 62 2.42 -7.05 2.66
CA GLY A 62 1.09 -7.62 2.33
C GLY A 62 0.55 -6.96 1.06
N VAL A 63 -0.53 -7.47 0.51
CA VAL A 63 -1.12 -6.88 -0.74
C VAL A 63 -2.49 -6.28 -0.43
N VAL A 64 -2.70 -5.03 -0.77
CA VAL A 64 -4.01 -4.38 -0.47
C VAL A 64 -4.91 -4.45 -1.72
N THR A 65 -6.03 -5.12 -1.61
CA THR A 65 -7.00 -5.23 -2.76
C THR A 65 -8.38 -4.78 -2.28
N PRO A 66 -9.20 -4.23 -3.15
CA PRO A 66 -10.57 -3.78 -2.77
C PRO A 66 -11.25 -4.71 -1.76
N SER A 67 -10.83 -5.95 -1.69
CA SER A 67 -11.47 -6.93 -0.75
C SER A 67 -10.50 -7.36 0.36
N THR A 68 -9.23 -7.14 0.21
CA THR A 68 -8.24 -7.57 1.25
C THR A 68 -7.48 -6.35 1.80
N PRO A 69 -7.78 -5.91 3.01
CA PRO A 69 -7.08 -4.75 3.64
C PRO A 69 -5.86 -5.19 4.48
N VAL A 70 -4.98 -4.26 4.80
CA VAL A 70 -3.77 -4.58 5.62
C VAL A 70 -3.71 -3.63 6.81
N ASN A 71 -3.54 -4.14 8.01
CA ASN A 71 -3.52 -3.25 9.21
C ASN A 71 -2.09 -2.97 9.70
N THR A 72 -1.79 -1.72 9.96
CA THR A 72 -0.43 -1.36 10.48
C THR A 72 -0.59 -1.04 11.97
N ASN A 73 -1.66 -1.52 12.55
CA ASN A 73 -1.92 -1.26 13.99
C ASN A 73 -0.88 -1.97 14.84
N GLN A 74 0.38 -1.73 14.58
CA GLN A 74 1.43 -2.40 15.38
C GLN A 74 1.09 -2.25 16.88
N ASP A 75 1.74 -2.97 17.73
CA ASP A 75 1.41 -2.87 19.18
C ASP A 75 1.58 -1.41 19.63
N ILE A 76 0.51 -0.81 20.07
CA ILE A 76 0.56 0.61 20.53
C ILE A 76 1.35 0.70 21.83
N ASN A 77 1.18 -0.25 22.71
CA ASN A 77 1.94 -0.18 23.99
C ASN A 77 3.42 -0.10 23.64
N LYS A 78 3.85 -0.87 22.68
CA LYS A 78 5.28 -0.81 22.26
C LYS A 78 5.58 0.59 21.73
N THR A 79 4.77 1.07 20.84
CA THR A 79 4.99 2.43 20.25
C THR A 79 4.81 3.51 21.32
N ASN A 80 3.81 3.40 22.15
CA ASN A 80 3.60 4.43 23.19
C ASN A 80 4.80 4.51 24.15
N LYS A 81 5.44 3.41 24.41
CA LYS A 81 6.60 3.45 25.36
C LYS A 81 7.80 4.16 24.73
N VAL A 82 8.10 3.87 23.49
CA VAL A 82 9.30 4.49 22.83
C VAL A 82 8.90 5.39 21.67
N GLY A 83 7.79 5.13 21.03
CA GLY A 83 7.36 6.01 19.90
C GLY A 83 8.03 5.58 18.61
N VAL A 84 7.53 6.08 17.51
CA VAL A 84 8.11 5.75 16.17
C VAL A 84 8.77 7.02 15.61
N GLN A 85 10.03 6.93 15.26
CA GLN A 85 10.73 8.13 14.72
C GLN A 85 10.42 8.33 13.23
N LYS A 86 10.82 7.42 12.38
CA LYS A 86 10.57 7.58 10.90
C LYS A 86 9.60 6.50 10.38
N TYR A 87 8.74 6.88 9.44
CA TYR A 87 7.76 5.89 8.85
C TYR A 87 8.01 5.81 7.34
N ARG A 88 8.05 4.63 6.78
CA ARG A 88 8.31 4.51 5.30
C ARG A 88 7.37 3.49 4.66
N ALA A 89 6.71 3.87 3.59
CA ALA A 89 5.78 2.94 2.87
C ALA A 89 6.19 2.84 1.39
N LEU A 90 6.27 1.63 0.86
CA LEU A 90 6.64 1.45 -0.58
C LEU A 90 5.39 0.99 -1.35
N THR A 91 5.07 1.65 -2.44
CA THR A 91 3.85 1.25 -3.23
C THR A 91 4.22 0.95 -4.69
N GLU A 92 3.93 -0.26 -5.13
CA GLU A 92 4.25 -0.66 -6.54
C GLU A 92 3.04 -1.37 -7.18
N TRP A 93 2.89 -1.28 -8.48
CA TRP A 93 1.75 -1.97 -9.15
C TRP A 93 1.95 -3.49 -9.03
N VAL A 94 0.89 -4.22 -8.82
CA VAL A 94 0.99 -5.72 -8.67
C VAL A 94 0.17 -6.40 -9.77
N GLY A 95 0.76 -7.36 -10.45
CA GLY A 95 0.03 -8.10 -11.53
C GLY A 95 0.68 -7.81 -12.89
N SER A 96 1.71 -7.02 -12.89
CA SER A 96 2.40 -6.71 -14.18
C SER A 96 3.42 -7.80 -14.47
N ARG A 97 3.26 -8.52 -15.54
CA ARG A 97 4.23 -9.61 -15.87
C ARG A 97 5.39 -9.03 -16.68
N SER A 98 6.59 -9.48 -16.41
CA SER A 98 7.76 -8.94 -17.16
C SER A 98 8.94 -9.91 -17.02
N GLY A 1 -4.31 -4.77 -30.53
CA GLY A 1 -5.34 -3.65 -30.44
C GLY A 1 -5.97 -3.34 -29.13
N GLY A 2 -6.49 -2.14 -28.98
CA GLY A 2 -7.14 -1.77 -27.68
C GLY A 2 -6.09 -1.15 -26.75
N SER A 3 -4.84 -1.24 -27.12
CA SER A 3 -3.77 -0.65 -26.26
C SER A 3 -3.99 0.85 -26.12
N GLY A 4 -3.71 1.41 -24.98
CA GLY A 4 -3.91 2.87 -24.81
C GLY A 4 -3.55 3.29 -23.38
N TRP A 5 -4.41 3.02 -22.44
CA TRP A 5 -4.11 3.40 -21.02
C TRP A 5 -2.83 2.70 -20.57
N ASN A 6 -2.03 3.43 -19.84
CA ASN A 6 -0.79 2.85 -19.29
C ASN A 6 -0.68 3.25 -17.81
N ALA A 7 -0.53 2.30 -16.93
CA ALA A 7 -0.41 2.63 -15.49
C ALA A 7 0.87 3.45 -15.27
N ASP A 8 1.54 3.80 -16.34
CA ASP A 8 2.81 4.58 -16.22
C ASP A 8 2.50 6.03 -15.82
N ASN A 9 1.30 6.50 -16.03
CA ASN A 9 0.97 7.91 -15.67
C ASN A 9 0.24 7.95 -14.33
N VAL A 10 0.14 6.82 -13.67
CA VAL A 10 -0.56 6.77 -12.35
C VAL A 10 0.41 6.32 -11.26
N ASP A 11 0.47 7.03 -10.17
CA ASP A 11 1.37 6.60 -9.06
C ASP A 11 0.62 5.55 -8.23
N PRO A 12 1.28 4.50 -7.77
CA PRO A 12 0.61 3.45 -6.96
C PRO A 12 0.25 3.94 -5.54
N SER A 13 0.92 4.96 -5.08
CA SER A 13 0.63 5.49 -3.72
C SER A 13 -0.75 6.17 -3.71
N GLN A 14 -1.08 6.86 -4.77
CA GLN A 14 -2.40 7.55 -4.83
C GLN A 14 -3.52 6.51 -4.96
N CYS A 15 -3.21 5.35 -5.47
CA CYS A 15 -4.25 4.29 -5.62
C CYS A 15 -4.69 3.79 -4.24
N ILE A 16 -3.82 3.86 -3.26
CA ILE A 16 -4.18 3.39 -1.88
C ILE A 16 -4.12 4.58 -0.92
N LYS A 17 -5.07 4.67 -0.02
CA LYS A 17 -5.10 5.80 0.96
C LYS A 17 -4.97 5.26 2.39
N GLN A 18 -4.35 6.02 3.25
CA GLN A 18 -4.18 5.58 4.67
C GLN A 18 -5.24 6.24 5.55
N SER A 19 -6.10 5.45 6.15
CA SER A 19 -7.15 6.03 7.05
C SER A 19 -6.82 5.64 8.48
N GLY A 20 -6.60 6.61 9.33
CA GLY A 20 -6.26 6.28 10.74
C GLY A 20 -5.03 5.36 10.75
N VAL A 21 -5.25 4.07 10.76
CA VAL A 21 -4.10 3.10 10.75
C VAL A 21 -4.42 1.92 9.84
N GLN A 22 -5.20 2.14 8.81
CA GLN A 22 -5.57 1.03 7.88
C GLN A 22 -5.28 1.42 6.42
N TYR A 23 -5.12 0.44 5.58
CA TYR A 23 -4.84 0.69 4.13
C TYR A 23 -5.98 0.08 3.31
N THR A 24 -6.50 0.79 2.35
CA THR A 24 -7.61 0.23 1.52
C THR A 24 -7.41 0.62 0.05
N TYR A 25 -7.88 -0.21 -0.84
CA TYR A 25 -7.73 0.09 -2.29
C TYR A 25 -8.80 1.12 -2.68
N ASN A 26 -8.40 2.20 -3.30
CA ASN A 26 -9.41 3.23 -3.69
C ASN A 26 -10.06 2.84 -5.01
N SER A 27 -11.04 1.98 -4.97
CA SER A 27 -11.73 1.56 -6.23
C SER A 27 -12.70 2.66 -6.64
N GLY A 28 -12.87 3.66 -5.82
CA GLY A 28 -13.82 4.76 -6.16
C GLY A 28 -13.42 5.41 -7.47
N VAL A 29 -12.14 5.54 -7.73
CA VAL A 29 -11.70 6.17 -9.01
C VAL A 29 -11.67 5.10 -10.12
N SER A 30 -12.24 5.42 -11.25
CA SER A 30 -12.29 4.46 -12.39
C SER A 30 -10.88 4.04 -12.84
N VAL A 31 -9.94 4.96 -12.88
CA VAL A 31 -8.58 4.60 -13.37
C VAL A 31 -7.97 3.46 -12.56
N CYS A 32 -8.09 3.46 -11.26
CA CYS A 32 -7.50 2.35 -10.47
C CYS A 32 -8.24 1.05 -10.78
N MET A 33 -9.54 1.11 -10.91
CA MET A 33 -10.31 -0.12 -11.21
C MET A 33 -10.19 -0.40 -12.72
N GLN A 34 -9.70 0.55 -13.46
CA GLN A 34 -9.53 0.34 -14.93
C GLN A 34 -8.50 -0.76 -15.15
N GLY A 35 -7.45 -0.77 -14.37
CA GLY A 35 -6.41 -1.82 -14.53
C GLY A 35 -6.93 -3.14 -13.95
N LEU A 36 -7.50 -3.11 -12.78
CA LEU A 36 -8.02 -4.37 -12.18
C LEU A 36 -9.09 -4.99 -13.09
N ASN A 37 -10.06 -4.22 -13.51
CA ASN A 37 -11.12 -4.76 -14.40
C ASN A 37 -10.50 -5.28 -15.71
N GLU A 38 -9.55 -4.55 -16.24
CA GLU A 38 -8.91 -4.98 -17.51
C GLU A 38 -8.18 -6.31 -17.29
N GLY A 39 -7.70 -6.55 -16.10
CA GLY A 39 -7.00 -7.84 -15.82
C GLY A 39 -5.48 -7.70 -16.07
N LYS A 40 -4.95 -6.52 -15.94
CA LYS A 40 -3.48 -6.31 -16.15
C LYS A 40 -2.87 -5.99 -14.79
N VAL A 41 -3.70 -5.92 -13.79
CA VAL A 41 -3.23 -5.62 -12.42
C VAL A 41 -3.88 -6.60 -11.44
N ARG A 42 -3.29 -6.73 -10.29
CA ARG A 42 -3.83 -7.65 -9.24
C ARG A 42 -4.04 -6.85 -7.96
N GLY A 43 -3.61 -5.61 -7.97
CA GLY A 43 -3.75 -4.74 -6.75
C GLY A 43 -2.43 -4.01 -6.51
N VAL A 44 -2.22 -3.44 -5.34
CA VAL A 44 -0.92 -2.72 -5.07
C VAL A 44 -0.20 -3.36 -3.88
N SER A 45 1.06 -3.66 -4.04
CA SER A 45 1.83 -4.27 -2.92
C SER A 45 2.24 -3.16 -1.96
N VAL A 46 2.06 -3.37 -0.68
CA VAL A 46 2.44 -2.33 0.33
C VAL A 46 3.30 -2.94 1.42
N SER A 47 4.41 -2.31 1.73
CA SER A 47 5.32 -2.81 2.79
C SER A 47 5.47 -1.71 3.83
N GLY A 48 5.63 -2.05 5.07
CA GLY A 48 5.77 -0.97 6.12
C GLY A 48 6.79 -1.39 7.19
N VAL A 49 7.64 -0.46 7.57
CA VAL A 49 8.66 -0.75 8.63
C VAL A 49 8.50 0.29 9.77
N PHE A 50 8.49 -0.17 10.99
CA PHE A 50 8.32 0.75 12.16
C PHE A 50 9.65 0.82 12.94
N TYR A 51 10.20 1.99 13.14
CA TYR A 51 11.49 2.09 13.92
C TYR A 51 11.17 2.40 15.38
N TYR A 52 11.67 1.60 16.29
CA TYR A 52 11.43 1.85 17.75
C TYR A 52 12.75 2.27 18.39
N ASN A 53 12.75 3.33 19.16
CA ASN A 53 14.02 3.77 19.79
C ASN A 53 14.60 2.58 20.55
N ASP A 54 13.80 1.57 20.75
CA ASP A 54 14.28 0.38 21.47
C ASP A 54 15.31 -0.33 20.58
N GLY A 55 15.49 0.16 19.39
CA GLY A 55 16.47 -0.47 18.45
C GLY A 55 15.83 -1.67 17.77
N THR A 56 14.53 -1.82 17.88
CA THR A 56 13.84 -2.98 17.24
C THR A 56 12.97 -2.50 16.08
N THR A 57 12.63 -3.38 15.18
CA THR A 57 11.79 -2.98 14.01
C THR A 57 10.77 -4.07 13.68
N SER A 58 9.60 -3.66 13.27
CA SER A 58 8.54 -4.62 12.88
C SER A 58 8.29 -4.40 11.39
N ASN A 59 8.30 -5.45 10.60
CA ASN A 59 8.08 -5.26 9.12
C ASN A 59 7.01 -6.22 8.64
N PHE A 60 5.91 -5.70 8.15
CA PHE A 60 4.83 -6.58 7.62
C PHE A 60 4.66 -6.28 6.13
N LYS A 61 4.84 -7.28 5.30
CA LYS A 61 4.69 -7.10 3.84
C LYS A 61 3.43 -7.84 3.43
N GLY A 62 2.72 -7.32 2.49
CA GLY A 62 1.47 -8.00 2.04
C GLY A 62 0.90 -7.27 0.83
N VAL A 63 -0.25 -7.69 0.37
CA VAL A 63 -0.89 -7.04 -0.83
C VAL A 63 -2.25 -6.48 -0.44
N VAL A 64 -2.52 -5.24 -0.76
CA VAL A 64 -3.85 -4.64 -0.40
C VAL A 64 -4.78 -4.71 -1.62
N THR A 65 -5.93 -5.32 -1.44
CA THR A 65 -6.92 -5.43 -2.55
C THR A 65 -8.31 -5.09 -2.00
N PRO A 66 -9.20 -4.55 -2.81
CA PRO A 66 -10.56 -4.18 -2.35
C PRO A 66 -11.19 -5.23 -1.41
N SER A 67 -10.74 -6.47 -1.50
CA SER A 67 -11.33 -7.54 -0.63
C SER A 67 -10.38 -7.88 0.53
N THR A 68 -9.11 -7.60 0.40
CA THR A 68 -8.14 -7.92 1.50
C THR A 68 -7.40 -6.63 1.93
N PRO A 69 -7.70 -6.07 3.09
CA PRO A 69 -7.01 -4.85 3.59
C PRO A 69 -5.76 -5.17 4.42
N VAL A 70 -4.90 -4.20 4.62
CA VAL A 70 -3.66 -4.42 5.43
C VAL A 70 -3.68 -3.47 6.64
N ASN A 71 -3.50 -3.99 7.83
CA ASN A 71 -3.54 -3.12 9.05
C ASN A 71 -2.12 -2.87 9.58
N THR A 72 -1.77 -1.64 9.85
CA THR A 72 -0.41 -1.34 10.40
C THR A 72 -0.56 -1.21 11.92
N ASN A 73 -1.70 -1.58 12.44
CA ASN A 73 -1.93 -1.47 13.90
C ASN A 73 -1.20 -2.60 14.63
N GLN A 74 0.08 -2.70 14.44
CA GLN A 74 0.85 -3.76 15.14
C GLN A 74 0.76 -3.48 16.64
N ASP A 75 1.70 -3.95 17.41
CA ASP A 75 1.63 -3.66 18.87
C ASP A 75 2.00 -2.20 19.10
N ILE A 76 1.01 -1.37 19.31
CA ILE A 76 1.27 0.09 19.53
C ILE A 76 1.71 0.32 20.97
N ASN A 77 1.60 -0.67 21.81
CA ASN A 77 2.00 -0.47 23.23
C ASN A 77 3.47 -0.04 23.29
N LYS A 78 4.33 -0.67 22.54
CA LYS A 78 5.76 -0.26 22.58
C LYS A 78 5.92 1.12 21.92
N THR A 79 5.22 1.37 20.85
CA THR A 79 5.34 2.70 20.18
C THR A 79 4.94 3.79 21.19
N ASN A 80 3.84 3.61 21.86
CA ASN A 80 3.43 4.62 22.87
C ASN A 80 4.52 4.71 23.93
N LYS A 81 5.14 3.61 24.24
CA LYS A 81 6.21 3.61 25.28
C LYS A 81 7.40 4.47 24.85
N VAL A 82 7.93 4.25 23.66
CA VAL A 82 9.13 5.04 23.20
C VAL A 82 8.80 5.91 21.97
N GLY A 83 7.84 5.53 21.17
CA GLY A 83 7.49 6.35 19.98
C GLY A 83 8.25 5.86 18.75
N VAL A 84 7.83 6.31 17.59
CA VAL A 84 8.49 5.91 16.30
C VAL A 84 9.23 7.12 15.72
N GLN A 85 10.47 6.96 15.35
CA GLN A 85 11.22 8.10 14.78
C GLN A 85 10.87 8.30 13.30
N LYS A 86 11.23 7.35 12.45
CA LYS A 86 10.95 7.48 10.98
C LYS A 86 9.97 6.39 10.50
N TYR A 87 9.05 6.77 9.64
CA TYR A 87 8.07 5.79 9.07
C TYR A 87 8.19 5.78 7.53
N ARG A 88 8.24 4.62 6.92
CA ARG A 88 8.37 4.57 5.41
C ARG A 88 7.46 3.47 4.82
N ALA A 89 6.75 3.82 3.79
CA ALA A 89 5.83 2.87 3.09
C ALA A 89 6.19 2.79 1.60
N LEU A 90 6.22 1.60 1.04
CA LEU A 90 6.56 1.44 -0.43
C LEU A 90 5.33 0.91 -1.17
N THR A 91 4.98 1.51 -2.29
CA THR A 91 3.78 1.05 -3.07
C THR A 91 4.17 0.79 -4.54
N GLU A 92 3.89 -0.40 -5.02
CA GLU A 92 4.22 -0.76 -6.44
C GLU A 92 3.02 -1.43 -7.11
N TRP A 93 2.90 -1.30 -8.41
CA TRP A 93 1.76 -1.96 -9.12
C TRP A 93 1.99 -3.49 -9.13
N VAL A 94 0.94 -4.27 -8.95
CA VAL A 94 1.08 -5.76 -8.94
C VAL A 94 0.29 -6.36 -10.11
N GLY A 95 0.93 -7.13 -10.95
CA GLY A 95 0.20 -7.74 -12.09
C GLY A 95 1.13 -8.72 -12.82
N SER A 96 1.80 -9.58 -12.10
CA SER A 96 2.71 -10.56 -12.76
C SER A 96 1.89 -11.73 -13.32
N ARG A 97 2.30 -12.26 -14.43
CA ARG A 97 1.55 -13.41 -15.04
C ARG A 97 2.08 -14.72 -14.46
N SER A 98 3.25 -14.70 -13.87
CA SER A 98 3.82 -15.94 -13.29
C SER A 98 3.26 -16.15 -11.88
N GLY A 1 -8.53 7.96 -22.70
CA GLY A 1 -9.25 8.43 -23.96
C GLY A 1 -8.59 8.27 -25.28
N GLY A 2 -7.29 8.35 -25.33
CA GLY A 2 -6.56 8.19 -26.63
C GLY A 2 -5.22 7.52 -26.39
N SER A 3 -4.41 8.07 -25.52
CA SER A 3 -3.07 7.48 -25.24
C SER A 3 -3.26 6.14 -24.53
N GLY A 4 -2.49 5.16 -24.89
CA GLY A 4 -2.62 3.82 -24.25
C GLY A 4 -2.35 3.92 -22.75
N TRP A 5 -3.09 3.19 -21.96
CA TRP A 5 -2.89 3.22 -20.48
C TRP A 5 -1.83 2.19 -20.10
N ASN A 6 -0.85 2.59 -19.32
CA ASN A 6 0.22 1.63 -18.90
C ASN A 6 0.40 1.71 -17.40
N ALA A 7 -0.51 2.33 -16.73
CA ALA A 7 -0.40 2.44 -15.24
C ALA A 7 0.92 3.14 -14.88
N ASP A 8 1.68 3.54 -15.87
CA ASP A 8 2.99 4.21 -15.59
C ASP A 8 2.78 5.70 -15.34
N ASN A 9 1.74 6.27 -15.87
CA ASN A 9 1.49 7.72 -15.68
C ASN A 9 0.71 7.96 -14.37
N VAL A 10 0.42 6.91 -13.65
CA VAL A 10 -0.33 7.04 -12.37
C VAL A 10 0.54 6.55 -11.21
N ASP A 11 0.71 7.36 -10.21
CA ASP A 11 1.52 6.90 -9.04
C ASP A 11 0.63 5.98 -8.21
N PRO A 12 1.15 4.90 -7.67
CA PRO A 12 0.33 3.95 -6.86
C PRO A 12 0.03 4.52 -5.47
N SER A 13 0.73 5.56 -5.09
CA SER A 13 0.51 6.16 -3.74
C SER A 13 -0.93 6.68 -3.61
N GLN A 14 -1.47 7.27 -4.63
CA GLN A 14 -2.86 7.80 -4.52
C GLN A 14 -3.86 6.66 -4.76
N CYS A 15 -3.40 5.53 -5.19
CA CYS A 15 -4.33 4.38 -5.42
C CYS A 15 -4.81 3.85 -4.07
N ILE A 16 -3.99 3.94 -3.04
CA ILE A 16 -4.39 3.45 -1.69
C ILE A 16 -4.27 4.58 -0.67
N LYS A 17 -5.06 4.55 0.37
CA LYS A 17 -5.00 5.62 1.41
C LYS A 17 -4.91 4.98 2.80
N GLN A 18 -4.24 5.63 3.73
CA GLN A 18 -4.11 5.05 5.11
C GLN A 18 -5.11 5.75 6.04
N SER A 19 -5.94 4.97 6.70
CA SER A 19 -6.93 5.56 7.66
C SER A 19 -6.54 5.13 9.08
N GLY A 20 -6.30 6.07 9.96
CA GLY A 20 -5.89 5.68 11.34
C GLY A 20 -4.72 4.70 11.25
N VAL A 21 -5.01 3.41 11.23
CA VAL A 21 -3.92 2.38 11.13
C VAL A 21 -4.35 1.29 10.16
N GLN A 22 -5.14 1.64 9.17
CA GLN A 22 -5.62 0.63 8.18
C GLN A 22 -5.38 1.11 6.75
N TYR A 23 -5.37 0.18 5.82
CA TYR A 23 -5.18 0.52 4.38
C TYR A 23 -6.40 0.04 3.60
N THR A 24 -6.88 0.81 2.66
CA THR A 24 -8.06 0.39 1.86
C THR A 24 -7.83 0.72 0.39
N TYR A 25 -8.35 -0.08 -0.49
CA TYR A 25 -8.15 0.16 -1.94
C TYR A 25 -9.16 1.19 -2.43
N ASN A 26 -8.70 2.26 -3.05
CA ASN A 26 -9.64 3.30 -3.55
C ASN A 26 -10.16 2.90 -4.93
N SER A 27 -11.25 2.19 -4.98
CA SER A 27 -11.82 1.78 -6.29
C SER A 27 -12.79 2.87 -6.78
N GLY A 28 -12.97 3.91 -6.00
CA GLY A 28 -13.91 4.99 -6.41
C GLY A 28 -13.34 5.73 -7.62
N VAL A 29 -12.17 5.37 -8.06
CA VAL A 29 -11.56 6.05 -9.25
C VAL A 29 -11.47 5.05 -10.41
N SER A 30 -11.93 5.44 -11.56
CA SER A 30 -11.90 4.54 -12.75
C SER A 30 -10.45 4.16 -13.09
N VAL A 31 -9.50 4.99 -12.77
CA VAL A 31 -8.08 4.67 -13.11
C VAL A 31 -7.65 3.39 -12.40
N CYS A 32 -7.97 3.23 -11.14
CA CYS A 32 -7.55 2.00 -10.41
C CYS A 32 -8.33 0.79 -10.93
N MET A 33 -9.59 0.93 -11.21
CA MET A 33 -10.38 -0.21 -11.73
C MET A 33 -10.02 -0.47 -13.19
N GLN A 34 -9.47 0.51 -13.86
CA GLN A 34 -9.10 0.30 -15.29
C GLN A 34 -8.07 -0.83 -15.37
N GLY A 35 -7.16 -0.87 -14.45
CA GLY A 35 -6.12 -1.95 -14.47
C GLY A 35 -6.71 -3.26 -13.95
N LEU A 36 -7.36 -3.23 -12.81
CA LEU A 36 -7.94 -4.48 -12.25
C LEU A 36 -8.99 -5.04 -13.21
N ASN A 37 -9.78 -4.20 -13.81
CA ASN A 37 -10.83 -4.70 -14.75
C ASN A 37 -10.15 -5.30 -15.98
N GLU A 38 -9.10 -4.69 -16.47
CA GLU A 38 -8.42 -5.24 -17.67
C GLU A 38 -7.76 -6.59 -17.32
N GLY A 39 -7.36 -6.76 -16.09
CA GLY A 39 -6.73 -8.06 -15.68
C GLY A 39 -5.20 -7.99 -15.81
N LYS A 40 -4.64 -6.81 -15.79
CA LYS A 40 -3.15 -6.68 -15.89
C LYS A 40 -2.63 -6.36 -14.50
N VAL A 41 -3.53 -6.23 -13.58
CA VAL A 41 -3.16 -5.88 -12.17
C VAL A 41 -3.86 -6.85 -11.22
N ARG A 42 -3.33 -6.98 -10.04
CA ARG A 42 -3.93 -7.87 -9.00
C ARG A 42 -4.21 -7.02 -7.76
N GLY A 43 -3.75 -5.80 -7.78
CA GLY A 43 -3.96 -4.88 -6.62
C GLY A 43 -2.69 -4.06 -6.42
N VAL A 44 -2.54 -3.44 -5.27
CA VAL A 44 -1.31 -2.62 -5.01
C VAL A 44 -0.57 -3.21 -3.81
N SER A 45 0.70 -3.48 -3.94
CA SER A 45 1.47 -4.05 -2.80
C SER A 45 1.94 -2.90 -1.91
N VAL A 46 1.84 -3.07 -0.61
CA VAL A 46 2.29 -2.00 0.33
C VAL A 46 3.19 -2.64 1.38
N SER A 47 4.32 -2.05 1.62
CA SER A 47 5.26 -2.59 2.64
C SER A 47 5.58 -1.46 3.61
N GLY A 48 5.70 -1.76 4.87
CA GLY A 48 5.98 -0.67 5.86
C GLY A 48 6.96 -1.16 6.91
N VAL A 49 7.89 -0.33 7.29
CA VAL A 49 8.88 -0.68 8.34
C VAL A 49 8.73 0.31 9.48
N PHE A 50 8.42 -0.15 10.65
CA PHE A 50 8.27 0.78 11.81
C PHE A 50 9.61 0.86 12.52
N TYR A 51 10.20 2.03 12.55
CA TYR A 51 11.52 2.20 13.23
C TYR A 51 11.28 2.57 14.69
N TYR A 52 11.75 1.76 15.60
CA TYR A 52 11.55 2.04 17.06
C TYR A 52 12.84 2.55 17.70
N ASN A 53 12.73 3.54 18.55
CA ASN A 53 13.94 4.08 19.24
C ASN A 53 14.55 2.95 20.06
N ASP A 54 13.81 1.89 20.26
CA ASP A 54 14.34 0.75 21.03
C ASP A 54 15.49 0.12 20.22
N GLY A 55 15.77 0.69 19.09
CA GLY A 55 16.89 0.17 18.24
C GLY A 55 16.44 -1.06 17.46
N THR A 56 15.15 -1.29 17.37
CA THR A 56 14.64 -2.49 16.62
C THR A 56 13.68 -2.05 15.52
N THR A 57 13.66 -2.79 14.44
CA THR A 57 12.75 -2.46 13.31
C THR A 57 11.92 -3.68 12.94
N SER A 58 10.66 -3.46 12.65
CA SER A 58 9.75 -4.58 12.25
C SER A 58 9.30 -4.31 10.82
N ASN A 59 9.07 -5.33 10.03
CA ASN A 59 8.63 -5.10 8.62
C ASN A 59 7.43 -5.99 8.30
N PHE A 60 6.31 -5.38 7.96
CA PHE A 60 5.10 -6.18 7.62
C PHE A 60 4.76 -5.92 6.15
N LYS A 61 4.74 -6.94 5.35
CA LYS A 61 4.43 -6.77 3.90
C LYS A 61 3.12 -7.48 3.60
N GLY A 62 2.35 -6.94 2.72
CA GLY A 62 1.05 -7.57 2.38
C GLY A 62 0.45 -6.91 1.13
N VAL A 63 -0.60 -7.47 0.59
CA VAL A 63 -1.25 -6.89 -0.63
C VAL A 63 -2.62 -6.30 -0.27
N VAL A 64 -2.85 -5.05 -0.61
CA VAL A 64 -4.17 -4.42 -0.30
C VAL A 64 -5.12 -4.59 -1.49
N THR A 65 -6.23 -5.23 -1.27
CA THR A 65 -7.25 -5.43 -2.34
C THR A 65 -8.59 -4.92 -1.82
N PRO A 66 -9.48 -4.46 -2.68
CA PRO A 66 -10.80 -3.95 -2.23
C PRO A 66 -11.54 -4.98 -1.38
N SER A 67 -11.03 -6.19 -1.31
CA SER A 67 -11.69 -7.27 -0.50
C SER A 67 -10.83 -7.60 0.73
N THR A 68 -9.56 -7.26 0.72
CA THR A 68 -8.67 -7.60 1.88
C THR A 68 -7.82 -6.37 2.29
N PRO A 69 -8.09 -5.76 3.44
CA PRO A 69 -7.30 -4.58 3.92
C PRO A 69 -6.06 -5.00 4.74
N VAL A 70 -5.11 -4.11 4.94
CA VAL A 70 -3.87 -4.44 5.72
C VAL A 70 -3.77 -3.54 6.96
N ASN A 71 -3.56 -4.13 8.10
CA ASN A 71 -3.48 -3.33 9.37
C ASN A 71 -2.01 -3.10 9.78
N THR A 72 -1.60 -1.87 9.94
CA THR A 72 -0.18 -1.59 10.37
C THR A 72 -0.14 -1.52 11.90
N ASN A 73 -1.25 -1.72 12.54
CA ASN A 73 -1.28 -1.66 14.03
C ASN A 73 -0.47 -2.82 14.62
N GLN A 74 0.75 -2.98 14.17
CA GLN A 74 1.58 -4.10 14.71
C GLN A 74 1.67 -3.99 16.24
N ASP A 75 2.73 -3.42 16.76
CA ASP A 75 2.88 -3.28 18.24
C ASP A 75 2.58 -1.82 18.64
N ILE A 76 1.33 -1.51 18.84
CA ILE A 76 0.95 -0.12 19.22
C ILE A 76 1.47 0.19 20.63
N ASN A 77 1.40 -0.75 21.50
CA ASN A 77 1.87 -0.51 22.89
C ASN A 77 3.35 -0.14 22.82
N LYS A 78 4.09 -0.81 21.97
CA LYS A 78 5.53 -0.48 21.81
C LYS A 78 5.68 0.91 21.20
N THR A 79 4.86 1.24 20.24
CA THR A 79 4.99 2.56 19.57
C THR A 79 4.68 3.70 20.56
N ASN A 80 3.58 3.69 21.24
CA ASN A 80 3.33 4.81 22.19
C ASN A 80 4.41 4.80 23.26
N LYS A 81 4.98 3.66 23.56
CA LYS A 81 6.03 3.60 24.61
C LYS A 81 7.26 4.40 24.18
N VAL A 82 7.77 4.15 22.99
CA VAL A 82 8.99 4.90 22.52
C VAL A 82 8.67 5.76 21.29
N GLY A 83 7.63 5.43 20.56
CA GLY A 83 7.26 6.24 19.37
C GLY A 83 8.09 5.78 18.17
N VAL A 84 7.69 6.19 17.00
CA VAL A 84 8.43 5.82 15.76
C VAL A 84 9.16 7.05 15.23
N GLN A 85 10.46 6.99 15.12
CA GLN A 85 11.22 8.17 14.63
C GLN A 85 10.93 8.39 13.14
N LYS A 86 11.15 7.38 12.32
CA LYS A 86 10.90 7.52 10.84
C LYS A 86 9.80 6.58 10.35
N TYR A 87 9.09 6.99 9.34
CA TYR A 87 8.00 6.16 8.75
C TYR A 87 8.36 5.91 7.27
N ARG A 88 8.25 4.70 6.80
CA ARG A 88 8.63 4.42 5.38
C ARG A 88 7.63 3.45 4.74
N ALA A 89 7.02 3.89 3.67
CA ALA A 89 6.02 3.04 2.94
C ALA A 89 6.42 2.92 1.46
N LEU A 90 6.30 1.74 0.90
CA LEU A 90 6.63 1.53 -0.55
C LEU A 90 5.39 1.01 -1.28
N THR A 91 5.05 1.60 -2.39
CA THR A 91 3.82 1.15 -3.15
C THR A 91 4.15 0.89 -4.63
N GLU A 92 3.95 -0.32 -5.08
CA GLU A 92 4.22 -0.68 -6.52
C GLU A 92 3.04 -1.47 -7.10
N TRP A 93 2.93 -1.52 -8.39
CA TRP A 93 1.80 -2.26 -9.05
C TRP A 93 1.97 -3.78 -8.85
N VAL A 94 0.88 -4.48 -8.65
CA VAL A 94 0.94 -5.97 -8.47
C VAL A 94 0.21 -6.64 -9.64
N GLY A 95 0.88 -7.51 -10.36
CA GLY A 95 0.24 -8.21 -11.52
C GLY A 95 1.08 -7.96 -12.77
N SER A 96 2.17 -7.28 -12.63
CA SER A 96 3.04 -7.00 -13.80
C SER A 96 3.70 -8.31 -14.26
N ARG A 97 3.99 -8.44 -15.52
CA ARG A 97 4.63 -9.69 -16.03
C ARG A 97 6.15 -9.54 -15.94
N SER A 98 6.62 -8.42 -15.47
CA SER A 98 8.09 -8.21 -15.36
C SER A 98 8.75 -8.52 -16.71
N GLY A 1 5.82 0.83 -25.60
CA GLY A 1 4.57 0.46 -26.40
C GLY A 1 3.30 0.12 -25.67
N GLY A 2 2.18 0.57 -26.17
CA GLY A 2 0.89 0.26 -25.48
C GLY A 2 -0.21 1.13 -26.08
N SER A 3 -1.33 0.53 -26.43
CA SER A 3 -2.47 1.31 -27.01
C SER A 3 -3.58 1.43 -25.97
N GLY A 4 -4.19 2.57 -25.85
CA GLY A 4 -5.29 2.75 -24.86
C GLY A 4 -4.71 3.22 -23.52
N TRP A 5 -5.43 3.02 -22.45
CA TRP A 5 -4.94 3.46 -21.11
C TRP A 5 -3.63 2.76 -20.77
N ASN A 6 -2.74 3.51 -20.18
CA ASN A 6 -1.42 2.94 -19.77
C ASN A 6 -1.16 3.31 -18.32
N ALA A 7 -0.70 2.39 -17.53
CA ALA A 7 -0.40 2.70 -16.10
C ALA A 7 0.89 3.50 -16.03
N ASP A 8 1.22 4.18 -17.10
CA ASP A 8 2.47 4.98 -17.15
C ASP A 8 2.24 6.41 -16.66
N ASN A 9 1.07 6.71 -16.16
CA ASN A 9 0.79 8.10 -15.68
C ASN A 9 0.03 8.03 -14.36
N VAL A 10 0.07 6.89 -13.72
CA VAL A 10 -0.65 6.71 -12.42
C VAL A 10 0.33 6.21 -11.36
N ASP A 11 0.37 6.85 -10.22
CA ASP A 11 1.29 6.40 -9.14
C ASP A 11 0.52 5.47 -8.19
N PRO A 12 1.13 4.42 -7.68
CA PRO A 12 0.44 3.47 -6.76
C PRO A 12 0.22 4.07 -5.37
N SER A 13 0.93 5.11 -5.04
CA SER A 13 0.76 5.73 -3.70
C SER A 13 -0.59 6.45 -3.61
N GLN A 14 -1.10 6.94 -4.70
CA GLN A 14 -2.42 7.65 -4.66
C GLN A 14 -3.55 6.65 -4.89
N CYS A 15 -3.24 5.47 -5.36
CA CYS A 15 -4.29 4.45 -5.59
C CYS A 15 -4.81 3.91 -4.26
N ILE A 16 -3.96 3.93 -3.25
CA ILE A 16 -4.36 3.41 -1.91
C ILE A 16 -4.30 4.55 -0.89
N LYS A 17 -5.33 4.69 -0.09
CA LYS A 17 -5.35 5.80 0.93
C LYS A 17 -5.48 5.18 2.33
N GLN A 18 -4.74 5.71 3.27
CA GLN A 18 -4.78 5.15 4.66
C GLN A 18 -5.69 6.01 5.56
N SER A 19 -6.68 5.41 6.16
CA SER A 19 -7.60 6.17 7.07
C SER A 19 -7.65 5.48 8.44
N GLY A 20 -6.71 5.76 9.30
CA GLY A 20 -6.72 5.12 10.66
C GLY A 20 -5.75 3.92 10.67
N VAL A 21 -4.47 4.19 10.68
CA VAL A 21 -3.43 3.11 10.68
C VAL A 21 -3.91 1.90 9.88
N GLN A 22 -4.67 2.13 8.84
CA GLN A 22 -5.19 1.01 7.99
C GLN A 22 -4.93 1.33 6.52
N TYR A 23 -4.97 0.33 5.67
CA TYR A 23 -4.76 0.55 4.20
C TYR A 23 -5.95 -0.03 3.45
N THR A 24 -6.52 0.73 2.55
CA THR A 24 -7.70 0.24 1.76
C THR A 24 -7.50 0.55 0.28
N TYR A 25 -8.08 -0.23 -0.58
CA TYR A 25 -7.93 0.02 -2.04
C TYR A 25 -8.91 1.10 -2.48
N ASN A 26 -8.45 2.09 -3.18
CA ASN A 26 -9.37 3.18 -3.63
C ASN A 26 -10.13 2.74 -4.89
N SER A 27 -11.13 1.92 -4.73
CA SER A 27 -11.91 1.47 -5.92
C SER A 27 -12.91 2.56 -6.32
N GLY A 28 -13.04 3.58 -5.50
CA GLY A 28 -14.00 4.67 -5.83
C GLY A 28 -13.62 5.31 -7.17
N VAL A 29 -12.35 5.49 -7.42
CA VAL A 29 -11.94 6.12 -8.71
C VAL A 29 -11.91 5.03 -9.80
N SER A 30 -12.39 5.37 -10.97
CA SER A 30 -12.42 4.38 -12.09
C SER A 30 -11.00 3.95 -12.48
N VAL A 31 -10.05 4.84 -12.40
CA VAL A 31 -8.67 4.47 -12.81
C VAL A 31 -8.20 3.27 -11.99
N CYS A 32 -8.51 3.23 -10.72
CA CYS A 32 -8.08 2.08 -9.89
C CYS A 32 -8.71 0.78 -10.40
N MET A 33 -9.96 0.82 -10.80
CA MET A 33 -10.62 -0.43 -11.29
C MET A 33 -10.41 -0.61 -12.80
N GLN A 34 -10.03 0.42 -13.51
CA GLN A 34 -9.79 0.25 -14.98
C GLN A 34 -8.70 -0.80 -15.18
N GLY A 35 -7.65 -0.73 -14.40
CA GLY A 35 -6.54 -1.72 -14.55
C GLY A 35 -6.92 -3.02 -13.86
N LEU A 36 -7.51 -2.95 -12.71
CA LEU A 36 -7.88 -4.20 -11.99
C LEU A 36 -8.85 -5.01 -12.86
N ASN A 37 -9.85 -4.37 -13.40
CA ASN A 37 -10.83 -5.10 -14.26
C ASN A 37 -10.14 -5.61 -15.54
N GLU A 38 -9.27 -4.82 -16.10
CA GLU A 38 -8.57 -5.25 -17.34
C GLU A 38 -7.76 -6.53 -17.07
N GLY A 39 -7.28 -6.68 -15.87
CA GLY A 39 -6.48 -7.90 -15.53
C GLY A 39 -5.00 -7.62 -15.81
N LYS A 40 -4.62 -6.37 -15.90
CA LYS A 40 -3.19 -6.03 -16.14
C LYS A 40 -2.61 -5.70 -14.78
N VAL A 41 -3.47 -5.62 -13.81
CA VAL A 41 -3.07 -5.30 -12.42
C VAL A 41 -3.79 -6.25 -11.47
N ARG A 42 -3.26 -6.41 -10.29
CA ARG A 42 -3.89 -7.32 -9.26
C ARG A 42 -4.13 -6.50 -8.01
N GLY A 43 -3.74 -5.25 -8.04
CA GLY A 43 -3.92 -4.36 -6.85
C GLY A 43 -2.57 -3.69 -6.58
N VAL A 44 -2.38 -3.10 -5.41
CA VAL A 44 -1.07 -2.44 -5.11
C VAL A 44 -0.43 -3.09 -3.89
N SER A 45 0.81 -3.47 -3.99
CA SER A 45 1.50 -4.10 -2.84
C SER A 45 1.87 -3.01 -1.83
N VAL A 46 1.76 -3.30 -0.57
CA VAL A 46 2.14 -2.30 0.48
C VAL A 46 3.11 -2.95 1.45
N SER A 47 4.23 -2.33 1.63
CA SER A 47 5.28 -2.85 2.56
C SER A 47 5.66 -1.72 3.49
N GLY A 48 6.00 -2.01 4.72
CA GLY A 48 6.36 -0.90 5.64
C GLY A 48 7.28 -1.38 6.75
N VAL A 49 8.16 -0.52 7.20
CA VAL A 49 9.10 -0.85 8.30
C VAL A 49 8.97 0.21 9.39
N PHE A 50 8.72 -0.18 10.61
CA PHE A 50 8.58 0.81 11.71
C PHE A 50 9.89 0.85 12.50
N TYR A 51 10.47 2.02 12.64
CA TYR A 51 11.76 2.14 13.38
C TYR A 51 11.50 2.51 14.84
N TYR A 52 12.05 1.76 15.77
CA TYR A 52 11.84 2.05 17.21
C TYR A 52 13.17 2.46 17.86
N ASN A 53 13.18 3.56 18.58
CA ASN A 53 14.42 4.02 19.25
C ASN A 53 15.00 2.87 20.08
N ASP A 54 14.27 1.80 20.21
CA ASP A 54 14.77 0.65 21.01
C ASP A 54 15.85 -0.07 20.20
N GLY A 55 16.14 0.42 19.02
CA GLY A 55 17.18 -0.22 18.18
C GLY A 55 16.60 -1.44 17.45
N THR A 56 15.28 -1.56 17.43
CA THR A 56 14.63 -2.71 16.74
C THR A 56 13.67 -2.21 15.67
N THR A 57 13.52 -2.95 14.60
CA THR A 57 12.61 -2.53 13.49
C THR A 57 11.69 -3.70 13.14
N SER A 58 10.43 -3.41 12.88
CA SER A 58 9.46 -4.49 12.50
C SER A 58 9.18 -4.34 11.01
N ASN A 59 8.76 -5.39 10.35
CA ASN A 59 8.46 -5.27 8.89
C ASN A 59 7.32 -6.19 8.53
N PHE A 60 6.21 -5.63 8.10
CA PHE A 60 5.04 -6.46 7.68
C PHE A 60 4.77 -6.17 6.21
N LYS A 61 4.81 -7.18 5.39
CA LYS A 61 4.57 -7.00 3.94
C LYS A 61 3.27 -7.70 3.59
N GLY A 62 2.63 -7.24 2.57
CA GLY A 62 1.34 -7.87 2.17
C GLY A 62 0.82 -7.27 0.88
N VAL A 63 -0.35 -7.70 0.45
CA VAL A 63 -0.95 -7.18 -0.81
C VAL A 63 -2.31 -6.54 -0.49
N VAL A 64 -2.51 -5.31 -0.92
CA VAL A 64 -3.79 -4.62 -0.63
C VAL A 64 -4.79 -4.83 -1.77
N THR A 65 -5.91 -5.41 -1.45
CA THR A 65 -6.97 -5.66 -2.46
C THR A 65 -8.31 -5.28 -1.83
N PRO A 66 -9.28 -4.87 -2.63
CA PRO A 66 -10.62 -4.48 -2.08
C PRO A 66 -11.23 -5.59 -1.22
N SER A 67 -10.65 -6.77 -1.23
CA SER A 67 -11.21 -7.90 -0.41
C SER A 67 -10.38 -8.12 0.87
N THR A 68 -9.11 -7.78 0.88
CA THR A 68 -8.28 -8.00 2.11
C THR A 68 -7.45 -6.74 2.43
N PRO A 69 -7.79 -6.00 3.47
CA PRO A 69 -7.01 -4.78 3.86
C PRO A 69 -5.80 -5.12 4.73
N VAL A 70 -4.86 -4.21 4.86
CA VAL A 70 -3.64 -4.46 5.69
C VAL A 70 -3.57 -3.42 6.81
N ASN A 71 -3.43 -3.83 8.04
CA ASN A 71 -3.37 -2.86 9.18
C ASN A 71 -1.95 -2.71 9.72
N THR A 72 -1.46 -1.50 9.88
CA THR A 72 -0.08 -1.30 10.45
C THR A 72 -0.25 -1.10 11.96
N ASN A 73 -1.47 -1.25 12.43
CA ASN A 73 -1.75 -1.09 13.89
C ASN A 73 -1.19 -2.28 14.67
N GLN A 74 -0.26 -2.99 14.10
CA GLN A 74 0.30 -4.19 14.78
C GLN A 74 0.55 -3.90 16.27
N ASP A 75 1.68 -3.31 16.60
CA ASP A 75 1.99 -3.01 18.04
C ASP A 75 2.01 -1.50 18.29
N ILE A 76 0.87 -0.87 18.32
CA ILE A 76 0.85 0.60 18.59
C ILE A 76 1.25 0.86 20.04
N ASN A 77 0.88 -0.01 20.94
CA ASN A 77 1.24 0.22 22.37
C ASN A 77 2.74 0.47 22.47
N LYS A 78 3.53 -0.29 21.77
CA LYS A 78 5.00 -0.08 21.80
C LYS A 78 5.32 1.31 21.23
N THR A 79 4.71 1.65 20.12
CA THR A 79 4.98 2.96 19.48
C THR A 79 4.59 4.11 20.44
N ASN A 80 3.45 4.03 21.05
CA ASN A 80 3.07 5.12 22.00
C ASN A 80 4.09 5.18 23.15
N LYS A 81 4.57 4.05 23.57
CA LYS A 81 5.56 4.01 24.68
C LYS A 81 6.88 4.66 24.26
N VAL A 82 7.41 4.27 23.13
CA VAL A 82 8.74 4.80 22.70
C VAL A 82 8.62 5.72 21.46
N GLY A 83 7.62 5.53 20.64
CA GLY A 83 7.45 6.40 19.45
C GLY A 83 8.27 5.87 18.28
N VAL A 84 7.95 6.29 17.10
CA VAL A 84 8.68 5.85 15.87
C VAL A 84 9.56 6.99 15.36
N GLN A 85 10.85 6.78 15.28
CA GLN A 85 11.74 7.86 14.79
C GLN A 85 11.58 8.08 13.28
N LYS A 86 11.79 7.06 12.47
CA LYS A 86 11.67 7.21 10.98
C LYS A 86 10.51 6.38 10.42
N TYR A 87 9.86 6.88 9.39
CA TYR A 87 8.73 6.13 8.75
C TYR A 87 9.05 5.89 7.28
N ARG A 88 8.92 4.68 6.78
CA ARG A 88 9.23 4.40 5.34
C ARG A 88 8.16 3.47 4.74
N ALA A 89 7.49 3.92 3.71
CA ALA A 89 6.43 3.09 3.04
C ALA A 89 6.76 2.93 1.56
N LEU A 90 6.66 1.73 1.04
CA LEU A 90 6.96 1.48 -0.41
C LEU A 90 5.69 0.96 -1.09
N THR A 91 5.35 1.53 -2.21
CA THR A 91 4.11 1.12 -2.95
C THR A 91 4.45 0.81 -4.42
N GLU A 92 4.12 -0.38 -4.87
CA GLU A 92 4.40 -0.76 -6.30
C GLU A 92 3.18 -1.39 -6.95
N TRP A 93 3.05 -1.25 -8.24
CA TRP A 93 1.88 -1.86 -8.95
C TRP A 93 2.06 -3.38 -8.97
N VAL A 94 0.99 -4.10 -8.75
CA VAL A 94 1.07 -5.60 -8.77
C VAL A 94 0.31 -6.11 -9.99
N GLY A 95 0.99 -6.80 -10.87
CA GLY A 95 0.32 -7.33 -12.10
C GLY A 95 1.05 -8.60 -12.55
N SER A 96 2.32 -8.51 -12.84
CA SER A 96 3.08 -9.71 -13.28
C SER A 96 3.57 -10.48 -12.05
N ARG A 97 3.27 -11.75 -11.98
CA ARG A 97 3.72 -12.55 -10.81
C ARG A 97 5.25 -12.58 -10.78
N SER A 98 5.87 -12.69 -11.92
CA SER A 98 7.36 -12.73 -11.96
C SER A 98 7.84 -12.44 -13.39
N GLY A 1 -6.14 9.85 -22.35
CA GLY A 1 -7.13 8.96 -23.10
C GLY A 1 -6.97 7.48 -23.05
N GLY A 2 -7.93 6.76 -23.56
CA GLY A 2 -7.83 5.27 -23.55
C GLY A 2 -6.72 4.83 -24.51
N SER A 3 -6.28 3.61 -24.41
CA SER A 3 -5.20 3.11 -25.32
C SER A 3 -3.87 3.70 -24.88
N GLY A 4 -3.88 4.86 -24.27
CA GLY A 4 -2.61 5.50 -23.81
C GLY A 4 -2.37 5.16 -22.33
N TRP A 5 -3.28 4.43 -21.73
CA TRP A 5 -3.10 4.08 -20.29
C TRP A 5 -2.12 2.92 -20.16
N ASN A 6 -1.03 3.15 -19.48
CA ASN A 6 0.00 2.07 -19.30
C ASN A 6 0.36 1.95 -17.82
N ALA A 7 -0.48 2.44 -16.96
CA ALA A 7 -0.20 2.36 -15.50
C ALA A 7 1.17 3.00 -15.21
N ASP A 8 1.80 3.54 -16.20
CA ASP A 8 3.13 4.19 -16.00
C ASP A 8 2.93 5.66 -15.62
N ASN A 9 1.86 6.25 -16.06
CA ASN A 9 1.59 7.68 -15.74
C ASN A 9 0.79 7.78 -14.43
N VAL A 10 0.49 6.66 -13.83
CA VAL A 10 -0.31 6.65 -12.58
C VAL A 10 0.57 6.22 -11.40
N ASP A 11 0.57 6.96 -10.33
CA ASP A 11 1.39 6.59 -9.15
C ASP A 11 0.55 5.67 -8.24
N PRO A 12 1.10 4.58 -7.74
CA PRO A 12 0.34 3.65 -6.85
C PRO A 12 0.14 4.26 -5.45
N SER A 13 0.86 5.29 -5.14
CA SER A 13 0.72 5.93 -3.79
C SER A 13 -0.72 6.44 -3.63
N GLN A 14 -1.29 7.00 -4.66
CA GLN A 14 -2.69 7.52 -4.55
C GLN A 14 -3.68 6.37 -4.75
N CYS A 15 -3.23 5.25 -5.22
CA CYS A 15 -4.17 4.10 -5.42
C CYS A 15 -4.71 3.65 -4.06
N ILE A 16 -3.88 3.68 -3.04
CA ILE A 16 -4.34 3.25 -1.67
C ILE A 16 -4.21 4.44 -0.71
N LYS A 17 -5.07 4.51 0.27
CA LYS A 17 -5.04 5.66 1.25
C LYS A 17 -5.08 5.10 2.68
N GLN A 18 -4.57 5.86 3.63
CA GLN A 18 -4.54 5.37 5.05
C GLN A 18 -5.71 5.99 5.84
N SER A 19 -6.61 5.17 6.32
CA SER A 19 -7.77 5.67 7.13
C SER A 19 -7.80 4.93 8.47
N GLY A 20 -7.06 5.37 9.45
CA GLY A 20 -7.07 4.67 10.77
C GLY A 20 -5.99 3.58 10.77
N VAL A 21 -4.75 3.95 10.64
CA VAL A 21 -3.62 2.97 10.62
C VAL A 21 -4.01 1.72 9.83
N GLN A 22 -4.76 1.90 8.78
CA GLN A 22 -5.20 0.75 7.92
C GLN A 22 -4.97 1.09 6.46
N TYR A 23 -4.96 0.11 5.59
CA TYR A 23 -4.76 0.36 4.13
C TYR A 23 -5.98 -0.15 3.38
N THR A 24 -6.49 0.60 2.44
CA THR A 24 -7.68 0.15 1.66
C THR A 24 -7.51 0.49 0.18
N TYR A 25 -8.09 -0.29 -0.67
CA TYR A 25 -7.99 -0.05 -2.13
C TYR A 25 -9.01 1.02 -2.52
N ASN A 26 -8.56 2.08 -3.15
CA ASN A 26 -9.49 3.19 -3.52
C ASN A 26 -10.19 2.88 -4.85
N SER A 27 -11.26 2.12 -4.81
CA SER A 27 -11.99 1.81 -6.07
C SER A 27 -12.93 2.95 -6.42
N GLY A 28 -13.08 3.92 -5.54
CA GLY A 28 -13.99 5.05 -5.84
C GLY A 28 -13.59 5.70 -7.16
N VAL A 29 -12.30 5.77 -7.43
CA VAL A 29 -11.84 6.39 -8.71
C VAL A 29 -11.84 5.30 -9.79
N SER A 30 -12.32 5.62 -10.96
CA SER A 30 -12.38 4.60 -12.05
C SER A 30 -10.98 4.24 -12.56
N VAL A 31 -10.10 5.19 -12.69
CA VAL A 31 -8.74 4.88 -13.23
C VAL A 31 -8.12 3.70 -12.48
N CYS A 32 -8.25 3.66 -11.18
CA CYS A 32 -7.65 2.53 -10.42
C CYS A 32 -8.28 1.20 -10.88
N MET A 33 -9.57 1.16 -11.07
CA MET A 33 -10.20 -0.12 -11.51
C MET A 33 -10.06 -0.31 -13.03
N GLN A 34 -9.67 0.70 -13.75
CA GLN A 34 -9.51 0.51 -15.22
C GLN A 34 -8.45 -0.57 -15.45
N GLY A 35 -7.41 -0.56 -14.68
CA GLY A 35 -6.35 -1.58 -14.85
C GLY A 35 -6.82 -2.90 -14.22
N LEU A 36 -7.27 -2.86 -12.99
CA LEU A 36 -7.73 -4.12 -12.33
C LEU A 36 -8.89 -4.73 -13.13
N ASN A 37 -9.80 -3.91 -13.62
CA ASN A 37 -10.95 -4.43 -14.41
C ASN A 37 -10.44 -5.16 -15.65
N GLU A 38 -9.42 -4.64 -16.29
CA GLU A 38 -8.88 -5.28 -17.51
C GLU A 38 -8.08 -6.54 -17.14
N GLY A 39 -7.83 -6.73 -15.87
CA GLY A 39 -7.05 -7.94 -15.46
C GLY A 39 -5.58 -7.76 -15.80
N LYS A 40 -5.12 -6.54 -15.86
CA LYS A 40 -3.68 -6.29 -16.17
C LYS A 40 -2.99 -6.01 -14.85
N VAL A 41 -3.79 -5.92 -13.82
CA VAL A 41 -3.28 -5.65 -12.45
C VAL A 41 -3.93 -6.64 -11.50
N ARG A 42 -3.34 -6.81 -10.36
CA ARG A 42 -3.88 -7.75 -9.33
C ARG A 42 -4.14 -6.96 -8.06
N GLY A 43 -3.73 -5.72 -8.05
CA GLY A 43 -3.92 -4.84 -6.85
C GLY A 43 -2.61 -4.09 -6.61
N VAL A 44 -2.45 -3.50 -5.45
CA VAL A 44 -1.18 -2.76 -5.16
C VAL A 44 -0.49 -3.38 -3.94
N SER A 45 0.77 -3.68 -4.06
CA SER A 45 1.51 -4.28 -2.91
C SER A 45 1.98 -3.15 -1.99
N VAL A 46 1.82 -3.32 -0.71
CA VAL A 46 2.25 -2.26 0.26
C VAL A 46 3.08 -2.89 1.38
N SER A 47 4.21 -2.29 1.68
CA SER A 47 5.09 -2.79 2.77
C SER A 47 5.31 -1.65 3.75
N GLY A 48 5.52 -1.94 5.01
CA GLY A 48 5.71 -0.83 5.99
C GLY A 48 6.71 -1.24 7.08
N VAL A 49 7.47 -0.29 7.57
CA VAL A 49 8.46 -0.57 8.64
C VAL A 49 8.27 0.43 9.78
N PHE A 50 8.11 -0.04 10.98
CA PHE A 50 7.95 0.89 12.15
C PHE A 50 9.29 0.96 12.90
N TYR A 51 9.95 2.08 12.87
CA TYR A 51 11.26 2.19 13.57
C TYR A 51 11.03 2.41 15.06
N TYR A 52 11.65 1.63 15.89
CA TYR A 52 11.49 1.78 17.38
C TYR A 52 12.82 2.20 17.99
N ASN A 53 12.80 3.17 18.86
CA ASN A 53 14.05 3.62 19.51
C ASN A 53 14.61 2.46 20.33
N ASP A 54 13.84 1.41 20.45
CA ASP A 54 14.31 0.24 21.24
C ASP A 54 15.49 -0.41 20.50
N GLY A 55 15.85 0.13 19.37
CA GLY A 55 16.99 -0.44 18.59
C GLY A 55 16.49 -1.53 17.64
N THR A 56 15.21 -1.63 17.41
CA THR A 56 14.68 -2.67 16.48
C THR A 56 13.62 -2.10 15.55
N THR A 57 13.42 -2.72 14.42
CA THR A 57 12.39 -2.24 13.44
C THR A 57 11.51 -3.40 13.01
N SER A 58 10.22 -3.22 13.00
CA SER A 58 9.30 -4.31 12.57
C SER A 58 9.05 -4.14 11.07
N ASN A 59 8.61 -5.17 10.39
CA ASN A 59 8.36 -5.02 8.93
C ASN A 59 7.27 -6.01 8.49
N PHE A 60 6.15 -5.51 8.06
CA PHE A 60 5.04 -6.40 7.59
C PHE A 60 4.77 -6.10 6.11
N LYS A 61 4.78 -7.12 5.31
CA LYS A 61 4.52 -6.96 3.86
C LYS A 61 3.22 -7.70 3.53
N GLY A 62 2.46 -7.19 2.62
CA GLY A 62 1.18 -7.87 2.26
C GLY A 62 0.62 -7.25 0.98
N VAL A 63 -0.40 -7.86 0.41
CA VAL A 63 -1.01 -7.32 -0.85
C VAL A 63 -2.41 -6.78 -0.54
N VAL A 64 -2.69 -5.56 -0.93
CA VAL A 64 -4.02 -4.96 -0.66
C VAL A 64 -4.93 -5.18 -1.88
N THR A 65 -6.01 -5.90 -1.70
CA THR A 65 -6.97 -6.15 -2.82
C THR A 65 -8.37 -5.72 -2.36
N PRO A 66 -9.19 -5.21 -3.25
CA PRO A 66 -10.56 -4.76 -2.90
C PRO A 66 -11.22 -5.64 -1.84
N SER A 67 -10.85 -6.90 -1.76
CA SER A 67 -11.46 -7.82 -0.75
C SER A 67 -10.47 -8.12 0.37
N THR A 68 -9.21 -7.74 0.22
CA THR A 68 -8.20 -8.04 1.29
C THR A 68 -7.47 -6.75 1.72
N PRO A 69 -7.75 -6.21 2.89
CA PRO A 69 -7.05 -4.99 3.40
C PRO A 69 -5.81 -5.37 4.22
N VAL A 70 -4.91 -4.45 4.44
CA VAL A 70 -3.68 -4.74 5.25
C VAL A 70 -3.65 -3.81 6.47
N ASN A 71 -3.49 -4.37 7.64
CA ASN A 71 -3.48 -3.53 8.88
C ASN A 71 -2.04 -3.31 9.35
N THR A 72 -1.69 -2.10 9.71
CA THR A 72 -0.31 -1.80 10.22
C THR A 72 -0.44 -1.59 11.73
N ASN A 73 -1.52 -2.09 12.28
CA ASN A 73 -1.79 -1.92 13.74
C ASN A 73 -0.72 -2.66 14.57
N GLN A 74 0.52 -2.54 14.20
CA GLN A 74 1.59 -3.23 14.98
C GLN A 74 1.43 -2.85 16.46
N ASP A 75 2.17 -3.50 17.32
CA ASP A 75 2.04 -3.19 18.79
C ASP A 75 2.24 -1.69 19.00
N ILE A 76 1.20 -1.00 19.43
CA ILE A 76 1.31 0.47 19.67
C ILE A 76 1.83 0.74 21.08
N ASN A 77 1.80 -0.23 21.94
CA ASN A 77 2.31 0.02 23.32
C ASN A 77 3.79 0.42 23.20
N LYS A 78 4.51 -0.20 22.32
CA LYS A 78 5.94 0.14 22.14
C LYS A 78 6.07 1.58 21.66
N THR A 79 5.32 1.88 20.64
CA THR A 79 5.37 3.23 20.02
C THR A 79 5.00 4.31 21.04
N ASN A 80 3.92 4.17 21.73
CA ASN A 80 3.57 5.21 22.74
C ASN A 80 4.67 5.26 23.81
N LYS A 81 5.23 4.14 24.13
CA LYS A 81 6.31 4.10 25.17
C LYS A 81 7.55 4.85 24.69
N VAL A 82 8.04 4.55 23.50
CA VAL A 82 9.30 5.23 23.01
C VAL A 82 9.02 6.10 21.77
N GLY A 83 7.99 5.82 21.02
CA GLY A 83 7.68 6.65 19.82
C GLY A 83 8.37 6.07 18.59
N VAL A 84 7.97 6.53 17.43
CA VAL A 84 8.57 6.03 16.16
C VAL A 84 9.47 7.11 15.58
N GLN A 85 10.69 6.77 15.24
CA GLN A 85 11.61 7.80 14.69
C GLN A 85 11.31 8.02 13.20
N LYS A 86 11.54 7.03 12.37
CA LYS A 86 11.29 7.17 10.90
C LYS A 86 10.20 6.19 10.43
N TYR A 87 9.34 6.64 9.55
CA TYR A 87 8.26 5.76 8.99
C TYR A 87 8.44 5.68 7.47
N ARG A 88 8.39 4.50 6.89
CA ARG A 88 8.57 4.39 5.40
C ARG A 88 7.54 3.41 4.81
N ALA A 89 6.86 3.83 3.77
CA ALA A 89 5.84 2.95 3.10
C ALA A 89 6.20 2.82 1.62
N LEU A 90 6.14 1.61 1.08
CA LEU A 90 6.48 1.39 -0.37
C LEU A 90 5.25 0.84 -1.10
N THR A 91 4.91 1.45 -2.21
CA THR A 91 3.71 0.98 -2.99
C THR A 91 4.08 0.75 -4.46
N GLU A 92 3.81 -0.43 -4.95
CA GLU A 92 4.12 -0.78 -6.38
C GLU A 92 2.94 -1.45 -7.05
N TRP A 93 2.85 -1.35 -8.36
CA TRP A 93 1.72 -2.00 -9.09
C TRP A 93 1.94 -3.52 -9.03
N VAL A 94 0.88 -4.29 -8.89
CA VAL A 94 1.03 -5.78 -8.82
C VAL A 94 0.30 -6.41 -10.01
N GLY A 95 1.03 -7.14 -10.82
CA GLY A 95 0.42 -7.80 -12.00
C GLY A 95 1.53 -8.16 -13.00
N SER A 96 1.28 -7.99 -14.27
CA SER A 96 2.33 -8.33 -15.27
C SER A 96 3.46 -7.30 -15.21
N ARG A 97 4.62 -7.65 -15.70
CA ARG A 97 5.76 -6.70 -15.67
C ARG A 97 5.46 -5.49 -16.55
N SER A 98 5.83 -4.31 -16.12
CA SER A 98 5.56 -3.11 -16.95
C SER A 98 6.33 -3.22 -18.26
N GLY A 1 -4.84 14.33 -23.37
CA GLY A 1 -3.95 13.12 -23.10
C GLY A 1 -4.05 11.92 -23.99
N GLY A 2 -3.11 11.02 -23.88
CA GLY A 2 -3.14 9.81 -24.74
C GLY A 2 -4.23 8.86 -24.25
N SER A 3 -4.91 8.19 -25.14
CA SER A 3 -6.00 7.24 -24.73
C SER A 3 -5.45 5.82 -24.76
N GLY A 4 -5.52 5.13 -23.65
CA GLY A 4 -5.00 3.73 -23.58
C GLY A 4 -4.21 3.56 -22.28
N TRP A 5 -4.90 3.38 -21.19
CA TRP A 5 -4.19 3.22 -19.88
C TRP A 5 -3.29 2.00 -19.96
N ASN A 6 -2.02 2.19 -19.65
CA ASN A 6 -1.07 1.06 -19.68
C ASN A 6 -0.19 1.09 -18.43
N ALA A 7 -0.66 1.70 -17.38
CA ALA A 7 0.16 1.78 -16.13
C ALA A 7 1.53 2.34 -16.49
N ASP A 8 1.56 3.26 -17.41
CA ASP A 8 2.84 3.85 -17.87
C ASP A 8 3.72 4.26 -16.69
N ASN A 9 3.47 5.39 -16.07
CA ASN A 9 4.32 5.82 -14.92
C ASN A 9 3.46 6.53 -13.88
N VAL A 10 2.27 6.08 -13.65
CA VAL A 10 1.41 6.77 -12.65
C VAL A 10 1.81 6.28 -11.25
N ASP A 11 1.60 7.10 -10.26
CA ASP A 11 2.00 6.69 -8.88
C ASP A 11 0.94 5.74 -8.29
N PRO A 12 1.34 4.61 -7.73
CA PRO A 12 0.38 3.64 -7.13
C PRO A 12 -0.07 4.07 -5.72
N SER A 13 0.64 5.00 -5.13
CA SER A 13 0.30 5.46 -3.76
C SER A 13 -1.07 6.15 -3.77
N GLN A 14 -1.40 6.86 -4.81
CA GLN A 14 -2.71 7.57 -4.86
C GLN A 14 -3.84 6.55 -4.98
N CYS A 15 -3.55 5.38 -5.50
CA CYS A 15 -4.62 4.36 -5.65
C CYS A 15 -5.06 3.87 -4.27
N ILE A 16 -4.19 3.93 -3.30
CA ILE A 16 -4.56 3.47 -1.92
C ILE A 16 -4.44 4.64 -0.96
N LYS A 17 -5.43 4.84 -0.12
CA LYS A 17 -5.42 5.96 0.87
C LYS A 17 -5.31 5.34 2.26
N GLN A 18 -4.57 5.96 3.14
CA GLN A 18 -4.42 5.40 4.52
C GLN A 18 -5.39 6.10 5.47
N SER A 19 -6.16 5.34 6.19
CA SER A 19 -7.14 5.92 7.16
C SER A 19 -6.63 5.70 8.58
N GLY A 20 -6.37 6.76 9.31
CA GLY A 20 -5.87 6.59 10.71
C GLY A 20 -4.55 5.82 10.67
N VAL A 21 -4.61 4.53 10.54
CA VAL A 21 -3.36 3.71 10.49
C VAL A 21 -3.67 2.39 9.76
N GLN A 22 -4.57 2.45 8.82
CA GLN A 22 -4.94 1.22 8.05
C GLN A 22 -4.85 1.52 6.55
N TYR A 23 -4.78 0.51 5.72
CA TYR A 23 -4.71 0.74 4.24
C TYR A 23 -5.96 0.18 3.58
N THR A 24 -6.54 0.93 2.68
CA THR A 24 -7.78 0.45 1.97
C THR A 24 -7.64 0.76 0.48
N TYR A 25 -8.25 -0.03 -0.35
CA TYR A 25 -8.13 0.19 -1.82
C TYR A 25 -9.18 1.23 -2.26
N ASN A 26 -8.73 2.31 -2.85
CA ASN A 26 -9.68 3.35 -3.31
C ASN A 26 -10.24 2.99 -4.69
N SER A 27 -11.25 2.17 -4.74
CA SER A 27 -11.83 1.79 -6.06
C SER A 27 -12.73 2.93 -6.57
N GLY A 28 -12.90 3.94 -5.76
CA GLY A 28 -13.77 5.08 -6.19
C GLY A 28 -13.26 5.67 -7.50
N VAL A 29 -11.97 5.76 -7.68
CA VAL A 29 -11.44 6.34 -8.95
C VAL A 29 -11.45 5.27 -10.05
N SER A 30 -11.93 5.62 -11.21
CA SER A 30 -12.02 4.65 -12.35
C SER A 30 -10.63 4.16 -12.79
N VAL A 31 -9.63 5.00 -12.74
CA VAL A 31 -8.29 4.55 -13.21
C VAL A 31 -7.79 3.34 -12.40
N CYS A 32 -8.00 3.32 -11.12
CA CYS A 32 -7.53 2.14 -10.33
C CYS A 32 -8.30 0.88 -10.74
N MET A 33 -9.58 1.01 -10.97
CA MET A 33 -10.38 -0.18 -11.39
C MET A 33 -10.14 -0.45 -12.88
N GLN A 34 -9.66 0.52 -13.59
CA GLN A 34 -9.40 0.31 -15.04
C GLN A 34 -8.37 -0.80 -15.20
N GLY A 35 -7.36 -0.82 -14.37
CA GLY A 35 -6.32 -1.87 -14.46
C GLY A 35 -6.87 -3.21 -13.94
N LEU A 36 -7.57 -3.18 -12.83
CA LEU A 36 -8.15 -4.45 -12.30
C LEU A 36 -9.20 -4.98 -13.28
N ASN A 37 -10.00 -4.11 -13.85
CA ASN A 37 -11.02 -4.58 -14.82
C ASN A 37 -10.34 -5.22 -16.04
N GLU A 38 -9.24 -4.67 -16.48
CA GLU A 38 -8.54 -5.24 -17.68
C GLU A 38 -7.76 -6.49 -17.27
N GLY A 39 -7.63 -6.74 -15.99
CA GLY A 39 -6.89 -7.95 -15.55
C GLY A 39 -5.39 -7.78 -15.80
N LYS A 40 -4.89 -6.56 -15.79
CA LYS A 40 -3.43 -6.33 -15.99
C LYS A 40 -2.83 -6.03 -14.63
N VAL A 41 -3.70 -5.91 -13.65
CA VAL A 41 -3.26 -5.60 -12.27
C VAL A 41 -3.98 -6.54 -11.29
N ARG A 42 -3.43 -6.69 -10.12
CA ARG A 42 -4.06 -7.57 -9.09
C ARG A 42 -4.36 -6.72 -7.86
N GLY A 43 -3.91 -5.51 -7.87
CA GLY A 43 -4.14 -4.60 -6.70
C GLY A 43 -2.84 -3.82 -6.46
N VAL A 44 -2.67 -3.27 -5.28
CA VAL A 44 -1.42 -2.48 -4.99
C VAL A 44 -0.68 -3.13 -3.81
N SER A 45 0.59 -3.39 -3.96
CA SER A 45 1.36 -4.01 -2.85
C SER A 45 1.88 -2.91 -1.92
N VAL A 46 1.84 -3.14 -0.64
CA VAL A 46 2.33 -2.10 0.33
C VAL A 46 3.27 -2.74 1.35
N SER A 47 4.40 -2.13 1.57
CA SER A 47 5.39 -2.64 2.55
C SER A 47 5.63 -1.52 3.56
N GLY A 48 5.92 -1.84 4.79
CA GLY A 48 6.14 -0.74 5.80
C GLY A 48 7.22 -1.13 6.80
N VAL A 49 8.00 -0.15 7.22
CA VAL A 49 9.08 -0.39 8.22
C VAL A 49 8.81 0.52 9.42
N PHE A 50 8.82 -0.03 10.61
CA PHE A 50 8.58 0.78 11.84
C PHE A 50 9.91 0.95 12.57
N TYR A 51 10.36 2.17 12.74
CA TYR A 51 11.66 2.41 13.44
C TYR A 51 11.38 2.77 14.90
N TYR A 52 11.91 2.01 15.82
CA TYR A 52 11.69 2.29 17.26
C TYR A 52 12.96 2.88 17.87
N ASN A 53 12.85 3.96 18.59
CA ASN A 53 14.06 4.57 19.21
C ASN A 53 14.89 3.48 19.89
N ASP A 54 14.29 2.33 20.09
CA ASP A 54 15.02 1.21 20.74
C ASP A 54 16.10 0.67 19.78
N GLY A 55 16.19 1.24 18.61
CA GLY A 55 17.23 0.78 17.65
C GLY A 55 16.79 -0.51 16.96
N THR A 56 15.51 -0.78 16.91
CA THR A 56 15.01 -2.04 16.26
C THR A 56 14.11 -1.70 15.08
N THR A 57 14.08 -2.54 14.08
CA THR A 57 13.22 -2.28 12.89
C THR A 57 12.47 -3.55 12.49
N SER A 58 11.18 -3.45 12.34
CA SER A 58 10.35 -4.63 11.93
C SER A 58 9.70 -4.28 10.60
N ASN A 59 9.51 -5.23 9.72
CA ASN A 59 8.86 -4.91 8.41
C ASN A 59 7.83 -5.96 8.07
N PHE A 60 6.65 -5.51 7.78
CA PHE A 60 5.54 -6.43 7.39
C PHE A 60 5.13 -6.11 5.96
N LYS A 61 5.19 -7.08 5.09
CA LYS A 61 4.81 -6.86 3.68
C LYS A 61 3.47 -7.56 3.46
N GLY A 62 2.64 -7.00 2.66
CA GLY A 62 1.31 -7.61 2.39
C GLY A 62 0.72 -7.01 1.13
N VAL A 63 -0.37 -7.56 0.65
CA VAL A 63 -1.01 -7.02 -0.59
C VAL A 63 -2.39 -6.45 -0.24
N VAL A 64 -2.63 -5.21 -0.60
CA VAL A 64 -3.94 -4.59 -0.27
C VAL A 64 -4.93 -4.80 -1.41
N THR A 65 -6.02 -5.50 -1.13
CA THR A 65 -7.08 -5.75 -2.15
C THR A 65 -8.41 -5.26 -1.56
N PRO A 66 -9.29 -4.72 -2.37
CA PRO A 66 -10.62 -4.23 -1.88
C PRO A 66 -11.24 -5.13 -0.80
N SER A 67 -10.83 -6.37 -0.73
CA SER A 67 -11.43 -7.31 0.28
C SER A 67 -10.42 -7.63 1.40
N THR A 68 -9.17 -7.28 1.24
CA THR A 68 -8.15 -7.60 2.31
C THR A 68 -7.33 -6.34 2.66
N PRO A 69 -7.53 -5.74 3.81
CA PRO A 69 -6.76 -4.54 4.24
C PRO A 69 -5.51 -4.91 5.05
N VAL A 70 -4.60 -3.99 5.21
CA VAL A 70 -3.35 -4.27 5.99
C VAL A 70 -3.23 -3.23 7.11
N ASN A 71 -3.00 -3.65 8.33
CA ASN A 71 -2.91 -2.68 9.47
C ASN A 71 -1.43 -2.41 9.84
N THR A 72 -1.07 -1.18 10.11
CA THR A 72 0.35 -0.87 10.48
C THR A 72 0.46 -0.78 12.00
N ASN A 73 -0.64 -0.57 12.68
CA ASN A 73 -0.60 -0.48 14.17
C ASN A 73 -0.74 -1.89 14.73
N GLN A 74 -0.03 -2.83 14.17
CA GLN A 74 -0.13 -4.23 14.68
C GLN A 74 0.28 -4.25 16.14
N ASP A 75 1.40 -3.65 16.46
CA ASP A 75 1.87 -3.59 17.88
C ASP A 75 1.87 -2.11 18.31
N ILE A 76 0.72 -1.57 18.56
CA ILE A 76 0.64 -0.13 18.96
C ILE A 76 1.15 0.06 20.39
N ASN A 77 1.02 -0.96 21.20
CA ASN A 77 1.46 -0.83 22.61
C ASN A 77 2.96 -0.51 22.69
N LYS A 78 3.79 -1.24 22.00
CA LYS A 78 5.25 -0.90 22.07
C LYS A 78 5.46 0.52 21.54
N THR A 79 4.74 0.85 20.50
CA THR A 79 4.86 2.20 19.90
C THR A 79 4.48 3.26 20.94
N ASN A 80 3.42 3.06 21.68
CA ASN A 80 3.03 4.06 22.71
C ASN A 80 4.14 4.20 23.75
N LYS A 81 4.78 3.12 24.11
CA LYS A 81 5.86 3.21 25.14
C LYS A 81 7.09 3.93 24.59
N VAL A 82 7.50 3.61 23.38
CA VAL A 82 8.76 4.23 22.82
C VAL A 82 8.45 5.16 21.64
N GLY A 83 7.40 4.93 20.90
CA GLY A 83 7.07 5.82 19.76
C GLY A 83 7.85 5.40 18.52
N VAL A 84 7.41 5.84 17.36
CA VAL A 84 8.10 5.50 16.08
C VAL A 84 8.77 6.77 15.54
N GLN A 85 10.06 6.72 15.29
CA GLN A 85 10.77 7.91 14.78
C GLN A 85 10.55 8.09 13.28
N LYS A 86 10.92 7.12 12.48
CA LYS A 86 10.75 7.24 10.99
C LYS A 86 9.72 6.24 10.47
N TYR A 87 8.88 6.67 9.58
CA TYR A 87 7.84 5.76 8.97
C TYR A 87 8.02 5.80 7.44
N ARG A 88 8.18 4.66 6.80
CA ARG A 88 8.34 4.63 5.31
C ARG A 88 7.41 3.61 4.68
N ALA A 89 6.70 4.01 3.65
CA ALA A 89 5.76 3.08 2.94
C ALA A 89 6.17 2.96 1.46
N LEU A 90 6.12 1.77 0.92
CA LEU A 90 6.50 1.57 -0.52
C LEU A 90 5.28 0.99 -1.26
N THR A 91 4.95 1.56 -2.39
CA THR A 91 3.76 1.07 -3.17
C THR A 91 4.15 0.77 -4.62
N GLU A 92 3.87 -0.43 -5.08
CA GLU A 92 4.20 -0.83 -6.49
C GLU A 92 2.99 -1.53 -7.12
N TRP A 93 2.89 -1.49 -8.43
CA TRP A 93 1.73 -2.16 -9.10
C TRP A 93 1.86 -3.68 -8.94
N VAL A 94 0.77 -4.35 -8.68
CA VAL A 94 0.82 -5.85 -8.51
C VAL A 94 0.10 -6.50 -9.69
N GLY A 95 0.79 -7.34 -10.42
CA GLY A 95 0.15 -8.04 -11.59
C GLY A 95 1.11 -8.01 -12.79
N SER A 96 2.37 -7.85 -12.55
CA SER A 96 3.34 -7.81 -13.68
C SER A 96 3.68 -9.25 -14.09
N ARG A 97 3.56 -9.56 -15.36
CA ARG A 97 3.87 -10.93 -15.83
C ARG A 97 5.39 -11.12 -15.89
N SER A 98 5.87 -12.30 -15.60
CA SER A 98 7.33 -12.54 -15.64
C SER A 98 7.62 -14.00 -15.26
N GLY A 1 -10.74 6.47 -19.19
CA GLY A 1 -11.25 5.96 -20.55
C GLY A 1 -10.51 4.87 -21.25
N GLY A 2 -9.40 4.45 -20.71
CA GLY A 2 -8.62 3.36 -21.35
C GLY A 2 -8.00 3.88 -22.66
N SER A 3 -8.36 3.29 -23.77
CA SER A 3 -7.79 3.75 -25.07
C SER A 3 -6.26 3.86 -24.98
N GLY A 4 -5.62 2.83 -24.48
CA GLY A 4 -4.13 2.86 -24.37
C GLY A 4 -3.70 3.32 -22.98
N TRP A 5 -4.48 3.02 -21.97
CA TRP A 5 -4.09 3.44 -20.59
C TRP A 5 -2.84 2.69 -20.18
N ASN A 6 -1.98 3.35 -19.46
CA ASN A 6 -0.74 2.71 -18.97
C ASN A 6 -0.58 3.02 -17.47
N ALA A 7 -0.42 2.02 -16.66
CA ALA A 7 -0.27 2.26 -15.20
C ALA A 7 0.99 3.12 -14.98
N ASP A 8 1.68 3.43 -16.06
CA ASP A 8 2.93 4.24 -15.95
C ASP A 8 2.60 5.69 -15.57
N ASN A 9 1.54 6.24 -16.12
CA ASN A 9 1.19 7.66 -15.81
C ASN A 9 0.39 7.75 -14.51
N VAL A 10 0.18 6.64 -13.84
CA VAL A 10 -0.60 6.64 -12.58
C VAL A 10 0.31 6.21 -11.43
N ASP A 11 0.34 6.96 -10.35
CA ASP A 11 1.22 6.58 -9.21
C ASP A 11 0.47 5.57 -8.31
N PRO A 12 1.13 4.54 -7.83
CA PRO A 12 0.47 3.52 -6.95
C PRO A 12 0.29 4.05 -5.52
N SER A 13 1.11 4.99 -5.12
CA SER A 13 1.00 5.55 -3.74
C SER A 13 -0.38 6.19 -3.52
N GLN A 14 -0.89 6.86 -4.51
CA GLN A 14 -2.23 7.52 -4.34
C GLN A 14 -3.35 6.48 -4.47
N CYS A 15 -3.08 5.35 -5.07
CA CYS A 15 -4.13 4.32 -5.22
C CYS A 15 -4.54 3.78 -3.85
N ILE A 16 -3.63 3.78 -2.90
CA ILE A 16 -3.95 3.28 -1.52
C ILE A 16 -3.78 4.41 -0.52
N LYS A 17 -4.66 4.51 0.44
CA LYS A 17 -4.58 5.59 1.47
C LYS A 17 -4.55 4.95 2.86
N GLN A 18 -3.82 5.52 3.78
CA GLN A 18 -3.74 4.94 5.16
C GLN A 18 -4.73 5.67 6.07
N SER A 19 -5.61 4.94 6.71
CA SER A 19 -6.60 5.57 7.64
C SER A 19 -6.24 5.17 9.07
N GLY A 20 -6.15 6.13 9.96
CA GLY A 20 -5.79 5.81 11.37
C GLY A 20 -4.59 4.86 11.41
N VAL A 21 -4.82 3.58 11.46
CA VAL A 21 -3.69 2.59 11.51
C VAL A 21 -4.02 1.42 10.59
N GLN A 22 -4.77 1.67 9.55
CA GLN A 22 -5.15 0.58 8.59
C GLN A 22 -4.90 1.03 7.14
N TYR A 23 -4.86 0.10 6.23
CA TYR A 23 -4.66 0.45 4.78
C TYR A 23 -5.87 -0.02 3.98
N THR A 24 -6.31 0.76 3.03
CA THR A 24 -7.49 0.36 2.22
C THR A 24 -7.27 0.74 0.75
N TYR A 25 -7.94 0.07 -0.15
CA TYR A 25 -7.78 0.36 -1.60
C TYR A 25 -8.76 1.45 -2.02
N ASN A 26 -8.28 2.54 -2.55
CA ASN A 26 -9.18 3.65 -2.96
C ASN A 26 -9.75 3.37 -4.35
N SER A 27 -10.83 2.64 -4.41
CA SER A 27 -11.46 2.34 -5.74
C SER A 27 -12.31 3.52 -6.18
N GLY A 28 -12.49 4.49 -5.32
CA GLY A 28 -13.33 5.67 -5.68
C GLY A 28 -12.87 6.25 -7.03
N VAL A 29 -11.76 5.78 -7.55
CA VAL A 29 -11.26 6.29 -8.85
C VAL A 29 -11.34 5.17 -9.90
N SER A 30 -11.86 5.48 -11.05
CA SER A 30 -12.01 4.43 -12.11
C SER A 30 -10.65 4.03 -12.69
N VAL A 31 -9.69 4.92 -12.70
CA VAL A 31 -8.36 4.57 -13.28
C VAL A 31 -7.74 3.38 -12.52
N CYS A 32 -7.86 3.35 -11.22
CA CYS A 32 -7.26 2.21 -10.45
C CYS A 32 -7.97 0.91 -10.80
N MET A 33 -9.27 0.95 -10.95
CA MET A 33 -9.99 -0.31 -11.31
C MET A 33 -9.95 -0.51 -12.81
N GLN A 34 -9.54 0.49 -13.55
CA GLN A 34 -9.47 0.32 -15.03
C GLN A 34 -8.47 -0.79 -15.32
N GLY A 35 -7.37 -0.80 -14.62
CA GLY A 35 -6.35 -1.85 -14.83
C GLY A 35 -6.82 -3.16 -14.18
N LEU A 36 -7.37 -3.07 -13.00
CA LEU A 36 -7.86 -4.31 -12.32
C LEU A 36 -8.93 -4.96 -13.19
N ASN A 37 -9.80 -4.17 -13.76
CA ASN A 37 -10.89 -4.74 -14.62
C ASN A 37 -10.26 -5.45 -15.83
N GLU A 38 -9.25 -4.88 -16.40
CA GLU A 38 -8.59 -5.51 -17.59
C GLU A 38 -8.00 -6.86 -17.19
N GLY A 39 -7.61 -7.01 -15.95
CA GLY A 39 -7.01 -8.31 -15.51
C GLY A 39 -5.50 -8.29 -15.76
N LYS A 40 -4.95 -7.11 -15.95
CA LYS A 40 -3.48 -7.00 -16.16
C LYS A 40 -2.87 -6.58 -14.84
N VAL A 41 -3.72 -6.39 -13.87
CA VAL A 41 -3.29 -5.97 -12.51
C VAL A 41 -3.97 -6.85 -11.49
N ARG A 42 -3.40 -6.95 -10.32
CA ARG A 42 -3.99 -7.79 -9.23
C ARG A 42 -4.29 -6.87 -8.05
N GLY A 43 -3.85 -5.64 -8.14
CA GLY A 43 -4.07 -4.66 -7.03
C GLY A 43 -2.78 -3.91 -6.78
N VAL A 44 -2.62 -3.30 -5.63
CA VAL A 44 -1.35 -2.55 -5.33
C VAL A 44 -0.68 -3.17 -4.11
N SER A 45 0.58 -3.51 -4.21
CA SER A 45 1.28 -4.11 -3.04
C SER A 45 1.73 -2.99 -2.10
N VAL A 46 1.59 -3.21 -0.82
CA VAL A 46 2.01 -2.18 0.17
C VAL A 46 3.09 -2.79 1.07
N SER A 47 4.18 -2.11 1.20
CA SER A 47 5.31 -2.58 2.05
C SER A 47 5.70 -1.45 2.99
N GLY A 48 6.19 -1.75 4.15
CA GLY A 48 6.55 -0.64 5.08
C GLY A 48 7.35 -1.13 6.28
N VAL A 49 8.07 -0.23 6.91
CA VAL A 49 8.88 -0.58 8.11
C VAL A 49 8.59 0.43 9.23
N PHE A 50 8.44 -0.04 10.44
CA PHE A 50 8.18 0.89 11.59
C PHE A 50 9.45 0.93 12.45
N TYR A 51 10.00 2.10 12.69
CA TYR A 51 11.25 2.19 13.51
C TYR A 51 10.88 2.51 14.97
N TYR A 52 11.36 1.71 15.90
CA TYR A 52 11.04 1.97 17.34
C TYR A 52 12.31 2.40 18.09
N ASN A 53 12.25 3.48 18.82
CA ASN A 53 13.45 3.91 19.58
C ASN A 53 13.93 2.73 20.44
N ASP A 54 13.12 1.70 20.52
CA ASP A 54 13.52 0.52 21.33
C ASP A 54 14.72 -0.15 20.65
N GLY A 55 15.13 0.37 19.53
CA GLY A 55 16.31 -0.19 18.81
C GLY A 55 15.91 -1.37 17.93
N THR A 56 14.64 -1.50 17.60
CA THR A 56 14.21 -2.66 16.72
C THR A 56 13.30 -2.18 15.61
N THR A 57 13.30 -2.89 14.51
CA THR A 57 12.45 -2.51 13.34
C THR A 57 11.66 -3.72 12.86
N SER A 58 10.43 -3.52 12.46
CA SER A 58 9.59 -4.62 11.93
C SER A 58 9.25 -4.31 10.49
N ASN A 59 9.24 -5.29 9.61
CA ASN A 59 8.92 -5.03 8.18
C ASN A 59 7.77 -5.96 7.79
N PHE A 60 6.64 -5.41 7.45
CA PHE A 60 5.47 -6.24 7.05
C PHE A 60 5.11 -5.93 5.61
N LYS A 61 5.15 -6.92 4.77
CA LYS A 61 4.81 -6.74 3.34
C LYS A 61 3.54 -7.52 3.06
N GLY A 62 2.77 -7.06 2.15
CA GLY A 62 1.50 -7.76 1.84
C GLY A 62 0.87 -7.22 0.56
N VAL A 63 -0.30 -7.70 0.21
CA VAL A 63 -1.00 -7.24 -1.02
C VAL A 63 -2.38 -6.69 -0.66
N VAL A 64 -2.68 -5.49 -1.10
CA VAL A 64 -4.00 -4.88 -0.78
C VAL A 64 -4.96 -5.05 -1.95
N THR A 65 -6.06 -5.74 -1.72
CA THR A 65 -7.09 -5.93 -2.78
C THR A 65 -8.39 -5.31 -2.27
N PRO A 66 -9.23 -4.81 -3.13
CA PRO A 66 -10.51 -4.17 -2.70
C PRO A 66 -11.18 -4.91 -1.53
N SER A 67 -10.96 -6.20 -1.39
CA SER A 67 -11.59 -6.97 -0.29
C SER A 67 -10.58 -7.38 0.79
N THR A 68 -9.29 -7.09 0.60
CA THR A 68 -8.27 -7.50 1.64
C THR A 68 -7.46 -6.28 2.12
N PRO A 69 -7.70 -5.80 3.33
CA PRO A 69 -6.93 -4.66 3.91
C PRO A 69 -5.73 -5.15 4.73
N VAL A 70 -4.80 -4.27 5.04
CA VAL A 70 -3.59 -4.69 5.84
C VAL A 70 -3.57 -3.87 7.14
N ASN A 71 -3.42 -4.52 8.26
CA ASN A 71 -3.40 -3.79 9.57
C ASN A 71 -1.96 -3.60 10.05
N THR A 72 -1.54 -2.38 10.26
CA THR A 72 -0.14 -2.13 10.74
C THR A 72 -0.18 -1.86 12.24
N ASN A 73 -1.32 -2.00 12.85
CA ASN A 73 -1.42 -1.73 14.31
C ASN A 73 -0.77 -2.88 15.08
N GLN A 74 0.41 -3.29 14.68
CA GLN A 74 1.09 -4.40 15.41
C GLN A 74 1.04 -4.13 16.91
N ASP A 75 2.04 -3.48 17.45
CA ASP A 75 2.06 -3.17 18.91
C ASP A 75 1.96 -1.66 19.14
N ILE A 76 0.82 -1.18 19.54
CA ILE A 76 0.68 0.30 19.78
C ILE A 76 1.27 0.62 21.15
N ASN A 77 1.27 -0.33 22.06
CA ASN A 77 1.84 -0.05 23.40
C ASN A 77 3.31 0.33 23.21
N LYS A 78 3.99 -0.33 22.33
CA LYS A 78 5.40 0.03 22.08
C LYS A 78 5.46 1.40 21.38
N THR A 79 4.67 1.59 20.35
CA THR A 79 4.71 2.89 19.63
C THR A 79 4.29 4.04 20.55
N ASN A 80 3.20 3.96 21.23
CA ASN A 80 2.84 5.10 22.13
C ASN A 80 3.86 5.19 23.25
N LYS A 81 4.46 4.10 23.60
CA LYS A 81 5.50 4.10 24.69
C LYS A 81 6.76 4.82 24.22
N VAL A 82 7.27 4.49 23.05
CA VAL A 82 8.53 5.16 22.55
C VAL A 82 8.24 5.99 21.30
N GLY A 83 7.23 5.66 20.54
CA GLY A 83 6.91 6.47 19.32
C GLY A 83 7.70 5.95 18.13
N VAL A 84 7.26 6.29 16.95
CA VAL A 84 7.96 5.86 15.71
C VAL A 84 8.80 7.04 15.18
N GLN A 85 10.09 6.89 15.13
CA GLN A 85 10.95 8.01 14.65
C GLN A 85 10.86 8.18 13.13
N LYS A 86 11.21 7.15 12.38
CA LYS A 86 11.20 7.26 10.88
C LYS A 86 10.13 6.34 10.28
N TYR A 87 9.37 6.85 9.33
CA TYR A 87 8.32 6.01 8.65
C TYR A 87 8.57 5.98 7.13
N ARG A 88 8.55 4.82 6.53
CA ARG A 88 8.79 4.72 5.05
C ARG A 88 7.82 3.71 4.41
N ALA A 89 7.17 4.10 3.35
CA ALA A 89 6.20 3.19 2.65
C ALA A 89 6.55 3.09 1.15
N LEU A 90 6.58 1.90 0.61
CA LEU A 90 6.87 1.70 -0.85
C LEU A 90 5.66 1.02 -1.50
N THR A 91 5.19 1.54 -2.60
CA THR A 91 3.99 0.93 -3.29
C THR A 91 4.27 0.72 -4.78
N GLU A 92 3.97 -0.46 -5.27
CA GLU A 92 4.17 -0.77 -6.73
C GLU A 92 2.95 -1.48 -7.30
N TRP A 93 2.72 -1.34 -8.59
CA TRP A 93 1.56 -2.02 -9.23
C TRP A 93 1.84 -3.54 -9.25
N VAL A 94 0.84 -4.34 -8.97
CA VAL A 94 1.03 -5.83 -8.98
C VAL A 94 0.28 -6.42 -10.17
N GLY A 95 0.98 -7.07 -11.06
CA GLY A 95 0.32 -7.68 -12.25
C GLY A 95 1.36 -8.42 -13.10
N SER A 96 0.98 -8.90 -14.25
CA SER A 96 1.96 -9.61 -15.11
C SER A 96 2.97 -8.61 -15.66
N ARG A 97 4.18 -9.03 -15.91
CA ARG A 97 5.20 -8.09 -16.45
C ARG A 97 5.09 -8.04 -17.97
N SER A 98 5.01 -6.87 -18.54
CA SER A 98 4.90 -6.74 -20.02
C SER A 98 5.66 -5.49 -20.48
N GLY A 1 -9.78 -0.70 -27.78
CA GLY A 1 -8.27 -0.69 -28.03
C GLY A 1 -7.34 -0.74 -26.86
N GLY A 2 -6.14 -1.21 -27.07
CA GLY A 2 -5.16 -1.28 -25.94
C GLY A 2 -4.46 0.07 -25.79
N SER A 3 -4.77 1.01 -26.64
CA SER A 3 -4.12 2.35 -26.54
C SER A 3 -4.80 3.17 -25.44
N GLY A 4 -4.03 3.87 -24.65
CA GLY A 4 -4.60 4.70 -23.53
C GLY A 4 -3.89 4.35 -22.22
N TRP A 5 -4.63 4.03 -21.20
CA TRP A 5 -3.99 3.68 -19.90
C TRP A 5 -3.21 2.39 -20.04
N ASN A 6 -1.92 2.44 -19.79
CA ASN A 6 -1.08 1.21 -19.89
C ASN A 6 -0.21 1.10 -18.64
N ALA A 7 -0.63 1.69 -17.56
CA ALA A 7 0.18 1.62 -16.31
C ALA A 7 1.61 2.07 -16.63
N ASP A 8 1.75 3.07 -17.45
CA ASP A 8 3.09 3.56 -17.86
C ASP A 8 3.91 3.97 -16.63
N ASN A 9 3.58 5.07 -16.00
CA ASN A 9 4.36 5.51 -14.81
C ASN A 9 3.39 6.21 -13.85
N VAL A 10 2.22 5.67 -13.68
CA VAL A 10 1.24 6.32 -12.80
C VAL A 10 1.56 5.99 -11.34
N ASP A 11 1.43 6.96 -10.46
CA ASP A 11 1.75 6.73 -9.03
C ASP A 11 0.71 5.80 -8.38
N PRO A 12 1.11 4.70 -7.76
CA PRO A 12 0.17 3.77 -7.08
C PRO A 12 -0.20 4.25 -5.68
N SER A 13 0.58 5.14 -5.14
CA SER A 13 0.31 5.67 -3.77
C SER A 13 -1.07 6.33 -3.72
N GLN A 14 -1.44 7.05 -4.74
CA GLN A 14 -2.77 7.72 -4.75
C GLN A 14 -3.88 6.67 -4.77
N CYS A 15 -3.58 5.49 -5.25
CA CYS A 15 -4.61 4.42 -5.30
C CYS A 15 -5.03 4.02 -3.88
N ILE A 16 -4.12 4.03 -2.95
CA ILE A 16 -4.46 3.63 -1.54
C ILE A 16 -4.18 4.80 -0.60
N LYS A 17 -4.97 4.94 0.45
CA LYS A 17 -4.77 6.06 1.43
C LYS A 17 -4.66 5.48 2.84
N GLN A 18 -4.06 6.20 3.76
CA GLN A 18 -3.92 5.69 5.16
C GLN A 18 -4.99 6.32 6.06
N SER A 19 -5.93 5.53 6.55
CA SER A 19 -6.98 6.08 7.46
C SER A 19 -6.98 5.25 8.75
N GLY A 20 -6.77 5.86 9.89
CA GLY A 20 -6.75 5.05 11.15
C GLY A 20 -5.68 3.95 11.05
N VAL A 21 -4.44 4.34 10.96
CA VAL A 21 -3.32 3.36 10.86
C VAL A 21 -3.72 2.14 10.01
N GLN A 22 -4.57 2.35 9.05
CA GLN A 22 -5.02 1.23 8.16
C GLN A 22 -4.92 1.66 6.70
N TYR A 23 -4.89 0.72 5.80
CA TYR A 23 -4.80 1.06 4.32
C TYR A 23 -6.03 0.49 3.62
N THR A 24 -6.59 1.22 2.69
CA THR A 24 -7.79 0.73 1.94
C THR A 24 -7.59 1.02 0.45
N TYR A 25 -8.13 0.16 -0.38
CA TYR A 25 -7.99 0.36 -1.86
C TYR A 25 -9.10 1.31 -2.32
N ASN A 26 -8.73 2.43 -2.90
CA ASN A 26 -9.77 3.40 -3.34
C ASN A 26 -10.26 3.04 -4.75
N SER A 27 -11.45 2.50 -4.86
CA SER A 27 -12.00 2.16 -6.19
C SER A 27 -12.79 3.36 -6.72
N GLY A 28 -12.85 4.41 -5.94
CA GLY A 28 -13.61 5.62 -6.37
C GLY A 28 -12.91 6.24 -7.58
N VAL A 29 -11.73 5.78 -7.90
CA VAL A 29 -10.99 6.31 -9.07
C VAL A 29 -11.09 5.29 -10.22
N SER A 30 -11.56 5.71 -11.35
CA SER A 30 -11.74 4.77 -12.51
C SER A 30 -10.42 4.13 -12.93
N VAL A 31 -9.34 4.87 -12.95
CA VAL A 31 -8.05 4.28 -13.38
C VAL A 31 -7.74 3.02 -12.58
N CYS A 32 -8.12 2.99 -11.33
CA CYS A 32 -7.83 1.78 -10.49
C CYS A 32 -8.54 0.54 -11.06
N MET A 33 -9.79 0.67 -11.45
CA MET A 33 -10.51 -0.52 -11.99
C MET A 33 -10.09 -0.80 -13.45
N GLN A 34 -9.59 0.18 -14.15
CA GLN A 34 -9.17 -0.08 -15.55
C GLN A 34 -8.08 -1.16 -15.58
N GLY A 35 -7.16 -1.12 -14.65
CA GLY A 35 -6.08 -2.16 -14.63
C GLY A 35 -6.64 -3.48 -14.13
N LEU A 36 -7.39 -3.45 -13.05
CA LEU A 36 -7.97 -4.70 -12.50
C LEU A 36 -9.02 -5.26 -13.49
N ASN A 37 -9.78 -4.40 -14.09
CA ASN A 37 -10.81 -4.88 -15.05
C ASN A 37 -10.15 -5.64 -16.22
N GLU A 38 -9.02 -5.17 -16.69
CA GLU A 38 -8.33 -5.86 -17.83
C GLU A 38 -7.52 -7.05 -17.32
N GLY A 39 -7.39 -7.22 -16.04
CA GLY A 39 -6.60 -8.37 -15.52
C GLY A 39 -5.12 -8.14 -15.78
N LYS A 40 -4.69 -6.90 -15.84
CA LYS A 40 -3.24 -6.60 -16.06
C LYS A 40 -2.66 -6.26 -14.71
N VAL A 41 -3.52 -6.14 -13.75
CA VAL A 41 -3.09 -5.79 -12.36
C VAL A 41 -3.76 -6.77 -11.40
N ARG A 42 -3.18 -6.94 -10.24
CA ARG A 42 -3.76 -7.86 -9.22
C ARG A 42 -4.10 -7.03 -7.99
N GLY A 43 -3.73 -5.79 -8.00
CA GLY A 43 -4.02 -4.89 -6.84
C GLY A 43 -2.78 -4.06 -6.57
N VAL A 44 -2.60 -3.57 -5.36
CA VAL A 44 -1.38 -2.74 -5.06
C VAL A 44 -0.64 -3.34 -3.87
N SER A 45 0.65 -3.55 -4.00
CA SER A 45 1.43 -4.12 -2.87
C SER A 45 1.84 -2.96 -1.95
N VAL A 46 1.66 -3.13 -0.67
CA VAL A 46 2.03 -2.06 0.30
C VAL A 46 2.87 -2.66 1.42
N SER A 47 3.98 -2.03 1.73
CA SER A 47 4.88 -2.52 2.82
C SER A 47 5.04 -1.40 3.83
N GLY A 48 5.13 -1.74 5.09
CA GLY A 48 5.28 -0.69 6.15
C GLY A 48 6.37 -1.09 7.14
N VAL A 49 7.21 -0.16 7.52
CA VAL A 49 8.30 -0.46 8.50
C VAL A 49 8.18 0.48 9.70
N PHE A 50 8.21 -0.06 10.88
CA PHE A 50 8.12 0.78 12.10
C PHE A 50 9.51 0.93 12.72
N TYR A 51 9.97 2.14 12.88
CA TYR A 51 11.33 2.36 13.47
C TYR A 51 11.18 2.69 14.96
N TYR A 52 11.89 1.99 15.81
CA TYR A 52 11.80 2.26 17.27
C TYR A 52 13.13 2.81 17.78
N ASN A 53 13.11 3.92 18.47
CA ASN A 53 14.37 4.53 19.00
C ASN A 53 15.27 3.43 19.58
N ASP A 54 14.69 2.30 19.89
CA ASP A 54 15.49 1.19 20.48
C ASP A 54 16.46 0.65 19.43
N GLY A 55 16.45 1.21 18.25
CA GLY A 55 17.38 0.75 17.19
C GLY A 55 16.87 -0.55 16.56
N THR A 56 15.59 -0.81 16.65
CA THR A 56 15.03 -2.07 16.05
C THR A 56 13.98 -1.72 15.00
N THR A 57 13.89 -2.51 13.96
CA THR A 57 12.90 -2.23 12.88
C THR A 57 12.10 -3.50 12.57
N SER A 58 10.84 -3.34 12.34
CA SER A 58 9.95 -4.50 11.99
C SER A 58 9.39 -4.20 10.60
N ASN A 59 9.29 -5.18 9.73
CA ASN A 59 8.75 -4.90 8.37
C ASN A 59 7.65 -5.91 8.03
N PHE A 60 6.45 -5.42 7.80
CA PHE A 60 5.32 -6.33 7.44
C PHE A 60 4.88 -6.01 6.02
N LYS A 61 4.86 -6.99 5.18
CA LYS A 61 4.44 -6.78 3.76
C LYS A 61 3.13 -7.53 3.53
N GLY A 62 2.34 -7.01 2.66
CA GLY A 62 1.03 -7.65 2.35
C GLY A 62 0.44 -7.00 1.10
N VAL A 63 -0.56 -7.60 0.51
CA VAL A 63 -1.18 -7.03 -0.72
C VAL A 63 -2.58 -6.50 -0.36
N VAL A 64 -2.83 -5.26 -0.66
CA VAL A 64 -4.17 -4.65 -0.33
C VAL A 64 -5.10 -4.76 -1.54
N THR A 65 -6.22 -5.41 -1.37
CA THR A 65 -7.22 -5.57 -2.48
C THR A 65 -8.58 -5.10 -1.96
N PRO A 66 -9.44 -4.58 -2.82
CA PRO A 66 -10.78 -4.09 -2.42
C PRO A 66 -11.43 -4.93 -1.30
N SER A 67 -11.25 -6.22 -1.32
CA SER A 67 -11.87 -7.08 -0.27
C SER A 67 -10.85 -7.44 0.82
N THR A 68 -9.60 -7.10 0.64
CA THR A 68 -8.56 -7.44 1.68
C THR A 68 -7.76 -6.19 2.08
N PRO A 69 -7.97 -5.64 3.26
CA PRO A 69 -7.22 -4.45 3.74
C PRO A 69 -5.96 -4.86 4.53
N VAL A 70 -5.03 -3.95 4.72
CA VAL A 70 -3.78 -4.28 5.48
C VAL A 70 -3.68 -3.35 6.70
N ASN A 71 -3.45 -3.90 7.88
CA ASN A 71 -3.39 -3.04 9.11
C ASN A 71 -1.93 -2.78 9.54
N THR A 72 -1.56 -1.54 9.73
CA THR A 72 -0.17 -1.24 10.20
C THR A 72 -0.20 -1.13 11.72
N ASN A 73 -1.29 -1.54 12.32
CA ASN A 73 -1.42 -1.45 13.80
C ASN A 73 -0.65 -2.59 14.47
N GLN A 74 0.62 -2.67 14.21
CA GLN A 74 1.44 -3.75 14.84
C GLN A 74 1.36 -3.56 16.36
N ASP A 75 2.30 -4.10 17.10
CA ASP A 75 2.25 -3.92 18.58
C ASP A 75 2.41 -2.43 18.90
N ILE A 76 1.32 -1.78 19.21
CA ILE A 76 1.38 -0.32 19.52
C ILE A 76 1.86 -0.10 20.95
N ASN A 77 1.80 -1.10 21.78
CA ASN A 77 2.25 -0.90 23.19
C ASN A 77 3.72 -0.49 23.17
N LYS A 78 4.50 -1.10 22.32
CA LYS A 78 5.95 -0.75 22.23
C LYS A 78 6.09 0.70 21.80
N THR A 79 5.36 1.05 20.79
CA THR A 79 5.40 2.41 20.23
C THR A 79 4.98 3.42 21.30
N ASN A 80 3.96 3.13 22.05
CA ASN A 80 3.56 4.08 23.11
C ASN A 80 4.70 4.22 24.13
N LYS A 81 5.40 3.14 24.41
CA LYS A 81 6.51 3.22 25.38
C LYS A 81 7.70 3.97 24.81
N VAL A 82 8.08 3.70 23.58
CA VAL A 82 9.29 4.35 22.98
C VAL A 82 8.93 5.31 21.82
N GLY A 83 7.84 5.07 21.13
CA GLY A 83 7.45 5.99 20.03
C GLY A 83 8.06 5.57 18.70
N VAL A 84 7.56 6.11 17.63
CA VAL A 84 8.09 5.78 16.27
C VAL A 84 8.82 7.00 15.70
N GLN A 85 10.06 6.85 15.32
CA GLN A 85 10.81 8.02 14.77
C GLN A 85 10.45 8.23 13.30
N LYS A 86 10.80 7.28 12.44
CA LYS A 86 10.49 7.44 10.98
C LYS A 86 9.48 6.37 10.51
N TYR A 87 8.56 6.78 9.68
CA TYR A 87 7.55 5.82 9.12
C TYR A 87 7.68 5.83 7.59
N ARG A 88 7.83 4.69 6.96
CA ARG A 88 7.98 4.67 5.47
C ARG A 88 7.04 3.63 4.84
N ALA A 89 6.31 4.02 3.83
CA ALA A 89 5.37 3.08 3.13
C ALA A 89 5.74 3.01 1.64
N LEU A 90 5.86 1.82 1.11
CA LEU A 90 6.23 1.66 -0.35
C LEU A 90 5.02 1.11 -1.12
N THR A 91 4.67 1.72 -2.24
CA THR A 91 3.49 1.25 -3.03
C THR A 91 3.90 0.94 -4.48
N GLU A 92 3.65 -0.26 -4.94
CA GLU A 92 4.01 -0.66 -6.34
C GLU A 92 2.83 -1.39 -6.98
N TRP A 93 2.63 -1.24 -8.26
CA TRP A 93 1.51 -1.97 -8.92
C TRP A 93 1.84 -3.46 -8.93
N VAL A 94 0.87 -4.31 -8.69
CA VAL A 94 1.12 -5.79 -8.70
C VAL A 94 0.46 -6.39 -9.93
N GLY A 95 1.25 -7.00 -10.77
CA GLY A 95 0.73 -7.65 -12.00
C GLY A 95 1.90 -7.88 -12.95
N SER A 96 1.65 -8.30 -14.15
CA SER A 96 2.76 -8.55 -15.11
C SER A 96 3.39 -7.22 -15.53
N ARG A 97 4.68 -7.21 -15.79
CA ARG A 97 5.35 -5.94 -16.21
C ARG A 97 5.37 -5.84 -17.73
N SER A 98 5.02 -6.90 -18.41
CA SER A 98 5.02 -6.87 -19.90
C SER A 98 6.42 -6.49 -20.39
N GLY A 1 -8.14 -0.13 -29.42
CA GLY A 1 -7.82 1.29 -28.95
C GLY A 1 -8.49 1.83 -27.74
N GLY A 2 -8.04 2.96 -27.25
CA GLY A 2 -8.66 3.55 -26.04
C GLY A 2 -8.07 4.94 -25.80
N SER A 3 -8.05 5.36 -24.57
CA SER A 3 -7.48 6.70 -24.26
C SER A 3 -5.96 6.57 -24.18
N GLY A 4 -5.45 5.39 -24.39
CA GLY A 4 -3.97 5.19 -24.33
C GLY A 4 -3.52 5.21 -22.88
N TRP A 5 -4.41 4.92 -21.97
CA TRP A 5 -4.02 4.93 -20.54
C TRP A 5 -2.93 3.90 -20.29
N ASN A 6 -1.93 4.31 -19.56
CA ASN A 6 -0.83 3.38 -19.19
C ASN A 6 -0.62 3.51 -17.68
N ALA A 7 -0.57 2.42 -16.97
CA ALA A 7 -0.37 2.50 -15.51
C ALA A 7 0.93 3.23 -15.20
N ASP A 8 1.67 3.59 -16.21
CA ASP A 8 2.96 4.29 -15.98
C ASP A 8 2.71 5.73 -15.53
N ASN A 9 1.70 6.37 -16.04
CA ASN A 9 1.43 7.79 -15.63
C ASN A 9 0.66 7.80 -14.31
N VAL A 10 0.36 6.65 -13.77
CA VAL A 10 -0.40 6.59 -12.49
C VAL A 10 0.57 6.33 -11.34
N ASP A 11 0.37 6.98 -10.22
CA ASP A 11 1.28 6.77 -9.05
C ASP A 11 0.57 5.83 -8.04
N PRO A 12 0.98 4.58 -7.93
CA PRO A 12 0.33 3.62 -6.98
C PRO A 12 0.17 4.21 -5.58
N SER A 13 0.85 5.30 -5.31
CA SER A 13 0.76 5.94 -3.97
C SER A 13 -0.67 6.43 -3.72
N GLN A 14 -1.32 6.96 -4.74
CA GLN A 14 -2.71 7.49 -4.57
C GLN A 14 -3.74 6.35 -4.72
N CYS A 15 -3.33 5.21 -5.21
CA CYS A 15 -4.29 4.09 -5.38
C CYS A 15 -4.74 3.57 -4.01
N ILE A 16 -3.85 3.59 -3.06
CA ILE A 16 -4.18 3.08 -1.69
C ILE A 16 -4.00 4.23 -0.69
N LYS A 17 -4.81 4.29 0.33
CA LYS A 17 -4.69 5.39 1.34
C LYS A 17 -4.72 4.78 2.75
N GLN A 18 -4.10 5.43 3.69
CA GLN A 18 -4.08 4.88 5.09
C GLN A 18 -5.16 5.55 5.93
N SER A 19 -5.94 4.77 6.64
CA SER A 19 -7.00 5.34 7.52
C SER A 19 -6.67 4.94 8.96
N GLY A 20 -6.47 5.89 9.83
CA GLY A 20 -6.12 5.52 11.23
C GLY A 20 -4.95 4.55 11.20
N VAL A 21 -5.13 3.36 11.70
CA VAL A 21 -4.05 2.33 11.71
C VAL A 21 -4.42 1.22 10.73
N GLN A 22 -5.20 1.53 9.73
CA GLN A 22 -5.65 0.50 8.75
C GLN A 22 -5.38 0.98 7.31
N TYR A 23 -5.25 0.05 6.39
CA TYR A 23 -5.00 0.40 4.96
C TYR A 23 -6.16 -0.13 4.12
N THR A 24 -6.63 0.63 3.18
CA THR A 24 -7.77 0.18 2.32
C THR A 24 -7.51 0.56 0.87
N TYR A 25 -8.06 -0.16 -0.05
CA TYR A 25 -7.84 0.15 -1.48
C TYR A 25 -8.80 1.29 -1.86
N ASN A 26 -8.27 2.37 -2.40
CA ASN A 26 -9.13 3.53 -2.79
C ASN A 26 -9.69 3.34 -4.20
N SER A 27 -10.83 2.71 -4.33
CA SER A 27 -11.43 2.53 -5.68
C SER A 27 -12.13 3.83 -6.09
N GLY A 28 -12.24 4.75 -5.16
CA GLY A 28 -12.92 6.04 -5.49
C GLY A 28 -12.28 6.67 -6.72
N VAL A 29 -11.19 6.12 -7.19
CA VAL A 29 -10.51 6.66 -8.41
C VAL A 29 -10.75 5.68 -9.56
N SER A 30 -11.34 6.15 -10.63
CA SER A 30 -11.65 5.26 -11.78
C SER A 30 -10.38 4.68 -12.42
N VAL A 31 -9.32 5.45 -12.49
CA VAL A 31 -8.08 4.93 -13.15
C VAL A 31 -7.60 3.64 -12.45
N CYS A 32 -7.73 3.56 -11.15
CA CYS A 32 -7.27 2.32 -10.44
C CYS A 32 -8.04 1.09 -10.93
N MET A 33 -9.32 1.21 -11.11
CA MET A 33 -10.13 0.04 -11.57
C MET A 33 -9.87 -0.24 -13.05
N GLN A 34 -9.39 0.72 -13.79
CA GLN A 34 -9.15 0.46 -15.25
C GLN A 34 -8.14 -0.68 -15.41
N GLY A 35 -7.10 -0.71 -14.63
CA GLY A 35 -6.11 -1.82 -14.78
C GLY A 35 -6.65 -3.09 -14.13
N LEU A 36 -7.16 -2.98 -12.95
CA LEU A 36 -7.68 -4.17 -12.23
C LEU A 36 -8.87 -4.78 -13.01
N ASN A 37 -9.78 -3.98 -13.49
CA ASN A 37 -10.95 -4.52 -14.23
C ASN A 37 -10.50 -5.26 -15.49
N GLU A 38 -9.51 -4.75 -16.17
CA GLU A 38 -9.04 -5.42 -17.41
C GLU A 38 -8.22 -6.67 -17.08
N GLY A 39 -7.91 -6.88 -15.82
CA GLY A 39 -7.12 -8.09 -15.44
C GLY A 39 -5.66 -7.92 -15.87
N LYS A 40 -5.23 -6.69 -15.99
CA LYS A 40 -3.80 -6.42 -16.35
C LYS A 40 -3.07 -6.15 -15.05
N VAL A 41 -3.84 -6.06 -14.01
CA VAL A 41 -3.28 -5.79 -12.66
C VAL A 41 -3.94 -6.73 -11.66
N ARG A 42 -3.32 -6.93 -10.52
CA ARG A 42 -3.88 -7.83 -9.47
C ARG A 42 -4.14 -7.00 -8.21
N GLY A 43 -3.69 -5.77 -8.21
CA GLY A 43 -3.88 -4.89 -7.01
C GLY A 43 -2.60 -4.11 -6.76
N VAL A 44 -2.42 -3.56 -5.57
CA VAL A 44 -1.17 -2.79 -5.27
C VAL A 44 -0.45 -3.43 -4.09
N SER A 45 0.82 -3.73 -4.26
CA SER A 45 1.60 -4.34 -3.14
C SER A 45 2.11 -3.22 -2.23
N VAL A 46 2.05 -3.40 -0.94
CA VAL A 46 2.55 -2.34 -0.01
C VAL A 46 3.44 -2.96 1.06
N SER A 47 4.55 -2.33 1.30
CA SER A 47 5.50 -2.81 2.33
C SER A 47 5.76 -1.64 3.28
N GLY A 48 5.98 -1.90 4.54
CA GLY A 48 6.20 -0.76 5.48
C GLY A 48 7.09 -1.19 6.65
N VAL A 49 7.96 -0.31 7.07
CA VAL A 49 8.87 -0.61 8.23
C VAL A 49 8.68 0.48 9.29
N PHE A 50 8.48 0.09 10.52
CA PHE A 50 8.28 1.08 11.62
C PHE A 50 9.56 1.16 12.47
N TYR A 51 10.15 2.33 12.57
CA TYR A 51 11.42 2.46 13.36
C TYR A 51 11.11 2.84 14.81
N TYR A 52 11.62 2.07 15.75
CA TYR A 52 11.38 2.36 17.20
C TYR A 52 12.68 2.87 17.85
N ASN A 53 12.58 3.90 18.64
CA ASN A 53 13.79 4.43 19.32
C ASN A 53 14.35 3.33 20.23
N ASP A 54 13.57 2.31 20.44
CA ASP A 54 14.05 1.18 21.30
C ASP A 54 15.17 0.45 20.56
N GLY A 55 15.51 0.91 19.38
CA GLY A 55 16.61 0.27 18.61
C GLY A 55 16.08 -0.95 17.84
N THR A 56 14.78 -1.09 17.70
CA THR A 56 14.20 -2.28 16.98
C THR A 56 13.39 -1.84 15.76
N THR A 57 13.32 -2.70 14.77
CA THR A 57 12.54 -2.39 13.53
C THR A 57 11.62 -3.57 13.18
N SER A 58 10.44 -3.27 12.73
CA SER A 58 9.47 -4.34 12.32
C SER A 58 9.18 -4.15 10.84
N ASN A 59 9.05 -5.21 10.07
CA ASN A 59 8.79 -5.05 8.61
C ASN A 59 7.64 -5.98 8.21
N PHE A 60 6.54 -5.42 7.76
CA PHE A 60 5.38 -6.25 7.34
C PHE A 60 5.13 -6.04 5.85
N LYS A 61 5.15 -7.08 5.08
CA LYS A 61 4.90 -6.96 3.61
C LYS A 61 3.61 -7.73 3.31
N GLY A 62 2.83 -7.24 2.40
CA GLY A 62 1.55 -7.94 2.06
C GLY A 62 0.95 -7.34 0.80
N VAL A 63 -0.17 -7.88 0.35
CA VAL A 63 -0.83 -7.35 -0.90
C VAL A 63 -2.21 -6.79 -0.55
N VAL A 64 -2.48 -5.58 -0.97
CA VAL A 64 -3.81 -4.95 -0.68
C VAL A 64 -4.76 -5.16 -1.86
N THR A 65 -5.77 -5.96 -1.66
CA THR A 65 -6.77 -6.20 -2.75
C THR A 65 -8.17 -6.16 -2.11
N PRO A 66 -9.18 -5.79 -2.85
CA PRO A 66 -10.57 -5.74 -2.30
C PRO A 66 -10.88 -6.94 -1.40
N SER A 67 -10.08 -7.98 -1.46
CA SER A 67 -10.36 -9.17 -0.60
C SER A 67 -10.30 -8.77 0.88
N THR A 68 -9.22 -8.17 1.32
CA THR A 68 -9.13 -7.78 2.75
C THR A 68 -8.09 -6.65 2.93
N PRO A 69 -8.28 -5.76 3.89
CA PRO A 69 -7.30 -4.66 4.15
C PRO A 69 -6.13 -5.14 5.01
N VAL A 70 -5.06 -4.39 5.05
CA VAL A 70 -3.87 -4.77 5.89
C VAL A 70 -3.74 -3.77 7.04
N ASN A 71 -3.59 -4.27 8.25
CA ASN A 71 -3.51 -3.36 9.43
C ASN A 71 -2.06 -3.17 9.90
N THR A 72 -1.68 -1.96 10.25
CA THR A 72 -0.30 -1.70 10.76
C THR A 72 -0.37 -1.64 12.27
N ASN A 73 -1.55 -1.83 12.82
CA ASN A 73 -1.69 -1.77 14.31
C ASN A 73 -0.94 -2.93 14.94
N GLN A 74 0.30 -3.08 14.61
CA GLN A 74 1.10 -4.19 15.19
C GLN A 74 1.25 -3.98 16.69
N ASP A 75 2.29 -3.29 17.11
CA ASP A 75 2.52 -3.04 18.57
C ASP A 75 2.33 -1.55 18.88
N ILE A 76 1.10 -1.10 18.91
CA ILE A 76 0.81 0.33 19.22
C ILE A 76 1.34 0.63 20.63
N ASN A 77 1.18 -0.31 21.50
CA ASN A 77 1.68 -0.10 22.89
C ASN A 77 3.18 0.19 22.82
N LYS A 78 3.89 -0.51 21.99
CA LYS A 78 5.34 -0.25 21.84
C LYS A 78 5.55 1.12 21.20
N THR A 79 4.78 1.43 20.18
CA THR A 79 4.96 2.75 19.52
C THR A 79 4.54 3.87 20.48
N ASN A 80 3.48 3.70 21.22
CA ASN A 80 3.08 4.78 22.17
C ASN A 80 4.13 4.90 23.27
N LYS A 81 4.85 3.85 23.55
CA LYS A 81 5.88 3.94 24.62
C LYS A 81 7.04 4.85 24.18
N VAL A 82 7.54 4.66 22.98
CA VAL A 82 8.71 5.49 22.50
C VAL A 82 8.36 6.27 21.22
N GLY A 83 7.34 5.88 20.51
CA GLY A 83 6.97 6.60 19.26
C GLY A 83 7.76 6.06 18.09
N VAL A 84 7.41 6.46 16.92
CA VAL A 84 8.12 5.99 15.67
C VAL A 84 8.95 7.15 15.11
N GLN A 85 10.22 6.93 14.87
CA GLN A 85 11.08 8.04 14.33
C GLN A 85 10.89 8.19 12.82
N LYS A 86 11.31 7.20 12.04
CA LYS A 86 11.20 7.31 10.54
C LYS A 86 10.22 6.25 9.99
N TYR A 87 9.43 6.63 9.02
CA TYR A 87 8.44 5.68 8.40
C TYR A 87 8.73 5.57 6.89
N ARG A 88 8.72 4.38 6.34
CA ARG A 88 8.99 4.21 4.88
C ARG A 88 7.98 3.22 4.26
N ALA A 89 7.26 3.65 3.24
CA ALA A 89 6.27 2.75 2.57
C ALA A 89 6.55 2.66 1.06
N LEU A 90 6.41 1.49 0.48
CA LEU A 90 6.65 1.30 -1.00
C LEU A 90 5.36 0.84 -1.67
N THR A 91 4.99 1.50 -2.75
CA THR A 91 3.73 1.09 -3.48
C THR A 91 4.04 0.86 -4.95
N GLU A 92 3.84 -0.36 -5.39
CA GLU A 92 4.12 -0.72 -6.82
C GLU A 92 2.93 -1.51 -7.40
N TRP A 93 2.78 -1.49 -8.69
CA TRP A 93 1.66 -2.24 -9.34
C TRP A 93 1.94 -3.74 -9.23
N VAL A 94 0.91 -4.54 -9.06
CA VAL A 94 1.07 -6.02 -8.92
C VAL A 94 0.30 -6.71 -10.05
N GLY A 95 0.94 -7.59 -10.79
CA GLY A 95 0.24 -8.30 -11.90
C GLY A 95 0.52 -7.56 -13.22
N SER A 96 1.13 -6.42 -13.14
CA SER A 96 1.46 -5.64 -14.37
C SER A 96 2.70 -6.24 -15.03
N ARG A 97 2.74 -6.24 -16.34
CA ARG A 97 3.93 -6.80 -17.05
C ARG A 97 5.14 -5.88 -16.85
N SER A 98 6.33 -6.42 -16.84
CA SER A 98 7.54 -5.57 -16.66
C SER A 98 7.40 -4.79 -15.35
N GLY A 1 -9.84 8.71 -24.46
CA GLY A 1 -10.33 7.41 -25.10
C GLY A 1 -10.06 6.11 -24.43
N GLY A 2 -9.22 6.11 -23.43
CA GLY A 2 -8.90 4.84 -22.72
C GLY A 2 -7.73 4.15 -23.42
N SER A 3 -7.33 4.67 -24.55
CA SER A 3 -6.20 4.06 -25.30
C SER A 3 -4.87 4.58 -24.77
N GLY A 4 -3.80 3.86 -25.00
CA GLY A 4 -2.46 4.32 -24.51
C GLY A 4 -2.34 4.06 -23.02
N TRP A 5 -3.21 3.27 -22.46
CA TRP A 5 -3.13 2.98 -21.01
C TRP A 5 -2.07 1.91 -20.76
N ASN A 6 -1.03 2.27 -20.05
CA ASN A 6 0.04 1.30 -19.74
C ASN A 6 0.34 1.37 -18.24
N ALA A 7 -0.59 1.88 -17.49
CA ALA A 7 -0.39 1.99 -16.01
C ALA A 7 0.92 2.71 -15.72
N ASP A 8 1.48 3.38 -16.70
CA ASP A 8 2.78 4.10 -16.49
C ASP A 8 2.56 5.59 -16.23
N ASN A 9 1.33 6.03 -16.08
CA ASN A 9 1.06 7.48 -15.82
C ASN A 9 0.31 7.59 -14.51
N VAL A 10 0.29 6.52 -13.77
CA VAL A 10 -0.44 6.50 -12.46
C VAL A 10 0.56 6.18 -11.33
N ASP A 11 0.40 6.80 -10.20
CA ASP A 11 1.33 6.55 -9.04
C ASP A 11 0.61 5.66 -8.01
N PRO A 12 1.03 4.43 -7.82
CA PRO A 12 0.38 3.50 -6.84
C PRO A 12 0.01 4.20 -5.52
N SER A 13 0.77 5.16 -5.09
CA SER A 13 0.46 5.86 -3.81
C SER A 13 -0.92 6.52 -3.88
N GLN A 14 -1.27 7.11 -4.99
CA GLN A 14 -2.60 7.78 -5.09
C GLN A 14 -3.72 6.74 -5.10
N CYS A 15 -3.42 5.55 -5.52
CA CYS A 15 -4.46 4.48 -5.55
C CYS A 15 -4.87 4.09 -4.14
N ILE A 16 -3.95 4.12 -3.21
CA ILE A 16 -4.28 3.75 -1.79
C ILE A 16 -4.04 4.95 -0.90
N LYS A 17 -4.85 5.09 0.13
CA LYS A 17 -4.71 6.26 1.06
C LYS A 17 -4.60 5.74 2.48
N GLN A 18 -3.85 6.40 3.31
CA GLN A 18 -3.68 5.95 4.72
C GLN A 18 -4.81 6.53 5.57
N SER A 19 -5.62 5.69 6.17
CA SER A 19 -6.73 6.20 7.03
C SER A 19 -6.31 6.06 8.50
N GLY A 20 -6.25 7.15 9.22
CA GLY A 20 -5.84 7.07 10.65
C GLY A 20 -4.59 6.21 10.78
N VAL A 21 -4.76 4.93 11.03
CA VAL A 21 -3.59 4.02 11.19
C VAL A 21 -3.79 2.79 10.30
N GLN A 22 -4.63 2.90 9.31
CA GLN A 22 -4.91 1.74 8.39
C GLN A 22 -4.75 2.15 6.94
N TYR A 23 -4.73 1.18 6.07
CA TYR A 23 -4.60 1.44 4.60
C TYR A 23 -5.85 0.88 3.91
N THR A 24 -6.44 1.62 3.00
CA THR A 24 -7.67 1.12 2.30
C THR A 24 -7.51 1.31 0.79
N TYR A 25 -8.13 0.46 0.01
CA TYR A 25 -8.02 0.56 -1.47
C TYR A 25 -9.09 1.53 -2.00
N ASN A 26 -8.71 2.48 -2.80
CA ASN A 26 -9.70 3.46 -3.35
C ASN A 26 -10.30 2.94 -4.66
N SER A 27 -11.27 2.07 -4.58
CA SER A 27 -11.90 1.55 -5.84
C SER A 27 -12.86 2.59 -6.40
N GLY A 28 -13.25 3.56 -5.62
CA GLY A 28 -14.20 4.59 -6.11
C GLY A 28 -13.55 5.39 -7.24
N VAL A 29 -12.29 5.12 -7.53
CA VAL A 29 -11.60 5.85 -8.63
C VAL A 29 -11.64 4.97 -9.88
N SER A 30 -12.06 5.53 -10.98
CA SER A 30 -12.14 4.72 -12.23
C SER A 30 -10.76 4.18 -12.62
N VAL A 31 -9.73 4.96 -12.48
CA VAL A 31 -8.38 4.46 -12.86
C VAL A 31 -7.99 3.23 -12.03
N CYS A 32 -8.31 3.23 -10.76
CA CYS A 32 -7.95 2.05 -9.92
C CYS A 32 -8.64 0.80 -10.43
N MET A 33 -9.90 0.89 -10.79
CA MET A 33 -10.60 -0.32 -11.31
C MET A 33 -10.26 -0.54 -12.78
N GLN A 34 -9.73 0.47 -13.44
CA GLN A 34 -9.36 0.29 -14.87
C GLN A 34 -8.32 -0.83 -14.98
N GLY A 35 -7.39 -0.87 -14.06
CA GLY A 35 -6.34 -1.93 -14.10
C GLY A 35 -6.90 -3.26 -13.56
N LEU A 36 -7.56 -3.23 -12.45
CA LEU A 36 -8.12 -4.49 -11.88
C LEU A 36 -9.19 -5.07 -12.81
N ASN A 37 -10.05 -4.24 -13.35
CA ASN A 37 -11.11 -4.76 -14.25
C ASN A 37 -10.48 -5.38 -15.50
N GLU A 38 -9.45 -4.77 -16.03
CA GLU A 38 -8.79 -5.35 -17.24
C GLU A 38 -8.09 -6.66 -16.87
N GLY A 39 -7.66 -6.80 -15.65
CA GLY A 39 -6.98 -8.06 -15.24
C GLY A 39 -5.49 -7.98 -15.55
N LYS A 40 -4.94 -6.80 -15.66
CA LYS A 40 -3.49 -6.65 -15.93
C LYS A 40 -2.84 -6.28 -14.61
N VAL A 41 -3.66 -6.17 -13.60
CA VAL A 41 -3.16 -5.81 -12.24
C VAL A 41 -3.86 -6.72 -11.22
N ARG A 42 -3.27 -6.89 -10.07
CA ARG A 42 -3.88 -7.73 -8.99
C ARG A 42 -4.16 -6.85 -7.78
N GLY A 43 -3.65 -5.65 -7.80
CA GLY A 43 -3.86 -4.71 -6.66
C GLY A 43 -2.57 -3.93 -6.41
N VAL A 44 -2.38 -3.38 -5.24
CA VAL A 44 -1.13 -2.60 -4.95
C VAL A 44 -0.39 -3.25 -3.79
N SER A 45 0.87 -3.53 -3.94
CA SER A 45 1.67 -4.14 -2.83
C SER A 45 2.17 -3.03 -1.92
N VAL A 46 2.13 -3.24 -0.63
CA VAL A 46 2.61 -2.20 0.32
C VAL A 46 3.59 -2.82 1.31
N SER A 47 4.69 -2.17 1.52
CA SER A 47 5.71 -2.66 2.48
C SER A 47 6.01 -1.52 3.45
N GLY A 48 6.36 -1.81 4.67
CA GLY A 48 6.62 -0.70 5.62
C GLY A 48 7.69 -1.08 6.65
N VAL A 49 8.49 -0.11 7.04
CA VAL A 49 9.55 -0.34 8.07
C VAL A 49 9.23 0.55 9.26
N PHE A 50 9.15 -0.01 10.42
CA PHE A 50 8.82 0.79 11.64
C PHE A 50 10.09 0.95 12.46
N TYR A 51 10.54 2.17 12.62
CA TYR A 51 11.79 2.41 13.41
C TYR A 51 11.42 2.69 14.86
N TYR A 52 11.98 1.94 15.77
CA TYR A 52 11.67 2.12 17.22
C TYR A 52 12.89 2.72 17.91
N ASN A 53 12.71 3.72 18.74
CA ASN A 53 13.87 4.32 19.43
C ASN A 53 14.61 3.24 20.22
N ASP A 54 14.05 2.05 20.25
CA ASP A 54 14.72 0.93 20.97
C ASP A 54 15.91 0.48 20.13
N GLY A 55 16.16 1.16 19.04
CA GLY A 55 17.31 0.80 18.17
C GLY A 55 16.98 -0.44 17.33
N THR A 56 15.71 -0.66 17.04
CA THR A 56 15.32 -1.87 16.24
C THR A 56 14.41 -1.48 15.09
N THR A 57 14.45 -2.23 14.02
CA THR A 57 13.57 -1.93 12.84
C THR A 57 12.88 -3.22 12.39
N SER A 58 11.58 -3.21 12.35
CA SER A 58 10.81 -4.42 11.90
C SER A 58 10.29 -4.15 10.49
N ASN A 59 10.08 -5.17 9.70
CA ASN A 59 9.57 -4.96 8.31
C ASN A 59 8.41 -5.91 8.06
N PHE A 60 7.24 -5.38 7.78
CA PHE A 60 6.05 -6.26 7.48
C PHE A 60 5.59 -5.98 6.06
N LYS A 61 5.52 -7.00 5.24
CA LYS A 61 5.09 -6.82 3.84
C LYS A 61 3.74 -7.50 3.66
N GLY A 62 2.92 -6.93 2.84
CA GLY A 62 1.57 -7.52 2.60
C GLY A 62 0.99 -6.92 1.32
N VAL A 63 -0.15 -7.39 0.89
CA VAL A 63 -0.79 -6.84 -0.35
C VAL A 63 -2.16 -6.28 -0.01
N VAL A 64 -2.41 -5.04 -0.38
CA VAL A 64 -3.72 -4.41 -0.06
C VAL A 64 -4.69 -4.55 -1.24
N THR A 65 -5.79 -5.20 -1.01
CA THR A 65 -6.83 -5.40 -2.08
C THR A 65 -8.20 -5.16 -1.43
N PRO A 66 -9.20 -4.79 -2.19
CA PRO A 66 -10.56 -4.53 -1.64
C PRO A 66 -11.03 -5.67 -0.74
N SER A 67 -10.27 -6.74 -0.66
CA SER A 67 -10.69 -7.89 0.19
C SER A 67 -10.57 -7.53 1.68
N THR A 68 -9.43 -7.05 2.11
CA THR A 68 -9.27 -6.70 3.55
C THR A 68 -8.19 -5.61 3.73
N PRO A 69 -8.33 -4.73 4.70
CA PRO A 69 -7.32 -3.65 4.96
C PRO A 69 -6.11 -4.16 5.77
N VAL A 70 -5.03 -3.41 5.78
CA VAL A 70 -3.80 -3.81 6.54
C VAL A 70 -3.44 -2.70 7.53
N ASN A 71 -3.20 -3.03 8.77
CA ASN A 71 -2.85 -1.98 9.78
C ASN A 71 -1.33 -1.80 9.83
N THR A 72 -0.87 -0.58 9.94
CA THR A 72 0.59 -0.35 10.01
C THR A 72 1.07 -0.63 11.42
N ASN A 73 0.42 -0.05 12.37
CA ASN A 73 0.82 -0.25 13.77
C ASN A 73 0.28 -1.60 14.25
N GLN A 74 0.67 -2.63 13.56
CA GLN A 74 0.19 -4.01 13.94
C GLN A 74 0.34 -4.17 15.46
N ASP A 75 1.42 -3.66 16.00
CA ASP A 75 1.64 -3.74 17.48
C ASP A 75 1.46 -2.34 18.08
N ILE A 76 0.23 -1.90 18.19
CA ILE A 76 -0.04 -0.53 18.75
C ILE A 76 0.50 -0.41 20.17
N ASN A 77 0.36 -1.44 20.95
CA ASN A 77 0.86 -1.35 22.35
C ASN A 77 2.36 -1.10 22.30
N LYS A 78 3.08 -1.82 21.48
CA LYS A 78 4.54 -1.57 21.38
C LYS A 78 4.78 -0.13 20.90
N THR A 79 4.11 0.25 19.85
CA THR A 79 4.29 1.61 19.30
C THR A 79 3.87 2.67 20.33
N ASN A 80 2.80 2.45 21.03
CA ASN A 80 2.37 3.46 22.04
C ASN A 80 3.42 3.56 23.15
N LYS A 81 4.08 2.48 23.47
CA LYS A 81 5.10 2.50 24.56
C LYS A 81 6.29 3.35 24.15
N VAL A 82 6.83 3.11 22.97
CA VAL A 82 8.06 3.85 22.54
C VAL A 82 7.78 4.76 21.33
N GLY A 83 6.79 4.47 20.53
CA GLY A 83 6.50 5.35 19.36
C GLY A 83 7.45 5.01 18.20
N VAL A 84 7.06 5.36 17.01
CA VAL A 84 7.91 5.08 15.81
C VAL A 84 8.56 6.40 15.35
N GLN A 85 9.87 6.45 15.33
CA GLN A 85 10.57 7.70 14.92
C GLN A 85 10.39 7.97 13.41
N LYS A 86 10.82 7.06 12.57
CA LYS A 86 10.72 7.29 11.09
C LYS A 86 9.73 6.30 10.46
N TYR A 87 8.94 6.74 9.53
CA TYR A 87 7.94 5.86 8.85
C TYR A 87 8.24 5.81 7.35
N ARG A 88 8.37 4.64 6.77
CA ARG A 88 8.66 4.55 5.29
C ARG A 88 7.69 3.56 4.63
N ALA A 89 7.02 3.97 3.57
CA ALA A 89 6.05 3.07 2.86
C ALA A 89 6.41 2.98 1.36
N LEU A 90 6.25 1.81 0.78
CA LEU A 90 6.56 1.62 -0.68
C LEU A 90 5.34 1.03 -1.40
N THR A 91 4.97 1.58 -2.53
CA THR A 91 3.77 1.06 -3.28
C THR A 91 4.14 0.76 -4.74
N GLU A 92 3.89 -0.46 -5.18
CA GLU A 92 4.21 -0.88 -6.57
C GLU A 92 3.01 -1.62 -7.18
N TRP A 93 2.79 -1.50 -8.47
CA TRP A 93 1.64 -2.22 -9.11
C TRP A 93 1.93 -3.72 -9.10
N VAL A 94 0.93 -4.52 -8.83
CA VAL A 94 1.10 -6.00 -8.83
C VAL A 94 0.31 -6.59 -10.00
N GLY A 95 0.99 -7.26 -10.90
CA GLY A 95 0.28 -7.86 -12.07
C GLY A 95 1.28 -8.66 -12.91
N SER A 96 0.83 -9.20 -14.01
CA SER A 96 1.74 -9.99 -14.89
C SER A 96 2.74 -9.04 -15.56
N ARG A 97 4.00 -9.38 -15.56
CA ARG A 97 5.02 -8.50 -16.19
C ARG A 97 4.87 -8.55 -17.71
N SER A 98 5.00 -7.42 -18.36
CA SER A 98 4.88 -7.38 -19.84
C SER A 98 6.19 -7.85 -20.47
N GLY A 1 4.31 3.27 -28.43
CA GLY A 1 4.15 4.31 -27.31
C GLY A 1 2.79 4.71 -26.87
N GLY A 2 1.78 4.44 -27.66
CA GLY A 2 0.39 4.82 -27.27
C GLY A 2 -0.22 3.73 -26.39
N SER A 3 -0.74 2.69 -27.00
CA SER A 3 -1.36 1.59 -26.21
C SER A 3 -2.41 2.18 -25.25
N GLY A 4 -2.90 3.34 -25.55
CA GLY A 4 -3.94 3.97 -24.68
C GLY A 4 -3.39 4.15 -23.26
N TRP A 5 -4.19 3.85 -22.27
CA TRP A 5 -3.74 4.01 -20.86
C TRP A 5 -2.52 3.15 -20.56
N ASN A 6 -1.62 3.71 -19.81
CA ASN A 6 -0.40 2.97 -19.40
C ASN A 6 -0.25 3.10 -17.89
N ALA A 7 -0.09 2.00 -17.19
CA ALA A 7 0.08 2.08 -15.71
C ALA A 7 1.36 2.86 -15.39
N ASP A 8 2.02 3.36 -16.41
CA ASP A 8 3.29 4.11 -16.20
C ASP A 8 3.01 5.57 -15.81
N ASN A 9 1.88 6.11 -16.20
CA ASN A 9 1.58 7.53 -15.88
C ASN A 9 0.75 7.63 -14.59
N VAL A 10 0.50 6.53 -13.93
CA VAL A 10 -0.32 6.57 -12.68
C VAL A 10 0.55 6.24 -11.47
N ASP A 11 0.48 7.07 -10.45
CA ASP A 11 1.28 6.80 -9.21
C ASP A 11 0.43 5.90 -8.29
N PRO A 12 0.99 4.83 -7.75
CA PRO A 12 0.21 3.91 -6.87
C PRO A 12 0.03 4.47 -5.45
N SER A 13 0.84 5.42 -5.07
CA SER A 13 0.71 6.00 -3.70
C SER A 13 -0.67 6.62 -3.51
N GLN A 14 -1.18 7.29 -4.51
CA GLN A 14 -2.53 7.93 -4.37
C GLN A 14 -3.63 6.89 -4.66
N CYS A 15 -3.27 5.75 -5.17
CA CYS A 15 -4.31 4.71 -5.45
C CYS A 15 -4.85 4.17 -4.12
N ILE A 16 -4.02 4.14 -3.11
CA ILE A 16 -4.47 3.62 -1.77
C ILE A 16 -4.30 4.74 -0.75
N LYS A 17 -5.17 4.80 0.23
CA LYS A 17 -5.10 5.88 1.28
C LYS A 17 -5.06 5.22 2.66
N GLN A 18 -4.42 5.87 3.60
CA GLN A 18 -4.31 5.30 4.98
C GLN A 18 -5.34 5.95 5.90
N SER A 19 -6.21 5.17 6.49
CA SER A 19 -7.23 5.74 7.42
C SER A 19 -6.85 5.37 8.86
N GLY A 20 -6.27 6.27 9.59
CA GLY A 20 -5.89 5.94 10.99
C GLY A 20 -4.69 4.98 10.97
N VAL A 21 -4.94 3.69 11.03
CA VAL A 21 -3.82 2.68 11.03
C VAL A 21 -4.12 1.56 10.04
N GLN A 22 -4.97 1.79 9.06
CA GLN A 22 -5.30 0.72 8.07
C GLN A 22 -5.19 1.28 6.65
N TYR A 23 -5.08 0.41 5.67
CA TYR A 23 -4.99 0.85 4.24
C TYR A 23 -6.26 0.39 3.51
N THR A 24 -6.79 1.19 2.63
CA THR A 24 -8.03 0.80 1.88
C THR A 24 -7.81 1.01 0.39
N TYR A 25 -8.33 0.13 -0.42
CA TYR A 25 -8.15 0.25 -1.89
C TYR A 25 -9.18 1.24 -2.46
N ASN A 26 -8.72 2.23 -3.18
CA ASN A 26 -9.65 3.25 -3.76
C ASN A 26 -10.11 2.81 -5.16
N SER A 27 -11.14 2.01 -5.25
CA SER A 27 -11.64 1.58 -6.58
C SER A 27 -12.61 2.62 -7.13
N GLY A 28 -12.86 3.66 -6.38
CA GLY A 28 -13.80 4.72 -6.85
C GLY A 28 -13.25 5.36 -8.13
N VAL A 29 -11.96 5.42 -8.27
CA VAL A 29 -11.37 6.03 -9.50
C VAL A 29 -11.33 4.98 -10.62
N SER A 30 -11.78 5.34 -11.78
CA SER A 30 -11.81 4.37 -12.92
C SER A 30 -10.40 3.86 -13.25
N VAL A 31 -9.41 4.70 -13.22
CA VAL A 31 -8.02 4.24 -13.58
C VAL A 31 -7.64 3.01 -12.76
N CYS A 32 -8.01 2.95 -11.51
CA CYS A 32 -7.64 1.76 -10.69
C CYS A 32 -8.30 0.50 -11.27
N MET A 33 -9.53 0.60 -11.71
CA MET A 33 -10.22 -0.60 -12.28
C MET A 33 -9.77 -0.84 -13.72
N GLN A 34 -9.14 0.13 -14.34
CA GLN A 34 -8.68 -0.10 -15.75
C GLN A 34 -7.61 -1.19 -15.76
N GLY A 35 -6.73 -1.20 -14.80
CA GLY A 35 -5.67 -2.24 -14.75
C GLY A 35 -6.28 -3.56 -14.27
N LEU A 36 -7.01 -3.52 -13.19
CA LEU A 36 -7.63 -4.78 -12.67
C LEU A 36 -8.60 -5.36 -13.71
N ASN A 37 -9.36 -4.52 -14.37
CA ASN A 37 -10.33 -5.04 -15.38
C ASN A 37 -9.57 -5.76 -16.50
N GLU A 38 -8.45 -5.24 -16.92
CA GLU A 38 -7.69 -5.92 -18.01
C GLU A 38 -6.96 -7.13 -17.43
N GLY A 39 -6.94 -7.27 -16.14
CA GLY A 39 -6.25 -8.43 -15.53
C GLY A 39 -4.74 -8.30 -15.71
N LYS A 40 -4.25 -7.09 -15.82
CA LYS A 40 -2.78 -6.87 -15.97
C LYS A 40 -2.26 -6.52 -14.59
N VAL A 41 -3.18 -6.34 -13.68
CA VAL A 41 -2.83 -5.98 -12.28
C VAL A 41 -3.64 -6.87 -11.32
N ARG A 42 -3.19 -7.00 -10.10
CA ARG A 42 -3.93 -7.84 -9.09
C ARG A 42 -4.29 -6.95 -7.89
N GLY A 43 -3.80 -5.75 -7.89
CA GLY A 43 -4.09 -4.80 -6.76
C GLY A 43 -2.83 -3.96 -6.50
N VAL A 44 -2.80 -3.21 -5.43
CA VAL A 44 -1.57 -2.39 -5.12
C VAL A 44 -0.90 -2.97 -3.89
N SER A 45 0.37 -3.28 -3.98
CA SER A 45 1.09 -3.86 -2.81
C SER A 45 1.50 -2.73 -1.87
N VAL A 46 1.37 -2.95 -0.59
CA VAL A 46 1.75 -1.91 0.41
C VAL A 46 2.65 -2.53 1.46
N SER A 47 3.74 -1.88 1.77
CA SER A 47 4.68 -2.39 2.80
C SER A 47 4.85 -1.32 3.86
N GLY A 48 4.96 -1.69 5.11
CA GLY A 48 5.11 -0.66 6.19
C GLY A 48 6.22 -1.07 7.14
N VAL A 49 7.10 -0.15 7.45
CA VAL A 49 8.23 -0.44 8.40
C VAL A 49 8.15 0.53 9.58
N PHE A 50 8.18 0.03 10.78
CA PHE A 50 8.13 0.90 11.99
C PHE A 50 9.53 0.97 12.60
N TYR A 51 10.07 2.16 12.73
CA TYR A 51 11.45 2.31 13.30
C TYR A 51 11.35 2.63 14.79
N TYR A 52 12.07 1.89 15.60
CA TYR A 52 12.03 2.12 17.08
C TYR A 52 13.41 2.61 17.55
N ASN A 53 13.45 3.71 18.26
CA ASN A 53 14.75 4.25 18.76
C ASN A 53 15.61 3.12 19.31
N ASP A 54 15.00 2.00 19.62
CA ASP A 54 15.77 0.85 20.17
C ASP A 54 16.70 0.29 19.09
N GLY A 55 16.71 0.87 17.93
CA GLY A 55 17.60 0.36 16.85
C GLY A 55 16.99 -0.90 16.23
N THR A 56 15.71 -1.09 16.39
CA THR A 56 15.04 -2.30 15.80
C THR A 56 14.03 -1.87 14.75
N THR A 57 13.74 -2.73 13.82
CA THR A 57 12.74 -2.38 12.76
C THR A 57 11.86 -3.58 12.46
N SER A 58 10.59 -3.35 12.31
CA SER A 58 9.63 -4.45 11.98
C SER A 58 9.12 -4.18 10.58
N ASN A 59 8.78 -5.19 9.83
CA ASN A 59 8.28 -4.95 8.43
C ASN A 59 7.14 -5.91 8.11
N PHE A 60 5.98 -5.38 7.84
CA PHE A 60 4.80 -6.21 7.47
C PHE A 60 4.45 -5.92 6.01
N LYS A 61 4.46 -6.92 5.17
CA LYS A 61 4.14 -6.73 3.74
C LYS A 61 2.84 -7.45 3.44
N GLY A 62 2.07 -6.92 2.55
CA GLY A 62 0.77 -7.57 2.19
C GLY A 62 0.21 -6.92 0.93
N VAL A 63 -0.82 -7.51 0.36
CA VAL A 63 -1.42 -6.94 -0.89
C VAL A 63 -2.81 -6.37 -0.56
N VAL A 64 -3.05 -5.14 -0.93
CA VAL A 64 -4.37 -4.51 -0.64
C VAL A 64 -5.32 -4.72 -1.82
N THR A 65 -6.42 -5.38 -1.58
CA THR A 65 -7.43 -5.61 -2.65
C THR A 65 -8.82 -5.34 -2.07
N PRO A 66 -9.74 -4.86 -2.86
CA PRO A 66 -11.12 -4.56 -2.36
C PRO A 66 -11.64 -5.62 -1.38
N SER A 67 -11.08 -6.81 -1.42
CA SER A 67 -11.56 -7.88 -0.50
C SER A 67 -11.22 -7.57 0.96
N THR A 68 -10.01 -7.15 1.25
CA THR A 68 -9.67 -6.85 2.69
C THR A 68 -8.53 -5.83 2.81
N PRO A 69 -8.57 -4.94 3.78
CA PRO A 69 -7.49 -3.92 4.00
C PRO A 69 -6.31 -4.50 4.79
N VAL A 70 -5.19 -3.82 4.83
CA VAL A 70 -4.00 -4.33 5.59
C VAL A 70 -3.84 -3.53 6.88
N ASN A 71 -3.58 -4.19 7.98
CA ASN A 71 -3.45 -3.49 9.29
C ASN A 71 -1.97 -3.28 9.66
N THR A 72 -1.58 -2.04 9.91
CA THR A 72 -0.17 -1.74 10.32
C THR A 72 -0.22 -1.31 11.79
N ASN A 73 -1.27 -1.67 12.47
CA ASN A 73 -1.42 -1.28 13.90
C ASN A 73 -0.57 -2.21 14.77
N GLN A 74 0.71 -2.22 14.55
CA GLN A 74 1.61 -3.08 15.38
C GLN A 74 1.29 -2.81 16.85
N ASP A 75 1.93 -3.49 17.77
CA ASP A 75 1.61 -3.23 19.20
C ASP A 75 2.06 -1.81 19.54
N ILE A 76 1.14 -0.99 19.95
CA ILE A 76 1.49 0.42 20.29
C ILE A 76 2.10 0.49 21.69
N ASN A 77 1.99 -0.54 22.48
CA ASN A 77 2.57 -0.47 23.84
C ASN A 77 4.08 -0.22 23.74
N LYS A 78 4.76 -0.90 22.86
CA LYS A 78 6.22 -0.67 22.73
C LYS A 78 6.47 0.74 22.19
N THR A 79 5.67 1.18 21.26
CA THR A 79 5.84 2.55 20.70
C THR A 79 5.61 3.57 21.82
N ASN A 80 4.63 3.34 22.64
CA ASN A 80 4.36 4.30 23.76
C ASN A 80 5.58 4.34 24.69
N LYS A 81 6.19 3.21 24.93
CA LYS A 81 7.38 3.19 25.84
C LYS A 81 8.59 3.85 25.18
N VAL A 82 8.83 3.58 23.92
CA VAL A 82 10.06 4.14 23.25
C VAL A 82 9.70 5.19 22.16
N GLY A 83 8.56 5.07 21.54
CA GLY A 83 8.16 6.06 20.50
C GLY A 83 8.65 5.62 19.12
N VAL A 84 8.07 6.17 18.09
CA VAL A 84 8.47 5.83 16.68
C VAL A 84 9.20 7.03 16.07
N GLN A 85 10.37 6.83 15.54
CA GLN A 85 11.14 7.96 14.95
C GLN A 85 10.77 8.18 13.48
N LYS A 86 11.04 7.21 12.63
CA LYS A 86 10.75 7.37 11.16
C LYS A 86 9.67 6.40 10.69
N TYR A 87 8.82 6.85 9.78
CA TYR A 87 7.75 5.99 9.20
C TYR A 87 7.97 5.93 7.68
N ARG A 88 7.97 4.76 7.09
CA ARG A 88 8.21 4.66 5.61
C ARG A 88 7.19 3.70 4.97
N ALA A 89 6.53 4.14 3.92
CA ALA A 89 5.52 3.29 3.22
C ALA A 89 5.90 3.17 1.74
N LEU A 90 5.84 1.98 1.18
CA LEU A 90 6.20 1.79 -0.27
C LEU A 90 4.99 1.23 -1.00
N THR A 91 4.69 1.77 -2.16
CA THR A 91 3.50 1.29 -2.95
C THR A 91 3.88 1.00 -4.41
N GLU A 92 3.63 -0.19 -4.86
CA GLU A 92 3.96 -0.58 -6.28
C GLU A 92 2.78 -1.32 -6.92
N TRP A 93 2.68 -1.33 -8.22
CA TRP A 93 1.55 -2.06 -8.89
C TRP A 93 1.78 -3.57 -8.68
N VAL A 94 0.74 -4.34 -8.60
CA VAL A 94 0.88 -5.82 -8.41
C VAL A 94 0.29 -6.56 -9.62
N GLY A 95 1.09 -7.37 -10.27
CA GLY A 95 0.60 -8.14 -11.45
C GLY A 95 1.37 -7.69 -12.69
N SER A 96 2.27 -6.75 -12.55
CA SER A 96 3.06 -6.27 -13.71
C SER A 96 4.40 -7.03 -13.73
N ARG A 97 4.83 -7.48 -14.87
CA ARG A 97 6.12 -8.21 -14.94
C ARG A 97 7.28 -7.21 -14.93
N SER A 98 6.97 -5.95 -14.97
CA SER A 98 8.05 -4.92 -14.95
C SER A 98 8.55 -4.75 -13.52
N GLY A 1 -1.22 3.22 -35.41
CA GLY A 1 -0.77 2.49 -34.13
C GLY A 1 -0.02 3.23 -33.07
N GLY A 2 -0.18 2.83 -31.83
CA GLY A 2 0.55 3.54 -30.74
C GLY A 2 0.30 2.82 -29.40
N SER A 3 0.83 3.33 -28.32
CA SER A 3 0.64 2.68 -26.99
C SER A 3 -0.53 3.36 -26.25
N GLY A 4 -1.32 2.61 -25.52
CA GLY A 4 -2.47 3.21 -24.78
C GLY A 4 -2.21 3.19 -23.27
N TRP A 5 -3.17 2.72 -22.50
CA TRP A 5 -2.99 2.67 -21.02
C TRP A 5 -1.93 1.64 -20.66
N ASN A 6 -0.93 2.05 -19.92
CA ASN A 6 0.15 1.10 -19.50
C ASN A 6 0.46 1.29 -18.01
N ALA A 7 -0.43 1.92 -17.29
CA ALA A 7 -0.18 2.14 -15.84
C ALA A 7 1.13 2.93 -15.67
N ASP A 8 1.57 3.61 -16.70
CA ASP A 8 2.84 4.37 -16.63
C ASP A 8 2.59 5.87 -16.38
N ASN A 9 1.36 6.27 -16.15
CA ASN A 9 1.07 7.73 -15.90
C ASN A 9 0.23 7.86 -14.63
N VAL A 10 0.08 6.78 -13.92
CA VAL A 10 -0.73 6.78 -12.68
C VAL A 10 0.13 6.26 -11.54
N ASP A 11 0.19 6.96 -10.44
CA ASP A 11 1.02 6.49 -9.29
C ASP A 11 0.16 5.59 -8.39
N PRO A 12 0.75 4.61 -7.74
CA PRO A 12 0.00 3.68 -6.85
C PRO A 12 -0.26 4.29 -5.47
N SER A 13 0.53 5.26 -5.09
CA SER A 13 0.34 5.89 -3.76
C SER A 13 -1.05 6.52 -3.66
N GLN A 14 -1.52 7.15 -4.70
CA GLN A 14 -2.87 7.79 -4.64
C GLN A 14 -3.97 6.74 -4.85
N CYS A 15 -3.61 5.58 -5.32
CA CYS A 15 -4.62 4.51 -5.52
C CYS A 15 -5.10 4.00 -4.16
N ILE A 16 -4.24 4.06 -3.18
CA ILE A 16 -4.60 3.60 -1.80
C ILE A 16 -4.45 4.78 -0.84
N LYS A 17 -5.41 4.99 0.03
CA LYS A 17 -5.33 6.15 0.99
C LYS A 17 -5.14 5.62 2.41
N GLN A 18 -4.43 6.35 3.24
CA GLN A 18 -4.22 5.89 4.64
C GLN A 18 -5.25 6.57 5.55
N SER A 19 -6.08 5.80 6.21
CA SER A 19 -7.09 6.40 7.13
C SER A 19 -6.65 6.11 8.57
N GLY A 20 -6.34 7.12 9.33
CA GLY A 20 -5.87 6.86 10.71
C GLY A 20 -4.68 5.91 10.64
N VAL A 21 -4.86 4.68 11.06
CA VAL A 21 -3.74 3.68 11.00
C VAL A 21 -4.16 2.52 10.10
N GLN A 22 -4.92 2.79 9.07
CA GLN A 22 -5.39 1.70 8.15
C GLN A 22 -5.13 2.06 6.68
N TYR A 23 -5.11 1.05 5.85
CA TYR A 23 -4.92 1.24 4.38
C TYR A 23 -6.14 0.66 3.68
N THR A 24 -6.66 1.34 2.69
CA THR A 24 -7.85 0.82 1.97
C THR A 24 -7.67 1.04 0.47
N TYR A 25 -8.32 0.24 -0.34
CA TYR A 25 -8.17 0.39 -1.83
C TYR A 25 -9.19 1.40 -2.35
N ASN A 26 -8.75 2.38 -3.10
CA ASN A 26 -9.70 3.41 -3.63
C ASN A 26 -10.31 2.92 -4.95
N SER A 27 -11.33 2.11 -4.88
CA SER A 27 -11.96 1.61 -6.14
C SER A 27 -12.97 2.64 -6.65
N GLY A 28 -13.14 3.73 -5.95
CA GLY A 28 -14.11 4.77 -6.40
C GLY A 28 -13.70 5.28 -7.77
N VAL A 29 -12.42 5.45 -7.99
CA VAL A 29 -11.94 5.92 -9.32
C VAL A 29 -11.87 4.73 -10.29
N SER A 30 -12.36 4.90 -11.49
CA SER A 30 -12.35 3.76 -12.45
C SER A 30 -10.93 3.50 -12.96
N VAL A 31 -10.07 4.49 -12.97
CA VAL A 31 -8.69 4.27 -13.49
C VAL A 31 -7.96 3.18 -12.67
N CYS A 32 -8.13 3.18 -11.38
CA CYS A 32 -7.44 2.13 -10.57
C CYS A 32 -8.07 0.76 -10.88
N MET A 33 -9.38 0.71 -11.02
CA MET A 33 -10.03 -0.59 -11.33
C MET A 33 -9.89 -0.86 -12.82
N GLN A 34 -9.52 0.14 -13.58
CA GLN A 34 -9.35 -0.06 -15.05
C GLN A 34 -8.25 -1.11 -15.27
N GLY A 35 -7.20 -1.04 -14.51
CA GLY A 35 -6.10 -2.03 -14.65
C GLY A 35 -6.53 -3.34 -13.99
N LEU A 36 -7.17 -3.28 -12.87
CA LEU A 36 -7.63 -4.52 -12.18
C LEU A 36 -8.71 -5.18 -13.04
N ASN A 37 -9.59 -4.39 -13.60
CA ASN A 37 -10.69 -4.95 -14.44
C ASN A 37 -10.11 -5.64 -15.68
N GLU A 38 -9.10 -5.09 -16.28
CA GLU A 38 -8.53 -5.74 -17.49
C GLU A 38 -7.69 -6.97 -17.08
N GLY A 39 -7.43 -7.13 -15.81
CA GLY A 39 -6.65 -8.31 -15.36
C GLY A 39 -5.16 -8.11 -15.64
N LYS A 40 -4.72 -6.90 -15.79
CA LYS A 40 -3.27 -6.64 -16.05
C LYS A 40 -2.65 -6.25 -14.72
N VAL A 41 -3.49 -6.17 -13.72
CA VAL A 41 -3.05 -5.80 -12.36
C VAL A 41 -3.72 -6.76 -11.38
N ARG A 42 -3.17 -6.88 -10.21
CA ARG A 42 -3.76 -7.79 -9.17
C ARG A 42 -4.07 -6.96 -7.95
N GLY A 43 -3.66 -5.73 -7.95
CA GLY A 43 -3.90 -4.83 -6.78
C GLY A 43 -2.65 -4.01 -6.54
N VAL A 44 -2.52 -3.40 -5.38
CA VAL A 44 -1.30 -2.57 -5.08
C VAL A 44 -0.57 -3.17 -3.88
N SER A 45 0.71 -3.40 -3.99
CA SER A 45 1.46 -3.98 -2.83
C SER A 45 1.91 -2.84 -1.91
N VAL A 46 1.82 -3.04 -0.62
CA VAL A 46 2.25 -1.99 0.34
C VAL A 46 3.15 -2.61 1.40
N SER A 47 4.25 -1.98 1.69
CA SER A 47 5.20 -2.49 2.73
C SER A 47 5.41 -1.37 3.74
N GLY A 48 5.66 -1.71 4.97
CA GLY A 48 5.86 -0.65 6.00
C GLY A 48 6.93 -1.09 7.00
N VAL A 49 7.79 -0.17 7.36
CA VAL A 49 8.87 -0.48 8.35
C VAL A 49 8.74 0.47 9.52
N PHE A 50 8.68 -0.06 10.71
CA PHE A 50 8.55 0.79 11.92
C PHE A 50 9.93 0.89 12.57
N TYR A 51 10.45 2.09 12.69
CA TYR A 51 11.80 2.27 13.30
C TYR A 51 11.62 2.57 14.79
N TYR A 52 12.16 1.74 15.64
CA TYR A 52 12.01 1.97 17.12
C TYR A 52 13.31 2.56 17.70
N ASN A 53 13.20 3.68 18.37
CA ASN A 53 14.42 4.30 18.96
C ASN A 53 15.25 3.25 19.70
N ASP A 54 14.66 2.12 19.98
CA ASP A 54 15.40 1.05 20.70
C ASP A 54 16.46 0.45 19.76
N GLY A 55 16.59 1.00 18.59
CA GLY A 55 17.61 0.49 17.63
C GLY A 55 17.15 -0.81 16.97
N THR A 56 15.85 -1.04 16.94
CA THR A 56 15.32 -2.29 16.29
C THR A 56 14.34 -1.91 15.20
N THR A 57 14.22 -2.73 14.20
CA THR A 57 13.26 -2.42 13.09
C THR A 57 12.46 -3.66 12.71
N SER A 58 11.19 -3.49 12.45
CA SER A 58 10.33 -4.64 12.03
C SER A 58 9.82 -4.32 10.63
N ASN A 59 9.67 -5.31 9.80
CA ASN A 59 9.18 -5.07 8.41
C ASN A 59 8.01 -6.00 8.13
N PHE A 60 6.84 -5.44 7.86
CA PHE A 60 5.67 -6.29 7.53
C PHE A 60 5.24 -5.98 6.12
N LYS A 61 5.13 -6.98 5.31
CA LYS A 61 4.74 -6.80 3.90
C LYS A 61 3.39 -7.44 3.69
N GLY A 62 2.59 -6.86 2.87
CA GLY A 62 1.23 -7.42 2.61
C GLY A 62 0.70 -6.89 1.28
N VAL A 63 -0.37 -7.47 0.78
CA VAL A 63 -0.96 -7.02 -0.52
C VAL A 63 -2.36 -6.50 -0.28
N VAL A 64 -2.68 -5.32 -0.75
CA VAL A 64 -4.03 -4.77 -0.52
C VAL A 64 -4.95 -5.11 -1.69
N THR A 65 -5.99 -5.87 -1.41
CA THR A 65 -6.97 -6.25 -2.46
C THR A 65 -8.37 -6.05 -1.86
N PRO A 66 -9.38 -5.81 -2.67
CA PRO A 66 -10.76 -5.61 -2.16
C PRO A 66 -11.17 -6.62 -1.06
N SER A 67 -10.39 -7.64 -0.85
CA SER A 67 -10.75 -8.65 0.19
C SER A 67 -10.67 -8.04 1.60
N THR A 68 -9.54 -7.54 2.01
CA THR A 68 -9.45 -6.94 3.38
C THR A 68 -8.29 -5.92 3.44
N PRO A 69 -8.40 -4.90 4.28
CA PRO A 69 -7.32 -3.87 4.43
C PRO A 69 -6.20 -4.31 5.38
N VAL A 70 -5.05 -3.69 5.30
CA VAL A 70 -3.89 -4.04 6.17
C VAL A 70 -3.66 -2.89 7.16
N ASN A 71 -3.54 -3.18 8.45
CA ASN A 71 -3.35 -2.07 9.46
C ASN A 71 -1.88 -1.95 9.87
N THR A 72 -1.41 -0.75 10.11
CA THR A 72 0.01 -0.57 10.56
C THR A 72 0.05 -0.55 12.09
N ASN A 73 -1.08 -0.68 12.73
CA ASN A 73 -1.13 -0.67 14.23
C ASN A 73 -0.72 -2.05 14.77
N GLN A 74 0.33 -2.62 14.27
CA GLN A 74 0.75 -3.96 14.77
C GLN A 74 0.77 -3.98 16.29
N ASP A 75 1.83 -3.46 16.89
CA ASP A 75 1.93 -3.44 18.38
C ASP A 75 1.87 -2.00 18.89
N ILE A 76 0.70 -1.54 19.26
CA ILE A 76 0.57 -0.14 19.78
C ILE A 76 1.26 -0.01 21.13
N ASN A 77 1.13 -1.01 21.98
CA ASN A 77 1.79 -0.91 23.31
C ASN A 77 3.30 -0.76 23.07
N LYS A 78 3.83 -1.48 22.13
CA LYS A 78 5.29 -1.36 21.83
C LYS A 78 5.57 0.03 21.26
N THR A 79 4.72 0.48 20.38
CA THR A 79 4.94 1.81 19.74
C THR A 79 4.56 2.93 20.73
N ASN A 80 3.43 2.85 21.37
CA ASN A 80 3.06 3.94 22.32
C ASN A 80 4.11 4.03 23.44
N LYS A 81 4.69 2.93 23.78
CA LYS A 81 5.70 2.92 24.88
C LYS A 81 6.96 3.68 24.45
N VAL A 82 7.54 3.33 23.33
CA VAL A 82 8.79 4.02 22.89
C VAL A 82 8.54 4.92 21.67
N GLY A 83 7.49 4.66 20.93
CA GLY A 83 7.20 5.53 19.75
C GLY A 83 7.95 5.04 18.52
N VAL A 84 7.58 5.56 17.39
CA VAL A 84 8.25 5.20 16.11
C VAL A 84 9.03 6.43 15.63
N GLN A 85 10.29 6.27 15.29
CA GLN A 85 11.07 7.45 14.85
C GLN A 85 10.78 7.78 13.39
N LYS A 86 11.16 6.91 12.49
CA LYS A 86 10.91 7.18 11.03
C LYS A 86 9.91 6.18 10.48
N TYR A 87 9.01 6.63 9.66
CA TYR A 87 7.99 5.73 9.04
C TYR A 87 8.10 5.83 7.52
N ARG A 88 8.25 4.71 6.84
CA ARG A 88 8.35 4.74 5.33
C ARG A 88 7.45 3.67 4.73
N ALA A 89 6.72 4.05 3.71
CA ALA A 89 5.79 3.12 3.02
C ALA A 89 6.13 3.04 1.53
N LEU A 90 6.14 1.85 0.96
CA LEU A 90 6.45 1.69 -0.50
C LEU A 90 5.20 1.18 -1.21
N THR A 91 4.85 1.80 -2.30
CA THR A 91 3.64 1.38 -3.07
C THR A 91 4.01 1.12 -4.53
N GLU A 92 3.77 -0.08 -4.99
CA GLU A 92 4.09 -0.45 -6.40
C GLU A 92 2.91 -1.19 -7.04
N TRP A 93 2.81 -1.14 -8.34
CA TRP A 93 1.69 -1.84 -9.04
C TRP A 93 1.97 -3.34 -9.02
N VAL A 94 0.95 -4.13 -8.78
CA VAL A 94 1.12 -5.63 -8.73
C VAL A 94 0.43 -6.22 -9.96
N GLY A 95 1.18 -6.84 -10.83
CA GLY A 95 0.59 -7.44 -12.05
C GLY A 95 1.66 -8.23 -12.80
N SER A 96 2.81 -7.64 -13.00
CA SER A 96 3.89 -8.37 -13.72
C SER A 96 4.42 -9.49 -12.83
N ARG A 97 4.89 -10.56 -13.42
CA ARG A 97 5.43 -11.70 -12.61
C ARG A 97 6.95 -11.59 -12.54
N SER A 98 7.53 -11.66 -11.37
CA SER A 98 9.00 -11.56 -11.25
C SER A 98 9.43 -12.04 -9.86
N GLY A 1 -10.73 9.45 -23.10
CA GLY A 1 -10.29 8.18 -22.37
C GLY A 1 -8.84 7.89 -22.21
N GLY A 2 -8.49 6.92 -21.40
CA GLY A 2 -7.06 6.59 -21.20
C GLY A 2 -6.53 5.87 -22.44
N SER A 3 -5.77 6.55 -23.26
CA SER A 3 -5.22 5.92 -24.50
C SER A 3 -3.76 5.53 -24.27
N GLY A 4 -3.40 4.32 -24.58
CA GLY A 4 -1.99 3.89 -24.37
C GLY A 4 -1.76 3.66 -22.88
N TRP A 5 -2.81 3.47 -22.12
CA TRP A 5 -2.64 3.24 -20.67
C TRP A 5 -1.73 2.04 -20.45
N ASN A 6 -0.64 2.25 -19.78
CA ASN A 6 0.33 1.15 -19.51
C ASN A 6 0.62 1.13 -18.01
N ALA A 7 -0.23 1.72 -17.24
CA ALA A 7 -0.03 1.75 -15.77
C ALA A 7 1.30 2.45 -15.45
N ASP A 8 1.99 2.92 -16.45
CA ASP A 8 3.29 3.61 -16.22
C ASP A 8 3.04 5.09 -15.91
N ASN A 9 1.95 5.63 -16.39
CA ASN A 9 1.65 7.08 -16.15
C ASN A 9 0.81 7.24 -14.88
N VAL A 10 0.53 6.16 -14.21
CA VAL A 10 -0.31 6.22 -12.98
C VAL A 10 0.55 5.95 -11.75
N ASP A 11 0.48 6.79 -10.76
CA ASP A 11 1.28 6.57 -9.53
C ASP A 11 0.45 5.73 -8.55
N PRO A 12 0.98 4.62 -8.04
CA PRO A 12 0.21 3.74 -7.10
C PRO A 12 0.13 4.31 -5.68
N SER A 13 0.93 5.30 -5.38
CA SER A 13 0.90 5.90 -4.01
C SER A 13 -0.48 6.50 -3.71
N GLN A 14 -1.08 7.15 -4.68
CA GLN A 14 -2.43 7.77 -4.44
C GLN A 14 -3.53 6.73 -4.61
N CYS A 15 -3.22 5.59 -5.17
CA CYS A 15 -4.26 4.54 -5.37
C CYS A 15 -4.78 4.04 -4.02
N ILE A 16 -3.93 3.94 -3.03
CA ILE A 16 -4.37 3.46 -1.68
C ILE A 16 -4.16 4.58 -0.67
N LYS A 17 -5.07 4.73 0.25
CA LYS A 17 -4.95 5.81 1.29
C LYS A 17 -4.89 5.15 2.67
N GLN A 18 -4.14 5.73 3.58
CA GLN A 18 -4.04 5.14 4.94
C GLN A 18 -4.99 5.89 5.89
N SER A 19 -5.87 5.17 6.53
CA SER A 19 -6.82 5.79 7.50
C SER A 19 -6.42 5.37 8.90
N GLY A 20 -6.31 6.29 9.82
CA GLY A 20 -5.89 5.90 11.19
C GLY A 20 -4.67 4.97 11.11
N VAL A 21 -4.89 3.69 11.10
CA VAL A 21 -3.76 2.71 11.02
C VAL A 21 -4.14 1.56 10.10
N GLN A 22 -4.95 1.82 9.10
CA GLN A 22 -5.34 0.73 8.14
C GLN A 22 -5.16 1.21 6.69
N TYR A 23 -5.07 0.29 5.77
CA TYR A 23 -4.92 0.66 4.32
C TYR A 23 -6.17 0.20 3.58
N THR A 24 -6.67 0.97 2.66
CA THR A 24 -7.88 0.57 1.90
C THR A 24 -7.71 0.87 0.41
N TYR A 25 -8.31 0.07 -0.43
CA TYR A 25 -8.19 0.25 -1.90
C TYR A 25 -9.22 1.28 -2.37
N ASN A 26 -8.80 2.27 -3.13
CA ASN A 26 -9.75 3.31 -3.61
C ASN A 26 -10.34 2.90 -4.97
N SER A 27 -11.56 2.44 -5.00
CA SER A 27 -12.20 2.06 -6.29
C SER A 27 -12.95 3.27 -6.85
N GLY A 28 -13.03 4.33 -6.10
CA GLY A 28 -13.74 5.54 -6.58
C GLY A 28 -13.09 6.06 -7.87
N VAL A 29 -11.79 5.95 -7.95
CA VAL A 29 -11.09 6.44 -9.18
C VAL A 29 -11.25 5.40 -10.30
N SER A 30 -11.52 5.83 -11.50
CA SER A 30 -11.71 4.89 -12.63
C SER A 30 -10.38 4.20 -13.00
N VAL A 31 -9.28 4.86 -12.83
CA VAL A 31 -7.98 4.25 -13.23
C VAL A 31 -7.74 2.95 -12.44
N CYS A 32 -8.08 2.92 -11.17
CA CYS A 32 -7.83 1.67 -10.39
C CYS A 32 -8.61 0.50 -11.01
N MET A 33 -9.85 0.71 -11.31
CA MET A 33 -10.67 -0.39 -11.91
C MET A 33 -10.20 -0.69 -13.35
N GLN A 34 -9.78 0.30 -14.07
CA GLN A 34 -9.35 0.07 -15.49
C GLN A 34 -8.19 -0.94 -15.54
N GLY A 35 -7.25 -0.82 -14.64
CA GLY A 35 -6.11 -1.78 -14.66
C GLY A 35 -6.56 -3.11 -14.05
N LEU A 36 -7.17 -3.05 -12.92
CA LEU A 36 -7.65 -4.28 -12.24
C LEU A 36 -8.66 -4.99 -13.16
N ASN A 37 -9.55 -4.24 -13.75
CA ASN A 37 -10.56 -4.84 -14.68
C ASN A 37 -9.84 -5.51 -15.87
N GLU A 38 -8.80 -4.88 -16.37
CA GLU A 38 -8.08 -5.46 -17.53
C GLU A 38 -7.51 -6.84 -17.15
N GLY A 39 -7.16 -7.04 -15.91
CA GLY A 39 -6.63 -8.37 -15.49
C GLY A 39 -5.09 -8.39 -15.62
N LYS A 40 -4.49 -7.24 -15.76
CA LYS A 40 -3.00 -7.18 -15.85
C LYS A 40 -2.49 -6.75 -14.49
N VAL A 41 -3.41 -6.51 -13.60
CA VAL A 41 -3.08 -6.07 -12.23
C VAL A 41 -3.85 -6.95 -11.24
N ARG A 42 -3.39 -6.99 -10.03
CA ARG A 42 -4.07 -7.79 -8.97
C ARG A 42 -4.42 -6.85 -7.82
N GLY A 43 -3.92 -5.65 -7.88
CA GLY A 43 -4.19 -4.66 -6.79
C GLY A 43 -2.91 -3.87 -6.54
N VAL A 44 -2.77 -3.25 -5.40
CA VAL A 44 -1.54 -2.46 -5.08
C VAL A 44 -0.86 -3.05 -3.86
N SER A 45 0.42 -3.33 -3.96
CA SER A 45 1.15 -3.90 -2.80
C SER A 45 1.57 -2.77 -1.86
N VAL A 46 1.49 -2.99 -0.58
CA VAL A 46 1.87 -1.93 0.41
C VAL A 46 2.79 -2.53 1.47
N SER A 47 3.89 -1.89 1.73
CA SER A 47 4.85 -2.38 2.76
C SER A 47 5.06 -1.26 3.77
N GLY A 48 5.26 -1.61 5.01
CA GLY A 48 5.46 -0.55 6.06
C GLY A 48 6.53 -0.98 7.05
N VAL A 49 7.41 -0.07 7.41
CA VAL A 49 8.49 -0.41 8.38
C VAL A 49 8.37 0.54 9.58
N PHE A 50 8.36 0.00 10.77
CA PHE A 50 8.26 0.85 11.99
C PHE A 50 9.67 0.98 12.59
N TYR A 51 10.16 2.18 12.69
CA TYR A 51 11.53 2.39 13.26
C TYR A 51 11.40 2.75 14.74
N TYR A 52 12.09 2.02 15.59
CA TYR A 52 11.99 2.29 17.06
C TYR A 52 13.32 2.86 17.58
N ASN A 53 13.28 3.94 18.28
CA ASN A 53 14.53 4.54 18.84
C ASN A 53 15.38 3.43 19.47
N ASP A 54 14.77 2.31 19.74
CA ASP A 54 15.53 1.18 20.36
C ASP A 54 16.53 0.62 19.35
N GLY A 55 16.59 1.17 18.17
CA GLY A 55 17.57 0.69 17.16
C GLY A 55 17.05 -0.60 16.51
N THR A 56 15.76 -0.83 16.52
CA THR A 56 15.19 -2.06 15.89
C THR A 56 14.17 -1.68 14.82
N THR A 57 14.07 -2.49 13.79
CA THR A 57 13.08 -2.20 12.69
C THR A 57 12.28 -3.46 12.37
N SER A 58 10.99 -3.31 12.20
CA SER A 58 10.11 -4.46 11.85
C SER A 58 9.48 -4.15 10.50
N ASN A 59 9.30 -5.12 9.64
CA ASN A 59 8.70 -4.84 8.29
C ASN A 59 7.56 -5.82 8.00
N PHE A 60 6.37 -5.30 7.79
CA PHE A 60 5.20 -6.17 7.47
C PHE A 60 4.75 -5.85 6.05
N LYS A 61 4.77 -6.83 5.16
CA LYS A 61 4.36 -6.60 3.76
C LYS A 61 3.07 -7.37 3.49
N GLY A 62 2.29 -6.90 2.58
CA GLY A 62 1.00 -7.58 2.26
C GLY A 62 0.43 -7.00 0.96
N VAL A 63 -0.65 -7.56 0.47
CA VAL A 63 -1.28 -7.06 -0.79
C VAL A 63 -2.67 -6.50 -0.51
N VAL A 64 -2.92 -5.28 -0.91
CA VAL A 64 -4.24 -4.66 -0.66
C VAL A 64 -5.18 -4.93 -1.85
N THR A 65 -6.26 -5.62 -1.60
CA THR A 65 -7.26 -5.93 -2.68
C THR A 65 -8.62 -5.35 -2.24
N PRO A 66 -9.46 -4.95 -3.16
CA PRO A 66 -10.79 -4.38 -2.82
C PRO A 66 -11.46 -5.05 -1.61
N SER A 67 -11.07 -6.26 -1.28
CA SER A 67 -11.71 -6.98 -0.12
C SER A 67 -10.67 -7.37 0.95
N THR A 68 -9.42 -7.01 0.79
CA THR A 68 -8.39 -7.39 1.83
C THR A 68 -7.56 -6.16 2.26
N PRO A 69 -7.78 -5.63 3.46
CA PRO A 69 -7.01 -4.47 3.97
C PRO A 69 -5.76 -4.89 4.75
N VAL A 70 -4.85 -3.97 5.00
CA VAL A 70 -3.60 -4.30 5.75
C VAL A 70 -3.54 -3.43 7.01
N ASN A 71 -3.30 -4.04 8.16
CA ASN A 71 -3.26 -3.25 9.44
C ASN A 71 -1.82 -2.96 9.86
N THR A 72 -1.46 -1.71 10.02
CA THR A 72 -0.08 -1.36 10.48
C THR A 72 -0.09 -1.25 12.00
N ASN A 73 -1.22 -1.49 12.61
CA ASN A 73 -1.33 -1.40 14.09
C ASN A 73 -0.67 -2.62 14.72
N GLN A 74 0.57 -2.84 14.43
CA GLN A 74 1.27 -4.01 15.01
C GLN A 74 1.16 -3.96 16.54
N ASP A 75 2.19 -3.54 17.24
CA ASP A 75 2.13 -3.47 18.73
C ASP A 75 2.08 -2.00 19.16
N ILE A 76 0.91 -1.50 19.48
CA ILE A 76 0.81 -0.07 19.91
C ILE A 76 1.46 0.09 21.28
N ASN A 77 1.28 -0.85 22.16
CA ASN A 77 1.90 -0.70 23.50
C ASN A 77 3.41 -0.56 23.30
N LYS A 78 3.96 -1.32 22.40
CA LYS A 78 5.42 -1.21 22.13
C LYS A 78 5.72 0.22 21.66
N THR A 79 4.97 0.69 20.70
CA THR A 79 5.20 2.06 20.16
C THR A 79 4.96 3.11 21.26
N ASN A 80 3.95 2.94 22.06
CA ASN A 80 3.67 3.94 23.13
C ASN A 80 4.86 4.03 24.10
N LYS A 81 5.52 2.95 24.38
CA LYS A 81 6.67 3.01 25.35
C LYS A 81 7.87 3.76 24.75
N VAL A 82 8.22 3.49 23.51
CA VAL A 82 9.41 4.16 22.90
C VAL A 82 8.99 5.16 21.81
N GLY A 83 7.86 4.95 21.20
CA GLY A 83 7.39 5.90 20.14
C GLY A 83 8.11 5.58 18.83
N VAL A 84 7.52 6.00 17.74
CA VAL A 84 8.13 5.76 16.39
C VAL A 84 8.64 7.10 15.85
N GLN A 85 9.86 7.14 15.38
CA GLN A 85 10.42 8.43 14.85
C GLN A 85 10.31 8.48 13.32
N LYS A 86 10.61 7.40 12.64
CA LYS A 86 10.56 7.40 11.13
C LYS A 86 9.49 6.42 10.64
N TYR A 87 8.62 6.89 9.80
CA TYR A 87 7.55 6.03 9.21
C TYR A 87 7.67 6.07 7.68
N ARG A 88 7.81 4.93 7.04
CA ARG A 88 7.96 4.93 5.54
C ARG A 88 7.01 3.89 4.91
N ALA A 89 6.31 4.28 3.87
CA ALA A 89 5.37 3.35 3.17
C ALA A 89 5.73 3.27 1.67
N LEU A 90 5.76 2.08 1.10
CA LEU A 90 6.11 1.91 -0.35
C LEU A 90 4.91 1.32 -1.10
N THR A 91 4.63 1.83 -2.27
CA THR A 91 3.47 1.31 -3.08
C THR A 91 3.89 0.99 -4.52
N GLU A 92 3.67 -0.23 -4.94
CA GLU A 92 4.02 -0.66 -6.34
C GLU A 92 2.85 -1.45 -6.95
N TRP A 93 2.77 -1.51 -8.26
CA TRP A 93 1.65 -2.26 -8.90
C TRP A 93 1.83 -3.77 -8.66
N VAL A 94 0.74 -4.50 -8.59
CA VAL A 94 0.82 -5.97 -8.36
C VAL A 94 0.11 -6.71 -9.50
N GLY A 95 0.77 -7.65 -10.13
CA GLY A 95 0.13 -8.44 -11.23
C GLY A 95 1.02 -8.41 -12.49
N SER A 96 1.96 -7.51 -12.55
CA SER A 96 2.86 -7.46 -13.74
C SER A 96 3.93 -8.54 -13.59
N ARG A 97 4.12 -9.37 -14.59
CA ARG A 97 5.14 -10.45 -14.48
C ARG A 97 6.42 -10.00 -15.21
N SER A 98 7.51 -9.90 -14.51
CA SER A 98 8.79 -9.47 -15.15
C SER A 98 9.68 -10.69 -15.40
N GLY A 1 0.02 8.90 -29.49
CA GLY A 1 0.92 8.94 -28.27
C GLY A 1 1.03 7.74 -27.40
N GLY A 2 0.08 6.85 -27.49
CA GLY A 2 0.14 5.62 -26.64
C GLY A 2 -0.99 4.67 -27.06
N SER A 3 -0.98 3.47 -26.56
CA SER A 3 -2.04 2.48 -26.95
C SER A 3 -3.25 2.63 -26.01
N GLY A 4 -3.12 3.38 -24.95
CA GLY A 4 -4.28 3.54 -24.02
C GLY A 4 -3.78 3.80 -22.59
N TRP A 5 -4.58 3.51 -21.60
CA TRP A 5 -4.15 3.72 -20.20
C TRP A 5 -2.91 2.90 -19.92
N ASN A 6 -1.99 3.50 -19.20
CA ASN A 6 -0.76 2.78 -18.82
C ASN A 6 -0.49 3.01 -17.34
N ALA A 7 -0.29 1.97 -16.60
CA ALA A 7 -0.03 2.12 -15.13
C ALA A 7 1.32 2.82 -14.93
N ASP A 8 1.91 3.28 -16.00
CA ASP A 8 3.25 3.94 -15.90
C ASP A 8 3.10 5.46 -15.86
N ASN A 9 1.89 5.96 -15.82
CA ASN A 9 1.68 7.44 -15.77
C ASN A 9 0.92 7.79 -14.51
N VAL A 10 0.70 6.81 -13.66
CA VAL A 10 -0.05 7.03 -12.40
C VAL A 10 0.70 6.35 -11.25
N ASP A 11 0.77 6.98 -10.11
CA ASP A 11 1.49 6.38 -8.96
C ASP A 11 0.53 5.44 -8.22
N PRO A 12 1.05 4.38 -7.62
CA PRO A 12 0.20 3.41 -6.86
C PRO A 12 -0.22 3.97 -5.49
N SER A 13 0.50 4.95 -5.00
CA SER A 13 0.14 5.55 -3.68
C SER A 13 -1.25 6.16 -3.75
N GLN A 14 -1.60 6.76 -4.85
CA GLN A 14 -2.95 7.38 -4.97
C GLN A 14 -4.02 6.27 -5.04
N CYS A 15 -3.64 5.11 -5.49
CA CYS A 15 -4.62 4.00 -5.59
C CYS A 15 -5.05 3.54 -4.19
N ILE A 16 -4.15 3.65 -3.23
CA ILE A 16 -4.48 3.23 -1.84
C ILE A 16 -4.25 4.41 -0.89
N LYS A 17 -5.15 4.62 0.03
CA LYS A 17 -5.02 5.75 1.00
C LYS A 17 -5.00 5.20 2.42
N GLN A 18 -4.33 5.87 3.34
CA GLN A 18 -4.29 5.35 4.74
C GLN A 18 -5.43 5.98 5.55
N SER A 19 -6.31 5.15 6.07
CA SER A 19 -7.46 5.66 6.89
C SER A 19 -7.43 4.99 8.26
N GLY A 20 -7.55 5.73 9.32
CA GLY A 20 -7.56 5.11 10.68
C GLY A 20 -6.41 4.10 10.81
N VAL A 21 -5.22 4.47 10.42
CA VAL A 21 -4.06 3.54 10.52
C VAL A 21 -4.36 2.23 9.76
N GLN A 22 -5.14 2.31 8.73
CA GLN A 22 -5.46 1.10 7.90
C GLN A 22 -5.25 1.44 6.43
N TYR A 23 -5.18 0.45 5.58
CA TYR A 23 -4.99 0.70 4.11
C TYR A 23 -6.18 0.10 3.36
N THR A 24 -6.69 0.82 2.39
CA THR A 24 -7.86 0.30 1.60
C THR A 24 -7.67 0.66 0.12
N TYR A 25 -8.22 -0.14 -0.75
CA TYR A 25 -8.10 0.13 -2.21
C TYR A 25 -9.11 1.20 -2.62
N ASN A 26 -8.66 2.25 -3.26
CA ASN A 26 -9.59 3.32 -3.70
C ASN A 26 -10.25 2.94 -5.02
N SER A 27 -11.29 2.17 -4.98
CA SER A 27 -11.97 1.77 -6.24
C SER A 27 -12.81 2.95 -6.75
N GLY A 28 -12.94 3.98 -5.95
CA GLY A 28 -13.75 5.16 -6.38
C GLY A 28 -13.22 5.68 -7.71
N VAL A 29 -11.93 5.69 -7.88
CA VAL A 29 -11.36 6.16 -9.18
C VAL A 29 -11.42 5.01 -10.19
N SER A 30 -11.96 5.24 -11.34
CA SER A 30 -12.07 4.17 -12.35
C SER A 30 -10.68 3.75 -12.84
N VAL A 31 -9.72 4.63 -12.77
CA VAL A 31 -8.36 4.28 -13.27
C VAL A 31 -7.82 3.06 -12.50
N CYS A 32 -7.88 3.08 -11.20
CA CYS A 32 -7.36 1.91 -10.42
C CYS A 32 -8.16 0.67 -10.80
N MET A 33 -9.46 0.81 -10.95
CA MET A 33 -10.28 -0.37 -11.31
C MET A 33 -10.15 -0.61 -12.82
N GLN A 34 -9.63 0.35 -13.55
CA GLN A 34 -9.45 0.16 -15.01
C GLN A 34 -8.47 -0.99 -15.24
N GLY A 35 -7.44 -1.05 -14.44
CA GLY A 35 -6.44 -2.14 -14.60
C GLY A 35 -7.03 -3.46 -14.11
N LEU A 36 -7.67 -3.44 -12.97
CA LEU A 36 -8.29 -4.70 -12.45
C LEU A 36 -9.34 -5.19 -13.45
N ASN A 37 -10.13 -4.29 -13.96
CA ASN A 37 -11.18 -4.66 -14.94
C ASN A 37 -10.52 -5.30 -16.17
N GLU A 38 -9.41 -4.77 -16.58
CA GLU A 38 -8.71 -5.32 -17.76
C GLU A 38 -7.92 -6.56 -17.36
N GLY A 39 -7.80 -6.81 -16.08
CA GLY A 39 -7.04 -8.00 -15.63
C GLY A 39 -5.55 -7.79 -15.88
N LYS A 40 -5.09 -6.56 -15.81
CA LYS A 40 -3.65 -6.26 -16.05
C LYS A 40 -3.01 -5.95 -14.71
N VAL A 41 -3.82 -5.88 -13.69
CA VAL A 41 -3.34 -5.58 -12.33
C VAL A 41 -3.97 -6.58 -11.36
N ARG A 42 -3.34 -6.78 -10.24
CA ARG A 42 -3.88 -7.72 -9.21
C ARG A 42 -4.09 -6.93 -7.93
N GLY A 43 -3.65 -5.70 -7.93
CA GLY A 43 -3.82 -4.84 -6.72
C GLY A 43 -2.53 -4.05 -6.50
N VAL A 44 -2.37 -3.46 -5.33
CA VAL A 44 -1.14 -2.65 -5.05
C VAL A 44 -0.41 -3.26 -3.85
N SER A 45 0.84 -3.57 -3.99
CA SER A 45 1.61 -4.15 -2.85
C SER A 45 2.04 -3.01 -1.93
N VAL A 46 1.84 -3.18 -0.64
CA VAL A 46 2.24 -2.11 0.33
C VAL A 46 3.09 -2.74 1.44
N SER A 47 4.19 -2.11 1.74
CA SER A 47 5.09 -2.63 2.82
C SER A 47 5.26 -1.50 3.84
N GLY A 48 5.44 -1.83 5.09
CA GLY A 48 5.59 -0.74 6.12
C GLY A 48 6.62 -1.15 7.18
N VAL A 49 7.42 -0.21 7.62
CA VAL A 49 8.44 -0.51 8.68
C VAL A 49 8.26 0.46 9.85
N PHE A 50 8.21 -0.07 11.04
CA PHE A 50 8.06 0.79 12.25
C PHE A 50 9.42 0.88 12.96
N TYR A 51 10.01 2.05 12.99
CA TYR A 51 11.34 2.20 13.66
C TYR A 51 11.13 2.45 15.15
N TYR A 52 11.84 1.74 15.99
CA TYR A 52 11.68 1.92 17.47
C TYR A 52 12.99 2.43 18.07
N ASN A 53 12.94 3.43 18.92
CA ASN A 53 14.19 3.93 19.54
C ASN A 53 14.86 2.75 20.26
N ASP A 54 14.14 1.67 20.39
CA ASP A 54 14.70 0.48 21.08
C ASP A 54 15.84 -0.07 20.22
N GLY A 55 16.11 0.56 19.11
CA GLY A 55 17.22 0.09 18.23
C GLY A 55 16.75 -1.10 17.39
N THR A 56 15.46 -1.28 17.22
CA THR A 56 14.96 -2.43 16.41
C THR A 56 13.93 -1.97 15.38
N THR A 57 13.84 -2.69 14.28
CA THR A 57 12.86 -2.32 13.21
C THR A 57 12.06 -3.56 12.82
N SER A 58 10.77 -3.38 12.64
CA SER A 58 9.89 -4.52 12.24
C SER A 58 9.33 -4.21 10.86
N ASN A 59 9.07 -5.20 10.04
CA ASN A 59 8.52 -4.94 8.69
C ASN A 59 7.42 -5.93 8.37
N PHE A 60 6.28 -5.43 8.00
CA PHE A 60 5.14 -6.31 7.63
C PHE A 60 4.82 -6.07 6.16
N LYS A 61 4.74 -7.11 5.39
CA LYS A 61 4.44 -6.98 3.94
C LYS A 61 3.08 -7.60 3.69
N GLY A 62 2.35 -7.04 2.78
CA GLY A 62 1.00 -7.59 2.46
C GLY A 62 0.48 -6.95 1.17
N VAL A 63 -0.53 -7.54 0.58
CA VAL A 63 -1.11 -6.99 -0.69
C VAL A 63 -2.48 -6.40 -0.41
N VAL A 64 -2.72 -5.18 -0.80
CA VAL A 64 -4.04 -4.54 -0.54
C VAL A 64 -4.98 -4.78 -1.71
N THR A 65 -6.07 -5.44 -1.47
CA THR A 65 -7.08 -5.70 -2.53
C THR A 65 -8.45 -5.33 -1.95
N PRO A 66 -9.39 -4.89 -2.74
CA PRO A 66 -10.73 -4.51 -2.23
C PRO A 66 -11.35 -5.63 -1.37
N SER A 67 -10.73 -6.78 -1.37
CA SER A 67 -11.26 -7.94 -0.58
C SER A 67 -10.42 -8.15 0.68
N THR A 68 -9.16 -7.74 0.66
CA THR A 68 -8.29 -7.94 1.88
C THR A 68 -7.47 -6.65 2.17
N PRO A 69 -7.81 -5.92 3.22
CA PRO A 69 -7.05 -4.68 3.58
C PRO A 69 -5.85 -5.01 4.49
N VAL A 70 -4.92 -4.09 4.64
CA VAL A 70 -3.72 -4.33 5.50
C VAL A 70 -3.70 -3.30 6.64
N ASN A 71 -3.55 -3.76 7.87
CA ASN A 71 -3.55 -2.81 9.03
C ASN A 71 -2.13 -2.58 9.54
N THR A 72 -1.78 -1.36 9.85
CA THR A 72 -0.40 -1.07 10.39
C THR A 72 -0.49 -1.10 11.91
N ASN A 73 -1.66 -1.32 12.44
CA ASN A 73 -1.83 -1.35 13.92
C ASN A 73 -1.16 -2.60 14.47
N GLN A 74 0.08 -2.82 14.12
CA GLN A 74 0.79 -4.02 14.65
C GLN A 74 0.86 -3.88 16.18
N ASP A 75 2.03 -3.62 16.72
CA ASP A 75 2.15 -3.44 18.20
C ASP A 75 2.35 -1.96 18.50
N ILE A 76 1.31 -1.25 18.82
CA ILE A 76 1.45 0.21 19.10
C ILE A 76 1.84 0.43 20.56
N ASN A 77 1.70 -0.57 21.39
CA ASN A 77 2.06 -0.39 22.82
C ASN A 77 3.53 -0.01 22.95
N LYS A 78 4.40 -0.68 22.22
CA LYS A 78 5.86 -0.35 22.31
C LYS A 78 6.09 1.03 21.68
N THR A 79 5.34 1.38 20.67
CA THR A 79 5.54 2.72 20.05
C THR A 79 5.19 3.78 21.11
N ASN A 80 4.12 3.60 21.82
CA ASN A 80 3.77 4.59 22.87
C ASN A 80 4.90 4.65 23.90
N LYS A 81 5.53 3.54 24.16
CA LYS A 81 6.62 3.51 25.17
C LYS A 81 7.80 4.39 24.72
N VAL A 82 8.29 4.19 23.51
CA VAL A 82 9.48 4.97 23.04
C VAL A 82 9.14 5.86 21.84
N GLY A 83 8.08 5.57 21.13
CA GLY A 83 7.70 6.40 19.96
C GLY A 83 8.38 5.89 18.70
N VAL A 84 7.94 6.37 17.57
CA VAL A 84 8.55 5.95 16.27
C VAL A 84 9.36 7.13 15.71
N GLN A 85 10.60 6.93 15.39
CA GLN A 85 11.40 8.06 14.85
C GLN A 85 11.10 8.27 13.37
N LYS A 86 11.43 7.31 12.54
CA LYS A 86 11.18 7.45 11.07
C LYS A 86 10.15 6.43 10.60
N TYR A 87 9.27 6.84 9.72
CA TYR A 87 8.21 5.93 9.16
C TYR A 87 8.40 5.84 7.65
N ARG A 88 8.30 4.66 7.08
CA ARG A 88 8.49 4.51 5.59
C ARG A 88 7.44 3.57 4.99
N ALA A 89 6.77 4.01 3.95
CA ALA A 89 5.74 3.15 3.27
C ALA A 89 6.09 3.05 1.78
N LEU A 90 6.06 1.87 1.21
CA LEU A 90 6.39 1.69 -0.25
C LEU A 90 5.20 1.10 -1.00
N THR A 91 4.89 1.63 -2.15
CA THR A 91 3.72 1.12 -2.96
C THR A 91 4.14 0.84 -4.42
N GLU A 92 3.86 -0.35 -4.88
CA GLU A 92 4.22 -0.74 -6.29
C GLU A 92 3.02 -1.40 -6.99
N TRP A 93 2.85 -1.20 -8.27
CA TRP A 93 1.70 -1.85 -8.99
C TRP A 93 1.97 -3.36 -9.08
N VAL A 94 0.95 -4.16 -8.89
CA VAL A 94 1.11 -5.65 -8.96
C VAL A 94 0.38 -6.19 -10.18
N GLY A 95 1.10 -6.78 -11.09
CA GLY A 95 0.47 -7.35 -12.32
C GLY A 95 1.54 -7.59 -13.40
N SER A 96 2.14 -8.76 -13.42
CA SER A 96 3.17 -9.05 -14.46
C SER A 96 2.48 -9.30 -15.80
N ARG A 97 2.93 -8.65 -16.84
CA ARG A 97 2.30 -8.84 -18.18
C ARG A 97 2.86 -10.09 -18.84
N SER A 98 2.04 -10.81 -19.58
CA SER A 98 2.51 -12.04 -20.27
C SER A 98 1.72 -12.23 -21.57
#